data_2OCP
#
_entry.id   2OCP
#
_cell.length_a   68.180
_cell.length_b   120.030
_cell.length_c   154.350
_cell.angle_alpha   90.00
_cell.angle_beta   90.68
_cell.angle_gamma   90.00
#
_symmetry.space_group_name_H-M   'P 1 21 1'
#
loop_
_entity.id
_entity.type
_entity.pdbx_description
1 polymer 'Deoxyguanosine kinase'
2 non-polymer "2'-DEOXYADENOSINE 5'-TRIPHOSPHATE"
3 water water
#
_entity_poly.entity_id   1
_entity_poly.type   'polypeptide(L)'
_entity_poly.pdbx_seq_one_letter_code
;GPRRLSIEGNIAVGKSTFVKLLTKTYPEWHVATEPVATWQNIQAAGNQKACTAQSLGNLLDMMYREPARWSYTFQTFSFL
SRLKVQLEPFPEKLLQARKPVQIFERSVYSDRYIFAKNLFENGSLSDIEWHIYQDWHSFLLWEFASRITLHGFIYLQASP
QVCLKRLYQRAREEEKGIELAYLEQLHGQHEAWLIHKTTKLHFEALMNIPVLVLDVNDDFSEEVTKQEDLMREVNTFVKN
L
;
_entity_poly.pdbx_strand_id   A,B,C,D,E,F,G,H
#
# COMPACT_ATOMS: atom_id res chain seq x y z
N GLY A 1 58.76 -14.64 21.14
CA GLY A 1 59.22 -14.73 19.76
C GLY A 1 60.69 -15.12 19.67
N PRO A 2 61.02 -16.10 18.81
CA PRO A 2 62.41 -16.55 18.65
C PRO A 2 63.33 -15.38 18.34
N ARG A 3 64.59 -15.50 18.74
CA ARG A 3 65.56 -14.48 18.42
C ARG A 3 66.13 -14.87 17.07
N ARG A 4 66.07 -13.98 16.10
CA ARG A 4 66.58 -14.29 14.77
C ARG A 4 67.96 -13.65 14.59
N LEU A 5 68.92 -14.43 14.10
CA LEU A 5 70.26 -13.92 13.86
C LEU A 5 70.84 -14.52 12.61
N SER A 6 71.69 -13.76 11.92
CA SER A 6 72.33 -14.28 10.72
C SER A 6 73.85 -14.18 10.84
N ILE A 7 74.52 -15.21 10.34
CA ILE A 7 75.98 -15.29 10.37
C ILE A 7 76.47 -14.61 9.11
N GLU A 8 77.34 -13.61 9.27
CA GLU A 8 77.88 -12.91 8.10
C GLU A 8 79.39 -13.06 8.11
N GLY A 9 80.00 -13.06 6.93
CA GLY A 9 81.43 -13.22 6.86
C GLY A 9 81.92 -13.36 5.43
N ASN A 10 83.24 -13.42 5.24
CA ASN A 10 83.79 -13.54 3.91
C ASN A 10 83.77 -14.98 3.41
N ILE A 11 84.07 -15.15 2.15
CA ILE A 11 84.10 -16.48 1.57
C ILE A 11 85.14 -17.30 2.32
N ALA A 12 84.81 -18.55 2.61
CA ALA A 12 85.71 -19.47 3.29
C ALA A 12 86.18 -19.10 4.71
N VAL A 13 85.73 -17.97 5.26
CA VAL A 13 86.18 -17.58 6.60
C VAL A 13 85.96 -18.73 7.57
N GLY A 14 85.02 -19.62 7.23
CA GLY A 14 84.74 -20.77 8.07
C GLY A 14 83.32 -20.81 8.62
N LYS A 15 82.37 -20.30 7.86
CA LYS A 15 80.97 -20.28 8.31
C LYS A 15 80.43 -21.67 8.62
N SER A 16 80.49 -22.57 7.64
CA SER A 16 79.99 -23.93 7.83
C SER A 16 80.60 -24.62 9.03
N THR A 17 81.85 -24.31 9.32
CA THR A 17 82.50 -24.90 10.47
C THR A 17 81.87 -24.32 11.73
N PHE A 18 81.78 -23.00 11.78
CA PHE A 18 81.19 -22.31 12.91
C PHE A 18 79.77 -22.76 13.18
N VAL A 19 79.06 -23.17 12.13
CA VAL A 19 77.69 -23.63 12.28
C VAL A 19 77.66 -25.03 12.90
N LYS A 20 78.52 -25.91 12.43
CA LYS A 20 78.57 -27.26 12.97
C LYS A 20 78.79 -27.14 14.48
N LEU A 21 79.66 -26.21 14.86
CA LEU A 21 79.97 -25.95 16.26
C LEU A 21 78.70 -25.48 16.98
N LEU A 22 77.93 -24.58 16.36
CA LEU A 22 76.70 -24.08 16.98
C LEU A 22 75.72 -25.23 17.18
N THR A 23 75.44 -25.96 16.10
CA THR A 23 74.53 -27.09 16.13
C THR A 23 74.83 -28.01 17.32
N LYS A 24 76.10 -28.34 17.48
CA LYS A 24 76.56 -29.21 18.56
C LYS A 24 76.34 -28.61 19.95
N THR A 25 76.64 -27.33 20.11
CA THR A 25 76.51 -26.68 21.40
C THR A 25 75.09 -26.28 21.81
N TYR A 26 74.26 -25.84 20.86
CA TYR A 26 72.91 -25.44 21.18
C TYR A 26 71.89 -26.11 20.27
N PRO A 27 71.59 -27.38 20.55
CA PRO A 27 70.63 -28.15 19.74
C PRO A 27 69.20 -27.61 19.63
N GLU A 28 68.70 -26.89 20.64
CA GLU A 28 67.35 -26.34 20.57
C GLU A 28 67.35 -25.34 19.42
N TRP A 29 68.47 -24.65 19.29
CA TRP A 29 68.64 -23.66 18.24
C TRP A 29 68.32 -24.24 16.87
N HIS A 30 67.68 -23.43 16.03
CA HIS A 30 67.32 -23.83 14.68
C HIS A 30 68.18 -23.09 13.67
N VAL A 31 68.90 -23.83 12.84
CA VAL A 31 69.74 -23.21 11.84
C VAL A 31 69.20 -23.42 10.44
N ALA A 32 68.74 -22.34 9.81
CA ALA A 32 68.21 -22.37 8.46
C ALA A 32 69.37 -22.44 7.47
N THR A 33 69.46 -23.59 6.81
CA THR A 33 70.52 -23.87 5.83
C THR A 33 70.72 -22.88 4.66
N GLU A 34 71.96 -22.72 4.20
CA GLU A 34 72.28 -21.84 3.08
C GLU A 34 72.50 -22.62 1.77
N PRO A 35 71.58 -22.45 0.79
CA PRO A 35 71.43 -23.01 -0.57
C PRO A 35 72.61 -23.28 -1.52
N VAL A 36 73.84 -23.37 -1.02
CA VAL A 36 75.00 -23.60 -1.89
C VAL A 36 74.94 -24.80 -2.82
N ALA A 37 74.30 -25.89 -2.38
CA ALA A 37 74.20 -27.09 -3.21
C ALA A 37 73.09 -26.94 -4.25
N THR A 38 72.23 -25.95 -4.02
CA THR A 38 71.12 -25.67 -4.92
C THR A 38 71.53 -24.64 -5.99
N TRP A 39 72.77 -24.14 -5.88
CA TRP A 39 73.32 -23.16 -6.84
C TRP A 39 74.29 -23.81 -7.84
N GLN A 40 74.93 -24.89 -7.41
CA GLN A 40 75.87 -25.63 -8.23
C GLN A 40 75.10 -26.55 -9.17
N ASN A 41 73.87 -26.86 -8.79
CA ASN A 41 72.97 -27.71 -9.56
C ASN A 41 71.59 -27.06 -9.41
N ILE A 42 71.13 -26.40 -10.47
CA ILE A 42 69.83 -25.71 -10.40
C ILE A 42 68.60 -26.63 -10.47
N GLN A 43 68.71 -27.77 -11.15
CA GLN A 43 67.58 -28.70 -11.25
C GLN A 43 66.40 -28.09 -12.00
N LEU A 56 69.01 -28.18 -14.23
CA LEU A 56 70.36 -28.58 -14.56
C LEU A 56 71.19 -27.39 -15.05
N GLY A 57 72.36 -27.23 -14.43
CA GLY A 57 73.27 -26.14 -14.76
C GLY A 57 73.84 -25.56 -13.46
N ASN A 58 75.11 -25.17 -13.49
CA ASN A 58 75.74 -24.60 -12.29
C ASN A 58 75.75 -23.08 -12.38
N LEU A 59 74.80 -22.44 -11.70
CA LEU A 59 74.71 -20.98 -11.73
C LEU A 59 75.95 -20.40 -11.05
N LEU A 60 76.33 -21.00 -9.94
CA LEU A 60 77.50 -20.54 -9.20
C LEU A 60 78.73 -20.48 -10.11
N ASP A 61 78.97 -21.55 -10.85
CA ASP A 61 80.11 -21.58 -11.74
C ASP A 61 79.98 -20.46 -12.77
N MET A 62 78.81 -20.41 -13.39
CA MET A 62 78.55 -19.40 -14.41
C MET A 62 78.83 -17.99 -13.91
N MET A 63 78.36 -17.67 -12.70
CA MET A 63 78.58 -16.33 -12.18
C MET A 63 80.06 -16.05 -12.07
N TYR A 64 80.85 -17.07 -11.70
CA TYR A 64 82.28 -16.89 -11.55
C TYR A 64 83.03 -16.83 -12.85
N ARG A 65 82.63 -17.64 -13.82
CA ARG A 65 83.31 -17.65 -15.11
C ARG A 65 82.98 -16.43 -15.98
N GLU A 66 81.73 -15.99 -15.94
CA GLU A 66 81.32 -14.82 -16.74
C GLU A 66 80.51 -13.88 -15.85
N PRO A 67 81.17 -13.26 -14.88
CA PRO A 67 80.53 -12.33 -13.95
C PRO A 67 79.73 -11.22 -14.61
N ALA A 68 80.24 -10.66 -15.70
CA ALA A 68 79.51 -9.60 -16.36
C ALA A 68 78.24 -10.13 -17.03
N ARG A 69 78.15 -11.44 -17.19
CA ARG A 69 76.99 -12.03 -17.82
C ARG A 69 76.00 -12.69 -16.89
N TRP A 70 76.47 -13.27 -15.80
CA TRP A 70 75.55 -13.94 -14.90
C TRP A 70 75.41 -13.41 -13.48
N SER A 71 76.13 -12.35 -13.14
CA SER A 71 76.04 -11.79 -11.80
C SER A 71 74.62 -11.39 -11.45
N TYR A 72 73.99 -10.59 -12.29
CA TYR A 72 72.63 -10.18 -12.00
C TYR A 72 71.74 -11.40 -11.83
N THR A 73 71.72 -12.28 -12.82
CA THR A 73 70.87 -13.47 -12.70
C THR A 73 71.13 -14.20 -11.39
N PHE A 74 72.39 -14.38 -11.03
CA PHE A 74 72.73 -15.07 -9.80
C PHE A 74 72.11 -14.37 -8.60
N GLN A 75 72.33 -13.07 -8.51
CA GLN A 75 71.81 -12.28 -7.40
C GLN A 75 70.32 -12.43 -7.24
N THR A 76 69.59 -12.48 -8.35
CA THR A 76 68.14 -12.61 -8.28
C THR A 76 67.76 -13.99 -7.74
N PHE A 77 68.59 -14.99 -8.01
CA PHE A 77 68.28 -16.32 -7.51
C PHE A 77 68.63 -16.47 -6.04
N SER A 78 69.71 -15.85 -5.63
CA SER A 78 70.13 -15.94 -4.24
C SER A 78 69.25 -15.07 -3.35
N PHE A 79 68.85 -13.90 -3.86
CA PHE A 79 68.01 -13.02 -3.08
C PHE A 79 66.67 -13.68 -2.82
N LEU A 80 66.08 -14.25 -3.85
CA LEU A 80 64.80 -14.94 -3.71
C LEU A 80 64.93 -16.05 -2.67
N SER A 81 65.98 -16.82 -2.79
CA SER A 81 66.21 -17.92 -1.88
C SER A 81 66.32 -17.41 -0.43
N ARG A 82 67.18 -16.43 -0.19
CA ARG A 82 67.32 -15.90 1.16
C ARG A 82 66.03 -15.32 1.69
N LEU A 83 65.24 -14.71 0.82
CA LEU A 83 63.97 -14.11 1.24
C LEU A 83 62.98 -15.21 1.60
N LYS A 84 62.93 -16.26 0.79
CA LYS A 84 62.03 -17.38 1.06
C LYS A 84 62.24 -17.94 2.45
N VAL A 85 63.48 -18.33 2.74
CA VAL A 85 63.80 -18.91 4.04
C VAL A 85 63.50 -17.97 5.20
N GLN A 86 63.67 -16.67 5.02
CA GLN A 86 63.40 -15.74 6.12
C GLN A 86 61.89 -15.54 6.31
N LEU A 87 61.09 -15.93 5.33
CA LEU A 87 59.64 -15.79 5.44
C LEU A 87 58.98 -17.06 5.95
N GLU A 88 59.68 -18.19 5.84
CA GLU A 88 59.14 -19.46 6.31
C GLU A 88 58.76 -19.38 7.77
N PRO A 89 57.81 -20.23 8.21
CA PRO A 89 57.36 -20.22 9.60
C PRO A 89 58.32 -20.98 10.52
N PHE A 90 58.35 -20.61 11.80
CA PHE A 90 59.20 -21.26 12.77
C PHE A 90 58.82 -22.72 12.93
N PRO A 91 59.81 -23.61 13.08
CA PRO A 91 59.50 -25.04 13.25
C PRO A 91 58.79 -25.28 14.59
N GLU A 92 58.28 -26.49 14.80
CA GLU A 92 57.58 -26.84 16.04
C GLU A 92 58.59 -26.91 17.17
N LYS A 93 59.80 -27.37 16.85
CA LYS A 93 60.87 -27.46 17.83
C LYS A 93 61.02 -26.09 18.45
N LEU A 94 61.55 -25.17 17.65
CA LEU A 94 61.77 -23.80 18.07
C LEU A 94 60.58 -23.27 18.89
N LEU A 95 59.38 -23.68 18.52
CA LEU A 95 58.15 -23.25 19.19
C LEU A 95 58.17 -23.43 20.70
N GLN A 96 58.50 -24.65 21.12
CA GLN A 96 58.52 -25.00 22.54
C GLN A 96 59.87 -24.98 23.24
N ALA A 97 60.41 -23.78 23.44
CA ALA A 97 61.67 -23.63 24.14
C ALA A 97 61.47 -22.35 24.92
N ARG A 98 62.21 -22.21 26.02
CA ARG A 98 62.08 -21.01 26.84
C ARG A 98 62.71 -19.83 26.10
N LYS A 99 63.86 -20.09 25.49
CA LYS A 99 64.57 -19.07 24.73
C LYS A 99 64.91 -19.65 23.36
N PRO A 100 63.97 -19.55 22.40
CA PRO A 100 64.14 -20.04 21.03
C PRO A 100 65.07 -19.14 20.25
N VAL A 101 65.92 -19.76 19.46
CA VAL A 101 66.86 -19.02 18.65
C VAL A 101 66.87 -19.57 17.23
N GLN A 102 66.76 -18.67 16.25
CA GLN A 102 66.79 -19.07 14.85
C GLN A 102 68.02 -18.41 14.22
N ILE A 103 68.85 -19.23 13.59
CA ILE A 103 70.08 -18.76 12.97
C ILE A 103 70.07 -18.92 11.45
N PHE A 104 70.44 -17.85 10.75
CA PHE A 104 70.49 -17.88 9.29
C PHE A 104 71.90 -17.76 8.76
N GLU A 105 72.23 -18.53 7.72
CA GLU A 105 73.57 -18.42 7.13
C GLU A 105 73.44 -17.30 6.12
N ARG A 106 74.02 -16.15 6.46
CA ARG A 106 73.94 -14.95 5.65
C ARG A 106 72.49 -14.52 5.54
N SER A 107 72.25 -13.31 5.06
CA SER A 107 70.90 -12.81 5.02
C SER A 107 70.45 -12.13 3.77
N VAL A 108 69.20 -11.70 3.85
CA VAL A 108 68.57 -10.99 2.77
C VAL A 108 69.32 -9.67 2.66
N TYR A 109 69.92 -9.22 3.76
CA TYR A 109 70.66 -7.95 3.77
C TYR A 109 72.05 -8.05 3.19
N SER A 110 72.74 -9.15 3.46
CA SER A 110 74.09 -9.28 2.91
C SER A 110 74.01 -9.52 1.41
N ASP A 111 72.91 -10.08 0.94
CA ASP A 111 72.76 -10.34 -0.50
C ASP A 111 72.97 -9.02 -1.21
N ARG A 112 72.42 -7.95 -0.64
CA ARG A 112 72.54 -6.63 -1.21
C ARG A 112 73.78 -5.89 -0.82
N TYR A 113 74.01 -5.74 0.48
CA TYR A 113 75.16 -4.98 0.93
C TYR A 113 76.54 -5.59 0.87
N ILE A 114 76.60 -6.89 0.64
CA ILE A 114 77.91 -7.53 0.53
C ILE A 114 78.17 -7.87 -0.93
N PHE A 115 77.41 -8.82 -1.48
CA PHE A 115 77.66 -9.19 -2.85
C PHE A 115 77.13 -8.30 -3.97
N ALA A 116 75.83 -8.09 -4.05
CA ALA A 116 75.30 -7.25 -5.12
C ALA A 116 76.09 -5.95 -5.17
N LYS A 117 76.13 -5.23 -4.05
CA LYS A 117 76.85 -3.97 -3.98
C LYS A 117 78.25 -4.13 -4.56
N ASN A 118 79.01 -5.07 -4.03
CA ASN A 118 80.34 -5.28 -4.52
C ASN A 118 80.39 -5.62 -6.00
N LEU A 119 79.48 -6.49 -6.45
CA LEU A 119 79.45 -6.87 -7.85
C LEU A 119 79.23 -5.66 -8.75
N PHE A 120 78.53 -4.65 -8.24
CA PHE A 120 78.31 -3.43 -9.02
C PHE A 120 79.60 -2.63 -9.03
N GLU A 121 80.15 -2.39 -7.85
CA GLU A 121 81.38 -1.62 -7.71
C GLU A 121 82.55 -2.17 -8.52
N ASN A 122 82.63 -3.48 -8.70
CA ASN A 122 83.74 -4.04 -9.46
C ASN A 122 83.41 -4.25 -10.93
N GLY A 123 82.26 -3.73 -11.36
CA GLY A 123 81.86 -3.84 -12.76
C GLY A 123 81.15 -5.09 -13.27
N SER A 124 80.84 -6.03 -12.39
CA SER A 124 80.15 -7.25 -12.82
C SER A 124 78.67 -7.00 -13.06
N LEU A 125 78.13 -5.96 -12.44
CA LEU A 125 76.72 -5.59 -12.61
C LEU A 125 76.68 -4.23 -13.29
N SER A 126 75.86 -4.11 -14.32
CA SER A 126 75.75 -2.84 -15.05
C SER A 126 74.87 -1.89 -14.27
N ASP A 127 74.77 -0.65 -14.72
CA ASP A 127 73.95 0.33 -14.03
C ASP A 127 72.51 -0.11 -14.04
N ILE A 128 72.08 -0.66 -15.18
CA ILE A 128 70.71 -1.13 -15.32
C ILE A 128 70.45 -2.29 -14.36
N GLU A 129 71.35 -3.27 -14.34
CA GLU A 129 71.17 -4.42 -13.46
C GLU A 129 71.15 -4.03 -11.99
N TRP A 130 72.02 -3.11 -11.60
CA TRP A 130 72.12 -2.64 -10.21
C TRP A 130 70.82 -1.93 -9.84
N HIS A 131 70.35 -1.09 -10.75
CA HIS A 131 69.13 -0.34 -10.51
C HIS A 131 67.92 -1.26 -10.36
N ILE A 132 67.75 -2.21 -11.27
CA ILE A 132 66.64 -3.14 -11.18
C ILE A 132 66.75 -3.95 -9.91
N TYR A 133 67.94 -4.49 -9.65
CA TYR A 133 68.13 -5.28 -8.44
C TYR A 133 67.70 -4.50 -7.20
N GLN A 134 68.23 -3.30 -7.02
CA GLN A 134 67.88 -2.50 -5.85
C GLN A 134 66.38 -2.23 -5.79
N ASP A 135 65.78 -1.91 -6.93
CA ASP A 135 64.36 -1.63 -7.01
C ASP A 135 63.60 -2.80 -6.38
N TRP A 136 63.94 -4.02 -6.83
CA TRP A 136 63.31 -5.24 -6.33
C TRP A 136 63.48 -5.38 -4.83
N HIS A 137 64.75 -5.41 -4.44
CA HIS A 137 65.15 -5.56 -3.06
C HIS A 137 64.42 -4.62 -2.09
N SER A 138 64.51 -3.32 -2.34
CA SER A 138 63.85 -2.36 -1.47
C SER A 138 62.34 -2.55 -1.45
N PHE A 139 61.76 -2.86 -2.60
CA PHE A 139 60.32 -3.08 -2.69
C PHE A 139 59.87 -4.26 -1.86
N LEU A 140 60.39 -5.45 -2.13
CA LEU A 140 59.95 -6.61 -1.36
C LEU A 140 60.26 -6.55 0.13
N LEU A 141 61.42 -6.03 0.51
CA LEU A 141 61.74 -5.95 1.92
C LEU A 141 60.81 -4.99 2.63
N TRP A 142 60.25 -4.06 1.88
CA TRP A 142 59.33 -3.12 2.48
C TRP A 142 57.98 -3.82 2.65
N GLU A 143 57.57 -4.58 1.64
CA GLU A 143 56.32 -5.31 1.70
C GLU A 143 56.38 -6.36 2.80
N PHE A 144 57.50 -7.07 2.88
CA PHE A 144 57.64 -8.12 3.88
C PHE A 144 58.30 -7.67 5.18
N ALA A 145 58.55 -6.38 5.30
CA ALA A 145 59.18 -5.82 6.48
C ALA A 145 58.92 -6.56 7.80
N SER A 146 57.65 -6.66 8.17
CA SER A 146 57.27 -7.30 9.42
C SER A 146 57.60 -8.77 9.57
N ARG A 147 58.06 -9.41 8.51
CA ARG A 147 58.36 -10.84 8.62
C ARG A 147 59.81 -11.24 8.49
N ILE A 148 60.66 -10.33 8.02
CA ILE A 148 62.06 -10.64 7.81
C ILE A 148 62.98 -10.13 8.92
N THR A 149 62.40 -9.57 9.96
CA THR A 149 63.18 -9.02 11.07
C THR A 149 64.27 -9.92 11.65
N LEU A 150 65.41 -9.29 11.95
CA LEU A 150 66.55 -9.98 12.53
C LEU A 150 66.91 -9.22 13.80
N HIS A 151 67.40 -9.94 14.80
CA HIS A 151 67.76 -9.33 16.08
C HIS A 151 69.25 -9.07 16.23
N GLY A 152 70.06 -9.72 15.41
CA GLY A 152 71.49 -9.49 15.51
C GLY A 152 72.30 -10.25 14.49
N PHE A 153 73.52 -9.77 14.26
CA PHE A 153 74.44 -10.39 13.32
C PHE A 153 75.67 -10.96 14.01
N ILE A 154 76.06 -12.17 13.62
CA ILE A 154 77.26 -12.78 14.15
C ILE A 154 78.23 -12.66 12.98
N TYR A 155 79.20 -11.77 13.10
CA TYR A 155 80.17 -11.52 12.04
C TYR A 155 81.45 -12.31 12.23
N LEU A 156 81.64 -13.37 11.46
CA LEU A 156 82.87 -14.17 11.57
C LEU A 156 83.93 -13.41 10.80
N GLN A 157 84.67 -12.57 11.51
CA GLN A 157 85.71 -11.74 10.91
C GLN A 157 87.11 -12.33 10.88
N ALA A 158 87.76 -12.17 9.73
CA ALA A 158 89.13 -12.66 9.52
C ALA A 158 89.71 -11.97 8.28
N SER A 159 91.04 -11.88 8.23
CA SER A 159 91.70 -11.20 7.12
C SER A 159 91.52 -11.90 5.79
N PRO A 160 91.59 -11.13 4.71
CA PRO A 160 91.44 -11.66 3.35
C PRO A 160 92.37 -12.82 3.08
N GLN A 161 93.66 -12.63 3.37
CA GLN A 161 94.62 -13.70 3.13
C GLN A 161 94.30 -14.94 3.94
N VAL A 162 93.87 -14.78 5.19
CA VAL A 162 93.54 -15.96 5.98
C VAL A 162 92.44 -16.68 5.22
N CYS A 163 91.45 -15.93 4.77
CA CYS A 163 90.35 -16.52 4.03
C CYS A 163 90.91 -17.14 2.75
N LEU A 164 91.69 -16.35 2.02
CA LEU A 164 92.26 -16.86 0.78
C LEU A 164 92.95 -18.21 1.00
N LYS A 165 93.62 -18.36 2.15
CA LYS A 165 94.30 -19.60 2.45
C LYS A 165 93.28 -20.71 2.61
N ARG A 166 92.28 -20.45 3.44
CA ARG A 166 91.23 -21.43 3.67
C ARG A 166 90.49 -21.72 2.38
N LEU A 167 90.26 -20.66 1.60
CA LEU A 167 89.55 -20.81 0.34
C LEU A 167 90.23 -21.88 -0.48
N TYR A 168 91.55 -21.77 -0.60
CA TYR A 168 92.32 -22.72 -1.38
C TYR A 168 92.54 -24.02 -0.67
N GLN A 169 92.51 -23.97 0.65
CA GLN A 169 92.70 -25.18 1.44
C GLN A 169 91.58 -26.16 1.06
N ARG A 170 90.37 -25.65 0.80
CA ARG A 170 89.27 -26.53 0.37
C ARG A 170 89.21 -26.40 -1.14
N ALA A 171 89.10 -27.52 -1.84
CA ALA A 171 89.05 -27.50 -3.31
C ALA A 171 87.99 -26.54 -3.81
N ARG A 172 86.78 -27.06 -4.01
CA ARG A 172 85.66 -26.27 -4.49
C ARG A 172 86.00 -25.72 -5.88
N GLU A 173 85.63 -26.48 -6.90
CA GLU A 173 85.88 -26.12 -8.28
C GLU A 173 85.51 -24.69 -8.59
N GLU A 174 84.21 -24.40 -8.54
CA GLU A 174 83.70 -23.07 -8.83
C GLU A 174 84.63 -21.96 -8.39
N GLU A 175 85.13 -22.08 -7.17
CA GLU A 175 85.99 -21.08 -6.58
C GLU A 175 87.44 -21.00 -7.04
N LYS A 176 88.03 -22.13 -7.39
CA LYS A 176 89.42 -22.08 -7.80
C LYS A 176 89.57 -21.17 -8.99
N GLY A 177 89.85 -19.91 -8.71
CA GLY A 177 90.01 -18.89 -9.73
C GLY A 177 89.84 -17.56 -9.04
N ILE A 178 89.35 -17.60 -7.81
CA ILE A 178 89.16 -16.41 -7.01
C ILE A 178 90.50 -15.84 -6.62
N GLU A 179 90.75 -14.58 -6.97
CA GLU A 179 92.03 -13.94 -6.62
C GLU A 179 91.91 -13.31 -5.24
N LEU A 180 93.04 -12.95 -4.66
CA LEU A 180 93.03 -12.32 -3.35
C LEU A 180 92.21 -11.03 -3.39
N ALA A 181 92.40 -10.28 -4.47
CA ALA A 181 91.69 -9.01 -4.64
C ALA A 181 90.18 -9.11 -4.39
N TYR A 182 89.56 -10.17 -4.90
CA TYR A 182 88.11 -10.37 -4.75
C TYR A 182 87.75 -10.50 -3.27
N LEU A 183 88.50 -11.32 -2.55
CA LEU A 183 88.25 -11.50 -1.13
C LEU A 183 88.47 -10.18 -0.41
N GLU A 184 89.45 -9.41 -0.87
CA GLU A 184 89.72 -8.12 -0.23
C GLU A 184 88.52 -7.21 -0.41
N GLN A 185 87.89 -7.26 -1.58
CA GLN A 185 86.72 -6.44 -1.86
C GLN A 185 85.60 -6.80 -0.87
N LEU A 186 85.24 -8.08 -0.84
CA LEU A 186 84.20 -8.56 0.05
C LEU A 186 84.53 -8.21 1.51
N HIS A 187 85.81 -8.31 1.86
CA HIS A 187 86.21 -7.98 3.22
C HIS A 187 85.83 -6.53 3.46
N GLY A 188 86.19 -5.67 2.52
CA GLY A 188 85.85 -4.27 2.65
C GLY A 188 84.38 -4.07 2.91
N GLN A 189 83.54 -4.69 2.09
CA GLN A 189 82.09 -4.56 2.25
C GLN A 189 81.66 -4.90 3.67
N HIS A 190 82.16 -6.03 4.20
CA HIS A 190 81.78 -6.42 5.56
C HIS A 190 82.22 -5.40 6.57
N GLU A 191 83.47 -4.98 6.46
CA GLU A 191 84.00 -4.00 7.39
C GLU A 191 83.20 -2.69 7.33
N ALA A 192 82.89 -2.24 6.12
CA ALA A 192 82.14 -1.00 5.95
C ALA A 192 80.74 -1.05 6.56
N TRP A 193 80.08 -2.20 6.44
CA TRP A 193 78.73 -2.37 6.94
C TRP A 193 78.61 -2.77 8.41
N LEU A 194 79.28 -3.85 8.79
CA LEU A 194 79.19 -4.32 10.17
C LEU A 194 80.08 -3.64 11.20
N ILE A 195 81.17 -3.01 10.75
CA ILE A 195 82.09 -2.36 11.68
C ILE A 195 82.06 -0.82 11.63
N HIS A 196 82.53 -0.24 10.55
CA HIS A 196 82.58 1.22 10.44
C HIS A 196 81.25 1.91 10.16
N LYS A 197 80.21 1.15 9.82
CA LYS A 197 78.90 1.72 9.51
C LYS A 197 79.03 2.85 8.47
N THR A 198 79.75 2.59 7.39
CA THR A 198 79.95 3.58 6.33
C THR A 198 79.20 3.23 5.05
N THR A 199 78.42 2.15 5.10
CA THR A 199 77.64 1.72 3.95
C THR A 199 76.24 2.28 4.08
N LYS A 200 75.82 3.08 3.10
CA LYS A 200 74.49 3.65 3.13
C LYS A 200 73.44 2.55 3.13
N LEU A 201 72.62 2.53 4.17
CA LEU A 201 71.57 1.52 4.28
C LEU A 201 70.23 2.11 3.84
N HIS A 202 69.30 1.27 3.43
CA HIS A 202 68.01 1.76 2.97
C HIS A 202 66.85 1.16 3.75
N PHE A 203 67.12 0.73 4.98
CA PHE A 203 66.07 0.14 5.82
C PHE A 203 66.26 0.63 7.24
N GLU A 204 65.24 1.32 7.76
CA GLU A 204 65.30 1.87 9.11
C GLU A 204 65.65 0.81 10.14
N ALA A 205 65.11 -0.39 9.98
CA ALA A 205 65.37 -1.48 10.91
C ALA A 205 66.86 -1.81 10.99
N LEU A 206 67.43 -2.12 9.83
CA LEU A 206 68.83 -2.48 9.69
C LEU A 206 69.75 -1.47 10.36
N MET A 207 69.27 -0.24 10.51
CA MET A 207 70.05 0.82 11.11
C MET A 207 70.91 0.41 12.30
N ASN A 208 70.26 0.13 13.43
CA ASN A 208 71.00 -0.23 14.62
C ASN A 208 70.73 -1.64 15.10
N ILE A 209 71.41 -2.61 14.51
CA ILE A 209 71.22 -3.97 14.96
C ILE A 209 72.51 -4.41 15.59
N PRO A 210 72.39 -5.19 16.67
CA PRO A 210 73.57 -5.68 17.38
C PRO A 210 74.44 -6.49 16.44
N VAL A 211 75.75 -6.43 16.66
CA VAL A 211 76.70 -7.16 15.86
C VAL A 211 77.76 -7.79 16.77
N LEU A 212 77.80 -9.11 16.81
CA LEU A 212 78.78 -9.81 17.61
C LEU A 212 79.98 -10.02 16.69
N VAL A 213 81.13 -9.43 17.03
CA VAL A 213 82.31 -9.62 16.20
C VAL A 213 83.21 -10.73 16.75
N LEU A 214 83.28 -11.84 16.02
CA LEU A 214 84.12 -12.95 16.44
C LEU A 214 85.38 -12.97 15.60
N ASP A 215 86.54 -12.85 16.24
CA ASP A 215 87.79 -12.86 15.49
C ASP A 215 88.23 -14.28 15.25
N VAL A 216 88.16 -14.72 14.00
CA VAL A 216 88.56 -16.08 13.69
C VAL A 216 89.74 -16.16 12.75
N ASN A 217 90.76 -15.35 13.01
CA ASN A 217 91.98 -15.37 12.19
C ASN A 217 92.75 -16.64 12.52
N ASP A 218 92.63 -17.09 13.76
CA ASP A 218 93.32 -18.29 14.21
C ASP A 218 92.39 -19.48 14.06
N ASP A 219 92.82 -20.46 13.28
CA ASP A 219 92.02 -21.65 13.02
C ASP A 219 91.39 -22.27 14.27
N PHE A 220 90.16 -21.88 14.54
CA PHE A 220 89.40 -22.39 15.68
C PHE A 220 88.86 -23.75 15.29
N SER A 221 89.04 -24.09 14.02
CA SER A 221 88.57 -25.35 13.49
C SER A 221 88.97 -26.54 14.35
N GLU A 222 90.12 -26.44 15.01
CA GLU A 222 90.61 -27.55 15.83
C GLU A 222 90.90 -27.27 17.30
N GLU A 223 91.36 -26.07 17.63
CA GLU A 223 91.67 -25.72 19.02
C GLU A 223 90.45 -25.64 19.91
N VAL A 224 90.18 -26.73 20.62
CA VAL A 224 89.02 -26.82 21.51
C VAL A 224 88.96 -25.70 22.54
N THR A 225 90.07 -24.99 22.72
CA THR A 225 90.10 -23.89 23.68
C THR A 225 89.29 -22.72 23.13
N LYS A 226 89.64 -22.33 21.91
CA LYS A 226 88.98 -21.22 21.24
C LYS A 226 87.51 -21.51 20.91
N GLN A 227 87.18 -22.77 20.64
CA GLN A 227 85.79 -23.12 20.33
C GLN A 227 84.90 -22.82 21.52
N GLU A 228 85.30 -23.29 22.69
CA GLU A 228 84.55 -23.09 23.91
C GLU A 228 84.51 -21.60 24.24
N ASP A 229 85.54 -20.91 23.77
CA ASP A 229 85.69 -19.48 23.97
C ASP A 229 84.77 -18.68 23.05
N LEU A 230 84.47 -19.24 21.89
CA LEU A 230 83.59 -18.59 20.92
C LEU A 230 82.15 -18.78 21.36
N MET A 231 81.75 -20.03 21.56
CA MET A 231 80.39 -20.34 21.99
C MET A 231 80.01 -19.53 23.22
N ARG A 232 81.00 -19.21 24.02
CA ARG A 232 80.74 -18.44 25.22
C ARG A 232 80.30 -17.04 24.83
N GLU A 233 81.06 -16.39 23.95
CA GLU A 233 80.72 -15.05 23.50
C GLU A 233 79.37 -15.06 22.82
N VAL A 234 79.11 -16.10 22.04
CA VAL A 234 77.85 -16.24 21.35
C VAL A 234 76.70 -16.28 22.36
N ASN A 235 76.80 -17.19 23.32
CA ASN A 235 75.77 -17.32 24.34
C ASN A 235 75.49 -16.02 25.07
N THR A 236 76.56 -15.32 25.45
CA THR A 236 76.42 -14.05 26.15
C THR A 236 75.68 -13.05 25.27
N PHE A 237 76.05 -13.01 24.00
CA PHE A 237 75.44 -12.10 23.02
C PHE A 237 73.95 -12.37 22.81
N VAL A 238 73.62 -13.63 22.50
CA VAL A 238 72.26 -14.05 22.25
C VAL A 238 71.32 -13.80 23.42
N LYS A 239 71.76 -14.13 24.63
CA LYS A 239 70.95 -13.95 25.82
C LYS A 239 70.58 -12.51 26.13
N ASN A 240 71.40 -11.56 25.69
CA ASN A 240 71.12 -10.16 25.96
C ASN A 240 70.45 -9.50 24.76
N LEU A 241 69.57 -10.24 24.11
CA LEU A 241 68.83 -9.73 22.95
C LEU A 241 67.34 -9.64 23.24
N GLY B 1 33.65 -3.58 -3.97
CA GLY B 1 35.00 -3.67 -4.50
C GLY B 1 35.06 -3.42 -6.00
N PRO B 2 35.98 -2.57 -6.46
CA PRO B 2 36.12 -2.26 -7.88
C PRO B 2 36.26 -3.53 -8.70
N ARG B 3 35.83 -3.49 -9.95
CA ARG B 3 35.99 -4.64 -10.82
C ARG B 3 37.34 -4.41 -11.49
N ARG B 4 38.24 -5.38 -11.39
CA ARG B 4 39.57 -5.25 -11.97
C ARG B 4 39.62 -6.03 -13.29
N LEU B 5 40.13 -5.40 -14.34
CA LEU B 5 40.24 -6.05 -15.63
C LEU B 5 41.52 -5.63 -16.32
N SER B 6 42.10 -6.52 -17.11
CA SER B 6 43.31 -6.18 -17.85
C SER B 6 43.10 -6.41 -19.35
N ILE B 7 43.65 -5.50 -20.14
CA ILE B 7 43.56 -5.56 -21.59
C ILE B 7 44.72 -6.39 -22.07
N GLU B 8 44.44 -7.44 -22.83
CA GLU B 8 45.50 -8.30 -23.34
C GLU B 8 45.43 -8.29 -24.87
N GLY B 9 46.58 -8.46 -25.52
CA GLY B 9 46.60 -8.44 -26.97
C GLY B 9 48.01 -8.49 -27.52
N ASN B 10 48.13 -8.56 -28.84
CA ASN B 10 49.44 -8.63 -29.46
C ASN B 10 50.06 -7.25 -29.60
N ILE B 11 51.33 -7.22 -29.97
CA ILE B 11 52.02 -5.95 -30.16
C ILE B 11 51.29 -5.17 -31.23
N ALA B 12 51.13 -3.87 -31.01
CA ALA B 12 50.48 -2.98 -31.97
C ALA B 12 49.02 -3.26 -32.34
N VAL B 13 48.40 -4.30 -31.77
CA VAL B 13 47.01 -4.59 -32.12
C VAL B 13 46.16 -3.34 -31.97
N GLY B 14 46.63 -2.40 -31.14
CA GLY B 14 45.90 -1.15 -30.93
C GLY B 14 45.43 -0.93 -29.51
N LYS B 15 46.19 -1.42 -28.54
CA LYS B 15 45.82 -1.27 -27.14
C LYS B 15 45.65 0.19 -26.71
N SER B 16 46.70 0.98 -26.90
CA SER B 16 46.67 2.39 -26.53
C SER B 16 45.50 3.14 -27.16
N THR B 17 45.12 2.75 -28.36
CA THR B 17 43.99 3.38 -29.02
C THR B 17 42.73 2.98 -28.27
N PHE B 18 42.55 1.68 -28.06
CA PHE B 18 41.40 1.15 -27.37
C PHE B 18 41.25 1.76 -25.98
N VAL B 19 42.36 2.14 -25.36
CA VAL B 19 42.33 2.74 -24.03
C VAL B 19 41.82 4.18 -24.11
N LYS B 20 42.34 4.93 -25.07
CA LYS B 20 41.91 6.31 -25.24
C LYS B 20 40.40 6.32 -25.38
N LEU B 21 39.89 5.35 -26.14
CA LEU B 21 38.47 5.19 -26.37
C LEU B 21 37.76 4.92 -25.03
N LEU B 22 38.33 4.03 -24.20
CA LEU B 22 37.74 3.72 -22.90
C LEU B 22 37.69 4.96 -22.04
N THR B 23 38.85 5.60 -21.87
CA THR B 23 38.95 6.83 -21.07
C THR B 23 37.84 7.81 -21.41
N LYS B 24 37.65 8.04 -22.70
CA LYS B 24 36.63 8.96 -23.19
C LYS B 24 35.21 8.52 -22.86
N THR B 25 34.92 7.23 -23.03
CA THR B 25 33.57 6.72 -22.78
C THR B 25 33.21 6.50 -21.32
N TYR B 26 34.16 6.05 -20.50
CA TYR B 26 33.87 5.80 -19.10
C TYR B 26 34.88 6.48 -18.18
N PRO B 27 34.74 7.80 -18.00
CA PRO B 27 35.65 8.57 -17.16
C PRO B 27 35.79 8.16 -15.68
N GLU B 28 34.74 7.60 -15.08
CA GLU B 28 34.84 7.16 -13.67
C GLU B 28 35.88 6.07 -13.63
N TRP B 29 35.90 5.26 -14.68
CA TRP B 29 36.85 4.17 -14.79
C TRP B 29 38.27 4.64 -14.59
N HIS B 30 39.07 3.82 -13.91
CA HIS B 30 40.47 4.13 -13.64
C HIS B 30 41.36 3.21 -14.46
N VAL B 31 42.22 3.80 -15.29
CA VAL B 31 43.12 3.00 -16.11
C VAL B 31 44.56 3.14 -15.65
N ALA B 32 45.10 2.05 -15.12
CA ALA B 32 46.48 2.01 -14.64
C ALA B 32 47.41 1.88 -15.84
N THR B 33 48.18 2.94 -16.08
CA THR B 33 49.11 3.04 -17.19
C THR B 33 50.17 1.93 -17.34
N GLU B 34 50.57 1.61 -18.58
CA GLU B 34 51.59 0.60 -18.86
C GLU B 34 52.95 1.23 -19.21
N PRO B 35 53.95 1.06 -18.32
CA PRO B 35 55.36 1.50 -18.26
C PRO B 35 56.28 1.57 -19.50
N VAL B 36 55.72 1.59 -20.72
CA VAL B 36 56.54 1.62 -21.93
C VAL B 36 57.59 2.74 -22.03
N ALA B 37 57.29 3.92 -21.48
CA ALA B 37 58.22 5.04 -21.54
C ALA B 37 59.29 4.90 -20.46
N THR B 38 59.02 4.01 -19.50
CA THR B 38 59.94 3.75 -18.41
C THR B 38 60.89 2.61 -18.76
N TRP B 39 60.68 2.00 -19.94
CA TRP B 39 61.52 0.88 -20.43
C TRP B 39 62.52 1.34 -21.49
N GLN B 40 62.16 2.40 -22.22
CA GLN B 40 63.00 2.97 -23.27
C GLN B 40 64.06 3.87 -22.62
N ASN B 41 63.76 4.32 -21.41
CA ASN B 41 64.64 5.17 -20.63
C ASN B 41 64.51 4.67 -19.20
N ILE B 42 65.52 3.96 -18.71
CA ILE B 42 65.46 3.40 -17.36
C ILE B 42 65.67 4.41 -16.22
N GLN B 43 66.45 5.47 -16.46
CA GLN B 43 66.69 6.50 -15.44
C GLN B 43 67.44 5.94 -14.24
N LEU B 56 69.53 5.58 -16.93
CA LEU B 56 69.83 5.80 -18.33
C LEU B 56 70.17 4.50 -19.05
N GLY B 57 69.48 4.30 -20.17
CA GLY B 57 69.66 3.10 -20.98
C GLY B 57 68.30 2.59 -21.44
N ASN B 58 68.22 2.09 -22.67
CA ASN B 58 66.95 1.58 -23.20
C ASN B 58 66.89 0.06 -23.06
N LEU B 59 66.22 -0.42 -22.03
CA LEU B 59 66.12 -1.86 -21.80
C LEU B 59 65.33 -2.50 -22.94
N LEU B 60 64.25 -1.83 -23.34
CA LEU B 60 63.42 -2.32 -24.42
C LEU B 60 64.26 -2.59 -25.67
N ASP B 61 65.09 -1.62 -26.05
CA ASP B 61 65.91 -1.78 -27.22
C ASP B 61 66.84 -2.97 -27.02
N MET B 62 67.52 -2.97 -25.88
CA MET B 62 68.45 -4.04 -25.57
C MET B 62 67.81 -5.42 -25.68
N MET B 63 66.61 -5.58 -25.15
CA MET B 63 65.96 -6.87 -25.20
C MET B 63 65.75 -7.28 -26.65
N TYR B 64 65.43 -6.30 -27.51
CA TYR B 64 65.19 -6.61 -28.91
C TYR B 64 66.45 -6.86 -29.71
N ARG B 65 67.51 -6.12 -29.43
CA ARG B 65 68.75 -6.29 -30.16
C ARG B 65 69.53 -7.54 -29.75
N GLU B 66 69.51 -7.87 -28.46
CA GLU B 66 70.21 -9.05 -27.97
C GLU B 66 69.30 -9.83 -27.04
N PRO B 67 68.24 -10.42 -27.60
CA PRO B 67 67.27 -11.19 -26.83
C PRO B 67 67.86 -12.27 -25.95
N ALA B 68 68.86 -12.98 -26.44
CA ALA B 68 69.47 -14.04 -25.64
C ALA B 68 70.24 -13.45 -24.46
N ARG B 69 70.52 -12.15 -24.52
CA ARG B 69 71.26 -11.52 -23.44
C ARG B 69 70.44 -10.68 -22.48
N TRP B 70 69.38 -10.06 -22.96
CA TRP B 70 68.59 -9.22 -22.07
C TRP B 70 67.14 -9.59 -21.82
N SER B 71 66.68 -10.68 -22.42
CA SER B 71 65.31 -11.10 -22.22
C SER B 71 64.98 -11.33 -20.76
N TYR B 72 65.77 -12.15 -20.09
CA TYR B 72 65.52 -12.40 -18.68
C TYR B 72 65.50 -11.09 -17.92
N THR B 73 66.57 -10.30 -18.02
CA THR B 73 66.60 -9.04 -17.29
C THR B 73 65.36 -8.22 -17.55
N PHE B 74 64.95 -8.14 -18.82
CA PHE B 74 63.77 -7.35 -19.17
C PHE B 74 62.54 -7.87 -18.44
N GLN B 75 62.33 -9.19 -18.52
CA GLN B 75 61.17 -9.82 -17.90
C GLN B 75 61.10 -9.51 -16.41
N THR B 76 62.25 -9.49 -15.73
CA THR B 76 62.27 -9.22 -14.29
C THR B 76 61.87 -7.78 -14.04
N PHE B 77 62.18 -6.88 -14.97
CA PHE B 77 61.82 -5.49 -14.77
C PHE B 77 60.35 -5.23 -15.07
N SER B 78 59.83 -5.92 -16.07
CA SER B 78 58.43 -5.74 -16.44
C SER B 78 57.53 -6.43 -15.45
N PHE B 79 57.95 -7.59 -14.96
CA PHE B 79 57.13 -8.33 -14.00
C PHE B 79 57.00 -7.51 -12.73
N LEU B 80 58.11 -6.99 -12.23
CA LEU B 80 58.09 -6.17 -11.02
C LEU B 80 57.15 -4.99 -11.22
N SER B 81 57.28 -4.33 -12.35
CA SER B 81 56.46 -3.19 -12.63
C SER B 81 54.97 -3.55 -12.64
N ARG B 82 54.60 -4.59 -13.39
CA ARG B 82 53.21 -4.99 -13.43
C ARG B 82 52.69 -5.41 -12.07
N LEU B 83 53.55 -6.02 -11.25
CA LEU B 83 53.14 -6.45 -9.92
C LEU B 83 52.92 -5.24 -9.02
N LYS B 84 53.82 -4.26 -9.11
CA LYS B 84 53.70 -3.05 -8.30
C LYS B 84 52.35 -2.39 -8.52
N VAL B 85 52.04 -2.09 -9.78
CA VAL B 85 50.79 -1.42 -10.10
C VAL B 85 49.56 -2.21 -9.66
N GLN B 86 49.61 -3.53 -9.72
CA GLN B 86 48.46 -4.33 -9.30
C GLN B 86 48.32 -4.36 -7.78
N LEU B 87 49.37 -4.00 -7.06
CA LEU B 87 49.32 -3.99 -5.60
C LEU B 87 48.96 -2.62 -5.05
N GLU B 88 49.13 -1.58 -5.86
CA GLU B 88 48.81 -0.23 -5.42
C GLU B 88 47.36 -0.13 -4.97
N PRO B 89 47.06 0.83 -4.10
CA PRO B 89 45.69 1.01 -3.60
C PRO B 89 44.80 1.76 -4.59
N PHE B 90 43.50 1.50 -4.52
CA PHE B 90 42.52 2.15 -5.40
C PHE B 90 42.53 3.65 -5.15
N PRO B 91 42.40 4.45 -6.22
CA PRO B 91 42.39 5.91 -6.05
C PRO B 91 41.11 6.35 -5.31
N GLU B 92 41.04 7.61 -4.90
CA GLU B 92 39.86 8.14 -4.19
C GLU B 92 38.69 8.23 -5.16
N LYS B 93 39.00 8.54 -6.42
CA LYS B 93 37.99 8.63 -7.45
C LYS B 93 37.24 7.31 -7.45
N LEU B 94 37.92 6.27 -7.91
CA LEU B 94 37.36 4.93 -7.98
C LEU B 94 36.57 4.60 -6.72
N LEU B 95 37.04 5.07 -5.58
CA LEU B 95 36.39 4.82 -4.29
C LEU B 95 34.90 5.15 -4.26
N GLN B 96 34.56 6.37 -4.69
CA GLN B 96 33.19 6.85 -4.69
C GLN B 96 32.43 6.76 -6.00
N ALA B 97 32.08 5.54 -6.40
CA ALA B 97 31.32 5.34 -7.62
C ALA B 97 30.44 4.16 -7.28
N ARG B 98 29.29 4.06 -7.93
CA ARG B 98 28.38 2.96 -7.66
C ARG B 98 28.97 1.66 -8.21
N LYS B 99 29.55 1.76 -9.40
CA LYS B 99 30.18 0.61 -10.04
C LYS B 99 31.58 1.03 -10.49
N PRO B 100 32.56 0.91 -9.58
CA PRO B 100 33.97 1.27 -9.85
C PRO B 100 34.61 0.21 -10.71
N VAL B 101 35.42 0.67 -11.67
CA VAL B 101 36.11 -0.23 -12.56
C VAL B 101 37.57 0.19 -12.68
N GLN B 102 38.47 -0.78 -12.51
CA GLN B 102 39.90 -0.54 -12.64
C GLN B 102 40.41 -1.35 -13.82
N ILE B 103 41.07 -0.67 -14.76
CA ILE B 103 41.58 -1.32 -15.96
C ILE B 103 43.10 -1.30 -16.03
N PHE B 104 43.70 -2.46 -16.32
CA PHE B 104 45.15 -2.58 -16.43
C PHE B 104 45.58 -2.87 -17.86
N GLU B 105 46.67 -2.24 -18.30
CA GLU B 105 47.18 -2.52 -19.63
C GLU B 105 48.10 -3.73 -19.44
N ARG B 106 47.62 -4.88 -19.89
CA ARG B 106 48.33 -6.15 -19.72
C ARG B 106 48.46 -6.44 -18.25
N SER B 107 48.86 -7.66 -17.91
CA SER B 107 48.91 -8.04 -16.52
C SER B 107 50.12 -8.78 -16.06
N VAL B 108 50.06 -9.09 -14.77
CA VAL B 108 51.10 -9.83 -14.13
C VAL B 108 51.06 -11.24 -14.75
N TYR B 109 49.89 -11.62 -15.26
CA TYR B 109 49.73 -12.95 -15.86
C TYR B 109 50.25 -13.03 -17.28
N SER B 110 50.04 -11.99 -18.06
CA SER B 110 50.53 -12.03 -19.44
C SER B 110 52.06 -11.94 -19.45
N ASP B 111 52.63 -11.32 -18.42
CA ASP B 111 54.09 -11.18 -18.35
C ASP B 111 54.67 -12.58 -18.46
N ARG B 112 54.02 -13.52 -17.79
CA ARG B 112 54.48 -14.90 -17.80
C ARG B 112 53.95 -15.72 -18.95
N TYR B 113 52.65 -15.75 -19.11
CA TYR B 113 52.07 -16.58 -20.16
C TYR B 113 52.13 -16.11 -21.60
N ILE B 114 52.45 -14.84 -21.80
CA ILE B 114 52.56 -14.35 -23.16
C ILE B 114 54.03 -14.17 -23.51
N PHE B 115 54.69 -13.22 -22.87
CA PHE B 115 56.09 -12.99 -23.22
C PHE B 115 57.14 -13.93 -22.65
N ALA B 116 57.27 -14.02 -21.33
CA ALA B 116 58.29 -14.91 -20.77
C ALA B 116 58.18 -16.27 -21.43
N LYS B 117 57.01 -16.89 -21.35
CA LYS B 117 56.79 -18.20 -21.95
C LYS B 117 57.30 -18.23 -23.37
N ASN B 118 56.82 -17.31 -24.20
CA ASN B 118 57.26 -17.28 -25.58
C ASN B 118 58.76 -17.08 -25.71
N LEU B 119 59.33 -16.18 -24.90
CA LEU B 119 60.77 -15.94 -24.97
C LEU B 119 61.56 -17.20 -24.67
N PHE B 120 60.99 -18.09 -23.86
CA PHE B 120 61.67 -19.34 -23.55
C PHE B 120 61.55 -20.26 -24.76
N GLU B 121 60.32 -20.44 -25.23
CA GLU B 121 60.06 -21.30 -26.37
C GLU B 121 60.85 -20.95 -27.63
N ASN B 122 61.14 -19.67 -27.84
CA ASN B 122 61.89 -19.29 -29.03
C ASN B 122 63.39 -19.19 -28.79
N GLY B 123 63.83 -19.64 -27.61
CA GLY B 123 65.25 -19.62 -27.28
C GLY B 123 65.90 -18.37 -26.71
N SER B 124 65.13 -17.31 -26.46
CA SER B 124 65.70 -16.08 -25.91
C SER B 124 66.00 -16.21 -24.42
N LEU B 125 65.30 -17.14 -23.75
CA LEU B 125 65.51 -17.39 -22.32
C LEU B 125 66.07 -18.80 -22.18
N SER B 126 67.13 -18.94 -21.40
CA SER B 126 67.75 -20.24 -21.19
C SER B 126 66.92 -21.03 -20.19
N ASP B 127 67.27 -22.31 -20.00
CA ASP B 127 66.54 -23.12 -19.06
C ASP B 127 66.67 -22.55 -17.66
N ILE B 128 67.86 -22.09 -17.33
CA ILE B 128 68.11 -21.50 -16.02
C ILE B 128 67.27 -20.25 -15.84
N GLU B 129 67.30 -19.35 -16.83
CA GLU B 129 66.54 -18.11 -16.73
C GLU B 129 65.04 -18.36 -16.61
N TRP B 130 64.52 -19.32 -17.37
CA TRP B 130 63.09 -19.66 -17.36
C TRP B 130 62.73 -20.21 -15.99
N HIS B 131 63.58 -21.08 -15.47
CA HIS B 131 63.34 -21.68 -14.17
C HIS B 131 63.33 -20.64 -13.06
N ILE B 132 64.33 -19.78 -13.03
CA ILE B 132 64.38 -18.75 -12.00
C ILE B 132 63.18 -17.83 -12.15
N TYR B 133 62.90 -17.39 -13.36
CA TYR B 133 61.76 -16.51 -13.58
C TYR B 133 60.49 -17.13 -13.03
N GLN B 134 60.17 -18.35 -13.45
CA GLN B 134 58.96 -18.99 -12.96
C GLN B 134 58.95 -19.11 -11.44
N ASP B 135 60.08 -19.49 -10.86
CA ASP B 135 60.20 -19.63 -9.42
C ASP B 135 59.73 -18.34 -8.76
N TRP B 136 60.26 -17.21 -9.23
CA TRP B 136 59.90 -15.90 -8.70
C TRP B 136 58.42 -15.63 -8.83
N HIS B 137 57.97 -15.69 -10.07
CA HIS B 137 56.59 -15.45 -10.43
C HIS B 137 55.57 -16.20 -9.58
N SER B 138 55.70 -17.53 -9.54
CA SER B 138 54.79 -18.35 -8.76
C SER B 138 54.85 -18.01 -7.28
N PHE B 139 56.06 -17.75 -6.77
CA PHE B 139 56.24 -17.42 -5.38
C PHE B 139 55.53 -16.13 -5.00
N LEU B 140 55.89 -15.02 -5.64
CA LEU B 140 55.24 -13.76 -5.29
C LEU B 140 53.74 -13.71 -5.54
N LEU B 141 53.26 -14.31 -6.62
CA LEU B 141 51.83 -14.27 -6.88
C LEU B 141 51.10 -15.07 -5.83
N TRP B 142 51.78 -16.02 -5.21
CA TRP B 142 51.16 -16.80 -4.17
C TRP B 142 51.11 -15.97 -2.90
N GLU B 143 52.21 -15.28 -2.61
CA GLU B 143 52.27 -14.42 -1.43
C GLU B 143 51.28 -13.28 -1.55
N PHE B 144 51.19 -12.68 -2.73
CA PHE B 144 50.28 -11.56 -2.92
C PHE B 144 48.92 -11.93 -3.48
N ALA B 145 48.67 -13.23 -3.60
CA ALA B 145 47.41 -13.74 -4.13
C ALA B 145 46.19 -12.85 -3.88
N SER B 146 45.89 -12.60 -2.62
CA SER B 146 44.72 -11.82 -2.25
C SER B 146 44.70 -10.38 -2.72
N ARG B 147 45.78 -9.88 -3.28
CA ARG B 147 45.78 -8.48 -3.71
C ARG B 147 45.88 -8.23 -5.21
N ILE B 148 46.22 -9.26 -5.98
CA ILE B 148 46.38 -9.09 -7.41
C ILE B 148 45.19 -9.58 -8.24
N THR B 149 44.13 -9.99 -7.56
CA THR B 149 42.94 -10.50 -8.23
C THR B 149 42.40 -9.66 -9.37
N LEU B 150 41.98 -10.36 -10.44
CA LEU B 150 41.40 -9.74 -11.61
C LEU B 150 40.06 -10.40 -11.84
N HIS B 151 39.10 -9.63 -12.37
CA HIS B 151 37.76 -10.15 -12.61
C HIS B 151 37.51 -10.54 -14.05
N GLY B 152 38.34 -10.06 -14.96
CA GLY B 152 38.15 -10.40 -16.36
C GLY B 152 39.19 -9.82 -17.29
N PHE B 153 39.32 -10.42 -18.45
CA PHE B 153 40.27 -9.98 -19.47
C PHE B 153 39.57 -9.47 -20.72
N ILE B 154 40.05 -8.35 -21.24
CA ILE B 154 39.52 -7.80 -22.47
C ILE B 154 40.63 -8.12 -23.47
N TYR B 155 40.37 -9.09 -24.34
CA TYR B 155 41.36 -9.52 -25.33
C TYR B 155 41.17 -8.84 -26.67
N LEU B 156 42.02 -7.88 -26.99
CA LEU B 156 41.93 -7.20 -28.28
C LEU B 156 42.58 -8.11 -29.30
N GLN B 157 41.75 -8.95 -29.93
CA GLN B 157 42.22 -9.93 -30.91
C GLN B 157 42.23 -9.48 -32.36
N ALA B 158 43.33 -9.81 -33.04
CA ALA B 158 43.52 -9.47 -34.45
C ALA B 158 44.67 -10.33 -35.02
N SER B 159 44.64 -10.54 -36.33
CA SER B 159 45.65 -11.38 -36.96
C SER B 159 47.04 -10.79 -36.90
N PRO B 160 48.05 -11.66 -36.95
CA PRO B 160 49.45 -11.26 -36.90
C PRO B 160 49.78 -10.21 -37.95
N GLN B 161 49.41 -10.49 -39.20
CA GLN B 161 49.70 -9.54 -40.28
C GLN B 161 49.01 -8.21 -40.05
N VAL B 162 47.78 -8.21 -39.55
CA VAL B 162 47.12 -6.94 -39.31
C VAL B 162 47.98 -6.19 -38.31
N CYS B 163 48.42 -6.89 -37.28
CA CYS B 163 49.26 -6.26 -36.27
C CYS B 163 50.55 -5.83 -36.93
N LEU B 164 51.19 -6.75 -37.67
CA LEU B 164 52.44 -6.42 -38.34
C LEU B 164 52.29 -5.13 -39.14
N LYS B 165 51.14 -4.93 -39.77
CA LYS B 165 50.92 -3.73 -40.57
C LYS B 165 50.91 -2.53 -39.65
N ARG B 166 50.11 -2.61 -38.60
CA ARG B 166 50.02 -1.52 -37.64
C ARG B 166 51.37 -1.29 -36.98
N LEU B 167 52.06 -2.38 -36.68
CA LEU B 167 53.35 -2.29 -36.03
C LEU B 167 54.25 -1.37 -36.86
N TYR B 168 54.28 -1.61 -38.16
CA TYR B 168 55.10 -0.82 -39.05
C TYR B 168 54.50 0.53 -39.36
N GLN B 169 53.18 0.61 -39.28
CA GLN B 169 52.50 1.85 -39.55
C GLN B 169 53.02 2.89 -38.55
N ARG B 170 53.30 2.47 -37.31
CA ARG B 170 53.84 3.40 -36.32
C ARG B 170 55.35 3.15 -36.31
N ALA B 171 56.14 4.21 -36.34
CA ALA B 171 57.61 4.05 -36.34
C ALA B 171 58.07 3.15 -35.22
N ARG B 172 58.37 3.75 -34.07
CA ARG B 172 58.85 3.03 -32.90
C ARG B 172 60.16 2.32 -33.24
N GLU B 173 61.26 3.03 -33.00
CA GLU B 173 62.59 2.51 -33.26
C GLU B 173 62.79 1.09 -32.76
N GLU B 174 62.78 0.93 -31.45
CA GLU B 174 62.97 -0.36 -30.82
C GLU B 174 62.39 -1.51 -31.62
N GLU B 175 61.16 -1.32 -32.07
CA GLU B 175 60.44 -2.34 -32.81
C GLU B 175 60.82 -2.60 -34.26
N LYS B 176 61.24 -1.56 -34.98
CA LYS B 176 61.57 -1.78 -36.38
C LYS B 176 62.67 -2.81 -36.48
N GLY B 177 62.26 -4.06 -36.63
CA GLY B 177 63.18 -5.17 -36.72
C GLY B 177 62.39 -6.42 -36.39
N ILE B 178 61.18 -6.21 -35.87
CA ILE B 178 60.30 -7.30 -35.52
C ILE B 178 59.79 -7.96 -36.78
N GLU B 179 60.01 -9.26 -36.93
CA GLU B 179 59.54 -9.97 -38.11
C GLU B 179 58.13 -10.47 -37.88
N LEU B 180 57.45 -10.88 -38.95
CA LEU B 180 56.09 -11.37 -38.82
C LEU B 180 56.07 -12.58 -37.89
N ALA B 181 57.06 -13.44 -38.04
CA ALA B 181 57.15 -14.65 -37.22
C ALA B 181 56.99 -14.39 -35.72
N TYR B 182 57.62 -13.32 -35.22
CA TYR B 182 57.55 -12.98 -33.80
C TYR B 182 56.12 -12.68 -33.39
N LEU B 183 55.44 -11.87 -34.19
CA LEU B 183 54.05 -11.53 -33.90
C LEU B 183 53.21 -12.79 -33.96
N GLU B 184 53.54 -13.69 -34.88
CA GLU B 184 52.78 -14.94 -35.00
C GLU B 184 52.93 -15.74 -33.72
N GLN B 185 54.14 -15.75 -33.16
CA GLN B 185 54.40 -16.47 -31.91
C GLN B 185 53.51 -15.92 -30.80
N LEU B 186 53.61 -14.62 -30.57
CA LEU B 186 52.82 -13.96 -29.54
C LEU B 186 51.32 -14.20 -29.77
N HIS B 187 50.91 -14.18 -31.04
CA HIS B 187 49.51 -14.42 -31.35
C HIS B 187 49.16 -15.80 -30.81
N GLY B 188 50.00 -16.77 -31.13
CA GLY B 188 49.77 -18.12 -30.65
C GLY B 188 49.56 -18.15 -29.16
N GLN B 189 50.48 -17.54 -28.41
CA GLN B 189 50.37 -17.52 -26.96
C GLN B 189 49.01 -17.01 -26.51
N HIS B 190 48.56 -15.89 -27.08
CA HIS B 190 47.27 -15.34 -26.70
C HIS B 190 46.15 -16.29 -26.99
N GLU B 191 46.16 -16.84 -28.20
CA GLU B 191 45.11 -17.77 -28.59
C GLU B 191 45.10 -19.00 -27.68
N ALA B 192 46.28 -19.53 -27.37
CA ALA B 192 46.37 -20.71 -26.52
C ALA B 192 45.84 -20.47 -25.10
N TRP B 193 46.10 -19.28 -24.55
CA TRP B 193 45.68 -18.94 -23.20
C TRP B 193 44.27 -18.39 -23.07
N LEU B 194 43.94 -17.35 -23.83
CA LEU B 194 42.62 -16.74 -23.72
C LEU B 194 41.49 -17.40 -24.51
N ILE B 195 41.82 -18.17 -25.54
CA ILE B 195 40.80 -18.82 -26.36
C ILE B 195 40.71 -20.34 -26.18
N HIS B 196 41.71 -21.07 -26.63
CA HIS B 196 41.69 -22.53 -26.54
C HIS B 196 41.97 -23.12 -25.17
N LYS B 197 42.43 -22.30 -24.23
CA LYS B 197 42.75 -22.77 -22.88
C LYS B 197 43.68 -23.99 -22.94
N THR B 198 44.74 -23.91 -23.73
CA THR B 198 45.69 -25.00 -23.87
C THR B 198 47.04 -24.71 -23.20
N THR B 199 47.12 -23.57 -22.54
CA THR B 199 48.34 -23.17 -21.85
C THR B 199 48.25 -23.57 -20.40
N LYS B 200 49.17 -24.43 -19.95
CA LYS B 200 49.14 -24.87 -18.57
C LYS B 200 49.29 -23.67 -17.63
N LEU B 201 48.30 -23.48 -16.77
CA LEU B 201 48.33 -22.37 -15.82
C LEU B 201 48.78 -22.88 -14.45
N HIS B 202 49.32 -21.98 -13.62
CA HIS B 202 49.79 -22.39 -12.30
C HIS B 202 49.12 -21.63 -11.19
N PHE B 203 47.94 -21.11 -11.44
CA PHE B 203 47.20 -20.35 -10.44
C PHE B 203 45.73 -20.72 -10.50
N GLU B 204 45.21 -21.26 -9.42
CA GLU B 204 43.82 -21.68 -9.35
C GLU B 204 42.86 -20.57 -9.76
N ALA B 205 43.16 -19.35 -9.35
CA ALA B 205 42.31 -18.20 -9.68
C ALA B 205 42.19 -18.00 -11.20
N LEU B 206 43.35 -17.85 -11.83
CA LEU B 206 43.45 -17.64 -13.27
C LEU B 206 42.65 -18.67 -14.06
N MET B 207 42.41 -19.83 -13.45
CA MET B 207 41.68 -20.91 -14.11
C MET B 207 40.48 -20.46 -14.94
N ASN B 208 39.42 -20.02 -14.27
CA ASN B 208 38.23 -19.61 -15.01
C ASN B 208 37.89 -18.15 -14.86
N ILE B 209 38.54 -17.31 -15.64
CA ILE B 209 38.22 -15.90 -15.57
C ILE B 209 37.56 -15.52 -16.87
N PRO B 210 36.56 -14.64 -16.79
CA PRO B 210 35.84 -14.20 -17.98
C PRO B 210 36.81 -13.56 -18.96
N VAL B 211 36.52 -13.72 -20.24
CA VAL B 211 37.34 -13.15 -21.31
C VAL B 211 36.43 -12.56 -22.37
N LEU B 212 36.52 -11.24 -22.53
CA LEU B 212 35.73 -10.57 -23.55
C LEU B 212 36.60 -10.56 -24.81
N VAL B 213 36.15 -11.21 -25.87
CA VAL B 213 36.93 -11.22 -27.11
C VAL B 213 36.44 -10.14 -28.07
N LEU B 214 37.27 -9.13 -28.30
CA LEU B 214 36.91 -8.06 -29.22
C LEU B 214 37.69 -8.24 -30.50
N ASP B 215 36.98 -8.41 -31.62
CA ASP B 215 37.66 -8.59 -32.89
C ASP B 215 38.00 -7.24 -33.48
N VAL B 216 39.29 -6.92 -33.50
CA VAL B 216 39.71 -5.64 -34.04
C VAL B 216 40.60 -5.76 -35.27
N ASN B 217 40.21 -6.62 -36.20
CA ASN B 217 40.96 -6.79 -37.43
C ASN B 217 40.71 -5.59 -38.32
N ASP B 218 39.52 -5.01 -38.19
CA ASP B 218 39.15 -3.84 -38.98
C ASP B 218 39.44 -2.59 -38.17
N ASP B 219 40.28 -1.72 -38.73
CA ASP B 219 40.69 -0.50 -38.06
C ASP B 219 39.54 0.29 -37.44
N PHE B 220 39.30 0.04 -36.17
CA PHE B 220 38.25 0.72 -35.42
C PHE B 220 38.78 2.10 -35.03
N SER B 221 40.07 2.28 -35.29
CA SER B 221 40.74 3.53 -34.97
C SER B 221 39.96 4.76 -35.45
N GLU B 222 39.24 4.62 -36.56
CA GLU B 222 38.50 5.75 -37.12
C GLU B 222 36.99 5.58 -37.31
N GLU B 223 36.53 4.37 -37.64
CA GLU B 223 35.11 4.13 -37.87
C GLU B 223 34.27 4.24 -36.61
N VAL B 224 33.69 5.42 -36.41
CA VAL B 224 32.86 5.71 -35.24
C VAL B 224 31.74 4.69 -35.03
N THR B 225 31.44 3.91 -36.05
CA THR B 225 30.39 2.90 -35.93
C THR B 225 30.87 1.77 -35.04
N LYS B 226 32.04 1.24 -35.39
CA LYS B 226 32.64 0.14 -34.66
C LYS B 226 33.06 0.53 -33.24
N GLN B 227 33.46 1.78 -33.04
CA GLN B 227 33.87 2.22 -31.72
C GLN B 227 32.70 2.12 -30.74
N GLU B 228 31.56 2.67 -31.15
CA GLU B 228 30.35 2.64 -30.33
C GLU B 228 29.91 1.21 -30.13
N ASP B 229 30.26 0.37 -31.11
CA ASP B 229 29.92 -1.03 -31.11
C ASP B 229 30.82 -1.83 -30.14
N LEU B 230 32.04 -1.36 -29.96
CA LEU B 230 32.99 -2.01 -29.06
C LEU B 230 32.63 -1.65 -27.63
N MET B 231 32.56 -0.35 -27.34
CA MET B 231 32.23 0.12 -26.00
C MET B 231 30.96 -0.52 -25.49
N ARG B 232 30.07 -0.87 -26.41
CA ARG B 232 28.83 -1.48 -26.04
C ARG B 232 29.11 -2.87 -25.47
N GLU B 233 29.89 -3.66 -26.20
CA GLU B 233 30.23 -5.01 -25.75
C GLU B 233 30.99 -4.93 -24.44
N VAL B 234 31.87 -3.95 -24.31
CA VAL B 234 32.64 -3.76 -23.09
C VAL B 234 31.69 -3.52 -21.93
N ASN B 235 30.81 -2.54 -22.07
CA ASN B 235 29.86 -2.21 -21.01
C ASN B 235 29.03 -3.41 -20.58
N THR B 236 28.53 -4.16 -21.55
CA THR B 236 27.73 -5.34 -21.27
C THR B 236 28.55 -6.35 -20.47
N PHE B 237 29.80 -6.54 -20.88
CA PHE B 237 30.71 -7.48 -20.24
C PHE B 237 31.03 -7.09 -18.79
N VAL B 238 31.47 -5.85 -18.60
CA VAL B 238 31.82 -5.31 -17.29
C VAL B 238 30.67 -5.38 -16.28
N LYS B 239 29.48 -4.97 -16.71
CA LYS B 239 28.32 -4.96 -15.83
C LYS B 239 27.90 -6.33 -15.31
N ASN B 240 28.21 -7.37 -16.06
CA ASN B 240 27.84 -8.71 -15.63
C ASN B 240 28.99 -9.43 -14.94
N LEU B 241 29.76 -8.67 -14.17
CA LEU B 241 30.91 -9.22 -13.44
C LEU B 241 30.68 -9.13 -11.94
N GLY C 1 0.61 -3.45 63.96
CA GLY C 1 -0.64 -3.18 64.64
C GLY C 1 -0.51 -3.32 66.16
N PRO C 2 -1.00 -2.34 66.92
CA PRO C 2 -0.92 -2.38 68.38
C PRO C 2 -1.50 -3.67 68.93
N ARG C 3 -1.00 -4.11 70.07
CA ARG C 3 -1.54 -5.31 70.70
C ARG C 3 -2.67 -4.79 71.60
N ARG C 4 -3.87 -5.32 71.43
CA ARG C 4 -5.00 -4.88 72.22
C ARG C 4 -5.26 -5.90 73.33
N LEU C 5 -5.44 -5.41 74.55
CA LEU C 5 -5.71 -6.30 75.69
C LEU C 5 -6.69 -5.64 76.63
N SER C 6 -7.51 -6.44 77.30
CA SER C 6 -8.46 -5.88 78.26
C SER C 6 -8.26 -6.55 79.63
N ILE C 7 -8.38 -5.73 80.67
CA ILE C 7 -8.22 -6.18 82.04
C ILE C 7 -9.59 -6.64 82.50
N GLU C 8 -9.69 -7.87 82.96
CA GLU C 8 -10.95 -8.40 83.44
C GLU C 8 -10.79 -8.80 84.90
N GLY C 9 -11.88 -8.72 85.67
CA GLY C 9 -11.81 -9.07 87.07
C GLY C 9 -13.09 -8.75 87.81
N ASN C 10 -13.15 -9.10 89.09
CA ASN C 10 -14.34 -8.86 89.87
C ASN C 10 -14.38 -7.43 90.39
N ILE C 11 -15.52 -7.04 90.95
CA ILE C 11 -15.67 -5.71 91.49
C ILE C 11 -14.63 -5.54 92.59
N ALA C 12 -14.00 -4.36 92.63
CA ALA C 12 -13.02 -4.04 93.65
C ALA C 12 -11.75 -4.91 93.72
N VAL C 13 -11.60 -5.91 92.87
CA VAL C 13 -10.41 -6.75 92.93
C VAL C 13 -9.16 -5.89 92.92
N GLY C 14 -9.28 -4.67 92.40
CA GLY C 14 -8.15 -3.76 92.35
C GLY C 14 -7.72 -3.36 90.94
N LYS C 15 -8.66 -3.28 90.01
CA LYS C 15 -8.34 -2.93 88.64
C LYS C 15 -7.66 -1.57 88.53
N SER C 16 -8.32 -0.52 89.02
CA SER C 16 -7.77 0.83 88.97
C SER C 16 -6.37 0.93 89.56
N THR C 17 -6.10 0.13 90.57
CA THR C 17 -4.78 0.13 91.18
C THR C 17 -3.81 -0.49 90.18
N PHE C 18 -4.17 -1.66 89.68
CA PHE C 18 -3.33 -2.37 88.71
C PHE C 18 -3.04 -1.52 87.48
N VAL C 19 -3.97 -0.63 87.14
CA VAL C 19 -3.79 0.23 85.97
C VAL C 19 -2.77 1.32 86.28
N LYS C 20 -2.90 1.95 87.45
CA LYS C 20 -1.97 3.00 87.84
C LYS C 20 -0.56 2.43 87.74
N LEU C 21 -0.42 1.19 88.20
CA LEU C 21 0.86 0.49 88.16
C LEU C 21 1.32 0.33 86.71
N LEU C 22 0.40 -0.06 85.81
CA LEU C 22 0.75 -0.22 84.39
C LEU C 22 1.22 1.10 83.82
N THR C 23 0.39 2.12 83.97
CA THR C 23 0.70 3.46 83.48
C THR C 23 2.12 3.88 83.84
N LYS C 24 2.46 3.68 85.11
CA LYS C 24 3.78 4.03 85.63
C LYS C 24 4.91 3.21 85.01
N THR C 25 4.70 1.90 84.85
CA THR C 25 5.73 1.03 84.30
C THR C 25 5.90 1.08 82.77
N TYR C 26 4.80 1.21 82.03
CA TYR C 26 4.88 1.24 80.58
C TYR C 26 4.16 2.45 80.01
N PRO C 27 4.78 3.63 80.08
CA PRO C 27 4.18 4.86 79.56
C PRO C 27 3.80 4.91 78.08
N GLU C 28 4.52 4.18 77.21
CA GLU C 28 4.19 4.19 75.79
C GLU C 28 2.80 3.58 75.67
N TRP C 29 2.53 2.60 76.51
CA TRP C 29 1.26 1.92 76.53
C TRP C 29 0.11 2.91 76.65
N HIS C 30 -0.98 2.61 75.94
CA HIS C 30 -2.17 3.45 75.96
C HIS C 30 -3.29 2.74 76.69
N VAL C 31 -3.81 3.37 77.74
CA VAL C 31 -4.89 2.76 78.49
C VAL C 31 -6.20 3.51 78.30
N ALA C 32 -7.15 2.85 77.64
CA ALA C 32 -8.46 3.44 77.38
C ALA C 32 -9.30 3.34 78.65
N THR C 33 -9.59 4.50 79.22
CA THR C 33 -10.35 4.64 80.46
C THR C 33 -11.74 3.98 80.52
N GLU C 34 -12.14 3.52 81.71
CA GLU C 34 -13.47 2.89 81.92
C GLU C 34 -14.45 3.86 82.59
N PRO C 35 -15.50 4.28 81.84
CA PRO C 35 -16.63 5.19 82.10
C PRO C 35 -17.37 5.26 83.45
N VAL C 36 -16.79 4.78 84.54
CA VAL C 36 -17.46 4.79 85.84
C VAL C 36 -17.99 6.15 86.34
N ALA C 37 -17.30 7.24 86.01
CA ALA C 37 -17.73 8.56 86.44
C ALA C 37 -18.84 9.09 85.53
N THR C 38 -18.98 8.44 84.38
CA THR C 38 -20.00 8.82 83.41
C THR C 38 -21.29 8.02 83.65
N TRP C 39 -21.26 7.11 84.63
CA TRP C 39 -22.42 6.27 84.98
C TRP C 39 -23.11 6.77 86.27
N GLN C 40 -22.33 7.41 87.12
CA GLN C 40 -22.82 7.95 88.39
C GLN C 40 -23.50 9.30 88.12
N ASN C 41 -23.13 9.91 87.00
CA ASN C 41 -23.67 11.19 86.56
C ASN C 41 -23.82 11.05 85.05
N ILE C 42 -25.06 10.89 84.58
CA ILE C 42 -25.29 10.72 83.15
C ILE C 42 -25.17 11.99 82.30
N GLN C 43 -25.46 13.15 82.88
CA GLN C 43 -25.35 14.42 82.14
C GLN C 43 -26.34 14.49 80.97
N LEU C 56 -28.25 14.22 83.81
CA LEU C 56 -28.35 14.18 85.26
C LEU C 56 -29.12 12.94 85.74
N GLY C 57 -28.49 12.22 86.67
CA GLY C 57 -29.06 11.00 87.22
C GLY C 57 -27.96 9.95 87.36
N ASN C 58 -28.01 9.15 88.42
CA ASN C 58 -27.01 8.12 88.62
C ASN C 58 -27.54 6.77 88.16
N LEU C 59 -27.15 6.36 86.96
CA LEU C 59 -27.62 5.08 86.42
C LEU C 59 -27.07 3.95 87.27
N LEU C 60 -25.80 4.06 87.64
CA LEU C 60 -25.15 3.05 88.46
C LEU C 60 -25.96 2.79 89.72
N ASP C 61 -26.32 3.85 90.41
CA ASP C 61 -27.08 3.71 91.65
C ASP C 61 -28.40 3.02 91.34
N MET C 62 -29.10 3.54 90.34
CA MET C 62 -30.38 2.99 89.95
C MET C 62 -30.31 1.50 89.68
N MET C 63 -29.29 1.06 88.94
CA MET C 63 -29.18 -0.36 88.62
C MET C 63 -29.06 -1.15 89.90
N TYR C 64 -28.34 -0.61 90.88
CA TYR C 64 -28.15 -1.32 92.14
C TYR C 64 -29.36 -1.31 93.05
N ARG C 65 -30.07 -0.18 93.09
CA ARG C 65 -31.24 -0.10 93.94
C ARG C 65 -32.45 -0.84 93.40
N GLU C 66 -32.64 -0.81 92.09
CA GLU C 66 -33.77 -1.50 91.47
C GLU C 66 -33.27 -2.30 90.26
N PRO C 67 -32.49 -3.34 90.52
CA PRO C 67 -31.93 -4.19 89.46
C PRO C 67 -32.94 -4.72 88.48
N ALA C 68 -34.11 -5.13 88.96
CA ALA C 68 -35.11 -5.67 88.05
C ALA C 68 -35.68 -4.56 87.15
N ARG C 69 -35.44 -3.31 87.51
CA ARG C 69 -35.95 -2.21 86.73
C ARG C 69 -34.94 -1.50 85.85
N TRP C 70 -33.69 -1.43 86.29
CA TRP C 70 -32.70 -0.73 85.49
C TRP C 70 -31.51 -1.53 84.96
N SER C 71 -31.47 -2.82 85.23
CA SER C 71 -30.36 -3.63 84.74
C SER C 71 -30.24 -3.58 83.24
N TYR C 72 -31.33 -3.87 82.53
CA TYR C 72 -31.27 -3.83 81.08
C TYR C 72 -30.80 -2.46 80.61
N THR C 73 -31.48 -1.41 81.04
CA THR C 73 -31.08 -0.07 80.61
C THR C 73 -29.59 0.16 80.86
N PHE C 74 -29.12 -0.22 82.04
CA PHE C 74 -27.71 -0.03 82.35
C PHE C 74 -26.82 -0.74 81.36
N GLN C 75 -27.11 -2.02 81.13
CA GLN C 75 -26.32 -2.83 80.22
C GLN C 75 -26.23 -2.21 78.83
N THR C 76 -27.33 -1.62 78.36
CA THR C 76 -27.32 -1.00 77.04
C THR C 76 -26.42 0.22 77.04
N PHE C 77 -26.32 0.90 78.17
CA PHE C 77 -25.46 2.08 78.21
C PHE C 77 -24.00 1.71 78.34
N SER C 78 -23.71 0.65 79.08
CA SER C 78 -22.33 0.23 79.27
C SER C 78 -21.82 -0.46 78.03
N PHE C 79 -22.68 -1.24 77.37
CA PHE C 79 -22.27 -1.94 76.16
C PHE C 79 -21.90 -0.94 75.09
N LEU C 80 -22.76 0.05 74.89
CA LEU C 80 -22.51 1.09 73.89
C LEU C 80 -21.18 1.77 74.19
N SER C 81 -20.98 2.13 75.45
CA SER C 81 -19.77 2.80 75.84
C SER C 81 -18.54 1.94 75.54
N ARG C 82 -18.55 0.69 75.99
CA ARG C 82 -17.40 -0.19 75.73
C ARG C 82 -17.17 -0.40 74.25
N LEU C 83 -18.25 -0.44 73.46
CA LEU C 83 -18.11 -0.63 72.02
C LEU C 83 -17.50 0.60 71.38
N LYS C 84 -17.95 1.78 71.80
CA LYS C 84 -17.44 3.04 71.27
C LYS C 84 -15.92 3.10 71.43
N VAL C 85 -15.45 2.94 72.65
CA VAL C 85 -14.03 3.01 72.91
C VAL C 85 -13.21 1.98 72.13
N GLN C 86 -13.76 0.79 71.91
CA GLN C 86 -13.02 -0.22 71.17
C GLN C 86 -12.99 0.08 69.68
N LEU C 87 -13.87 0.96 69.21
CA LEU C 87 -13.91 1.31 67.81
C LEU C 87 -13.09 2.56 67.51
N GLU C 88 -12.80 3.36 68.55
CA GLU C 88 -12.02 4.58 68.36
C GLU C 88 -10.68 4.26 67.71
N PRO C 89 -10.08 5.24 67.04
CA PRO C 89 -8.78 5.04 66.39
C PRO C 89 -7.61 5.14 67.37
N PHE C 90 -6.52 4.47 67.04
CA PHE C 90 -5.32 4.50 67.88
C PHE C 90 -4.77 5.91 67.96
N PRO C 91 -4.28 6.32 69.14
CA PRO C 91 -3.71 7.67 69.29
C PRO C 91 -2.42 7.79 68.48
N GLU C 92 -1.89 9.01 68.35
CA GLU C 92 -0.65 9.26 67.60
C GLU C 92 0.52 8.67 68.38
N LYS C 93 0.43 8.74 69.70
CA LYS C 93 1.46 8.19 70.57
C LYS C 93 1.65 6.74 70.16
N LEU C 94 0.65 5.93 70.50
CA LEU C 94 0.66 4.52 70.20
C LEU C 94 1.19 4.25 68.79
N LEU C 95 0.87 5.14 67.85
CA LEU C 95 1.29 5.01 66.46
C LEU C 95 2.80 4.78 66.28
N GLN C 96 3.59 5.65 66.90
CA GLN C 96 5.04 5.60 66.79
C GLN C 96 5.79 4.91 67.93
N ALA C 97 5.66 3.60 68.01
CA ALA C 97 6.38 2.83 69.01
C ALA C 97 6.72 1.55 68.30
N ARG C 98 7.78 0.89 68.75
CA ARG C 98 8.18 -0.36 68.11
C ARG C 98 7.18 -1.45 68.45
N LYS C 99 6.75 -1.47 69.71
CA LYS C 99 5.77 -2.44 70.18
C LYS C 99 4.67 -1.69 70.91
N PRO C 100 3.66 -1.21 70.17
CA PRO C 100 2.52 -0.47 70.71
C PRO C 100 1.57 -1.40 71.42
N VAL C 101 1.06 -0.94 72.55
CA VAL C 101 0.13 -1.73 73.33
C VAL C 101 -1.05 -0.87 73.75
N GLN C 102 -2.26 -1.39 73.52
CA GLN C 102 -3.47 -0.69 73.91
C GLN C 102 -4.19 -1.54 74.96
N ILE C 103 -4.48 -0.93 76.11
CA ILE C 103 -5.12 -1.64 77.21
C ILE C 103 -6.52 -1.11 77.51
N PHE C 104 -7.48 -2.01 77.63
CA PHE C 104 -8.86 -1.62 77.92
C PHE C 104 -9.30 -2.10 79.31
N GLU C 105 -10.03 -1.26 80.03
CA GLU C 105 -10.54 -1.67 81.34
C GLU C 105 -11.84 -2.38 81.04
N ARG C 106 -11.82 -3.70 81.15
CA ARG C 106 -12.96 -4.55 80.83
C ARG C 106 -13.29 -4.39 79.35
N SER C 107 -14.13 -5.27 78.84
CA SER C 107 -14.41 -5.23 77.42
C SER C 107 -15.84 -5.36 76.99
N VAL C 108 -15.99 -5.33 75.69
CA VAL C 108 -17.27 -5.47 75.05
C VAL C 108 -17.72 -6.90 75.36
N TYR C 109 -16.76 -7.80 75.58
CA TYR C 109 -17.07 -9.20 75.86
C TYR C 109 -17.50 -9.45 77.29
N SER C 110 -16.87 -8.78 78.25
CA SER C 110 -17.25 -9.00 79.63
C SER C 110 -18.62 -8.37 79.90
N ASP C 111 -18.98 -7.35 79.12
CA ASP C 111 -20.27 -6.69 79.30
C ASP C 111 -21.34 -7.77 79.21
N ARG C 112 -21.14 -8.68 78.25
CA ARG C 112 -22.09 -9.76 78.05
C ARG C 112 -21.84 -10.97 78.90
N TYR C 113 -20.63 -11.51 78.85
CA TYR C 113 -20.35 -12.73 79.60
C TYR C 113 -20.14 -12.65 81.09
N ILE C 114 -19.95 -11.45 81.61
CA ILE C 114 -19.78 -11.31 83.04
C ILE C 114 -21.06 -10.71 83.63
N PHE C 115 -21.34 -9.46 83.33
CA PHE C 115 -22.52 -8.84 83.91
C PHE C 115 -23.88 -9.17 83.33
N ALA C 116 -24.11 -8.88 82.05
CA ALA C 116 -25.42 -9.17 81.47
C ALA C 116 -25.81 -10.61 81.80
N LYS C 117 -24.96 -11.56 81.43
CA LYS C 117 -25.21 -12.97 81.69
C LYS C 117 -25.61 -13.17 83.13
N ASN C 118 -24.77 -12.73 84.05
CA ASN C 118 -25.09 -12.89 85.45
C ASN C 118 -26.39 -12.22 85.85
N LEU C 119 -26.62 -11.00 85.36
CA LEU C 119 -27.85 -10.29 85.68
C LEU C 119 -29.07 -11.07 85.25
N PHE C 120 -28.94 -11.86 84.19
CA PHE C 120 -30.06 -12.67 83.73
C PHE C 120 -30.23 -13.84 84.68
N GLU C 121 -29.13 -14.56 84.92
CA GLU C 121 -29.15 -15.73 85.78
C GLU C 121 -29.67 -15.43 87.19
N ASN C 122 -29.44 -14.24 87.72
CA ASN C 122 -29.92 -13.94 89.06
C ASN C 122 -31.28 -13.24 89.07
N GLY C 123 -31.93 -13.20 87.90
CA GLY C 123 -33.25 -12.60 87.80
C GLY C 123 -33.41 -11.10 87.62
N SER C 124 -32.31 -10.35 87.48
CA SER C 124 -32.40 -8.91 87.31
C SER C 124 -32.81 -8.54 85.88
N LEU C 125 -32.57 -9.45 84.94
CA LEU C 125 -32.94 -9.25 83.53
C LEU C 125 -34.00 -10.28 83.18
N SER C 126 -35.09 -9.83 82.55
CA SER C 126 -36.16 -10.74 82.17
C SER C 126 -35.76 -11.49 80.92
N ASP C 127 -36.57 -12.45 80.51
CA ASP C 127 -36.26 -13.22 79.32
C ASP C 127 -36.24 -12.31 78.12
N ILE C 128 -37.19 -11.38 78.07
CA ILE C 128 -37.28 -10.43 76.97
C ILE C 128 -36.04 -9.55 76.94
N GLU C 129 -35.66 -8.99 78.08
CA GLU C 129 -34.49 -8.11 78.13
C GLU C 129 -33.21 -8.83 77.74
N TRP C 130 -33.05 -10.08 78.20
CA TRP C 130 -31.86 -10.88 77.90
C TRP C 130 -31.82 -11.16 76.41
N HIS C 131 -32.97 -11.52 75.85
CA HIS C 131 -33.06 -11.81 74.43
C HIS C 131 -32.72 -10.60 73.57
N ILE C 132 -33.31 -9.46 73.88
CA ILE C 132 -33.03 -8.26 73.11
C ILE C 132 -31.56 -7.89 73.27
N TYR C 133 -31.07 -7.89 74.49
CA TYR C 133 -29.68 -7.56 74.72
C TYR C 133 -28.76 -8.43 73.87
N GLN C 134 -28.91 -9.74 73.95
CA GLN C 134 -28.06 -10.63 73.16
C GLN C 134 -28.20 -10.36 71.67
N ASP C 135 -29.42 -10.16 71.21
CA ASP C 135 -29.67 -9.87 69.80
C ASP C 135 -28.78 -8.71 69.38
N TRP C 136 -28.82 -7.62 70.13
CA TRP C 136 -28.02 -6.44 69.86
C TRP C 136 -26.54 -6.76 69.81
N HIS C 137 -26.07 -7.28 70.94
CA HIS C 137 -24.68 -7.64 71.12
C HIS C 137 -24.09 -8.47 69.99
N SER C 138 -24.71 -9.61 69.69
CA SER C 138 -24.23 -10.47 68.62
C SER C 138 -24.25 -9.76 67.27
N PHE C 139 -25.29 -8.98 67.03
CA PHE C 139 -25.42 -8.25 65.77
C PHE C 139 -24.30 -7.25 65.57
N LEU C 140 -24.16 -6.30 66.48
CA LEU C 140 -23.12 -5.30 66.32
C LEU C 140 -21.68 -5.85 66.34
N LEU C 141 -21.41 -6.82 67.19
CA LEU C 141 -20.06 -7.37 67.23
C LEU C 141 -19.74 -8.08 65.94
N TRP C 142 -20.78 -8.53 65.24
CA TRP C 142 -20.56 -9.20 63.98
C TRP C 142 -20.27 -8.14 62.92
N GLU C 143 -21.04 -7.06 62.95
CA GLU C 143 -20.85 -5.97 62.00
C GLU C 143 -19.49 -5.32 62.21
N PHE C 144 -19.11 -5.11 63.46
CA PHE C 144 -17.84 -4.48 63.76
C PHE C 144 -16.69 -5.43 64.00
N ALA C 145 -16.94 -6.72 63.80
CA ALA C 145 -15.94 -7.76 64.03
C ALA C 145 -14.49 -7.33 63.78
N SER C 146 -14.20 -6.89 62.57
CA SER C 146 -12.85 -6.50 62.21
C SER C 146 -12.25 -5.34 62.96
N ARG C 147 -13.02 -4.64 63.78
CA ARG C 147 -12.46 -3.50 64.49
C ARG C 147 -12.36 -3.62 66.00
N ILE C 148 -13.02 -4.62 66.57
CA ILE C 148 -13.03 -4.78 68.02
C ILE C 148 -12.07 -5.84 68.53
N THR C 149 -11.29 -6.42 67.64
CA THR C 149 -10.33 -7.47 67.99
C THR C 149 -9.45 -7.19 69.20
N LEU C 150 -9.26 -8.24 70.01
CA LEU C 150 -8.42 -8.18 71.19
C LEU C 150 -7.41 -9.31 71.08
N HIS C 151 -6.21 -9.10 71.59
CA HIS C 151 -5.16 -10.09 71.52
C HIS C 151 -4.99 -10.90 72.79
N GLY C 152 -5.52 -10.40 73.89
CA GLY C 152 -5.39 -11.13 75.14
C GLY C 152 -6.07 -10.47 76.31
N PHE C 153 -6.35 -11.27 77.34
CA PHE C 153 -6.99 -10.80 78.55
C PHE C 153 -6.09 -10.90 79.77
N ILE C 154 -6.07 -9.85 80.58
CA ILE C 154 -5.30 -9.86 81.81
C ILE C 154 -6.38 -10.01 82.87
N TYR C 155 -6.46 -11.19 83.47
CA TYR C 155 -7.47 -11.48 84.47
C TYR C 155 -6.95 -11.28 85.88
N LEU C 156 -7.37 -10.18 86.53
CA LEU C 156 -6.94 -9.93 87.90
C LEU C 156 -7.82 -10.79 88.80
N GLN C 157 -7.35 -12.00 89.09
CA GLN C 157 -8.09 -12.95 89.90
C GLN C 157 -7.85 -12.91 91.40
N ALA C 158 -8.94 -12.98 92.16
CA ALA C 158 -8.90 -12.97 93.61
C ALA C 158 -10.25 -13.49 94.15
N SER C 159 -10.23 -14.02 95.37
CA SER C 159 -11.44 -14.58 95.96
C SER C 159 -12.51 -13.54 96.24
N PRO C 160 -13.76 -13.98 96.24
CA PRO C 160 -14.91 -13.10 96.49
C PRO C 160 -14.75 -12.31 97.78
N GLN C 161 -14.44 -13.01 98.87
CA GLN C 161 -14.29 -12.33 100.16
C GLN C 161 -13.15 -11.31 100.12
N VAL C 162 -12.05 -11.64 99.45
CA VAL C 162 -10.97 -10.66 99.38
C VAL C 162 -11.54 -9.42 98.72
N CYS C 163 -12.27 -9.64 97.63
CA CYS C 163 -12.87 -8.52 96.93
C CYS C 163 -13.87 -7.84 97.85
N LEU C 164 -14.74 -8.62 98.46
CA LEU C 164 -15.73 -8.06 99.36
C LEU C 164 -15.07 -7.14 100.39
N LYS C 165 -13.88 -7.54 100.87
CA LYS C 165 -13.18 -6.74 101.85
C LYS C 165 -12.76 -5.42 101.23
N ARG C 166 -12.12 -5.51 100.07
CA ARG C 166 -11.68 -4.32 99.37
C ARG C 166 -12.88 -3.47 98.98
N LEU C 167 -13.96 -4.13 98.56
CA LEU C 167 -15.15 -3.43 98.15
C LEU C 167 -15.57 -2.50 99.27
N TYR C 168 -15.62 -3.03 100.49
CA TYR C 168 -16.02 -2.25 101.64
C TYR C 168 -14.94 -1.34 102.14
N GLN C 169 -13.70 -1.71 101.88
CA GLN C 169 -12.58 -0.89 102.30
C GLN C 169 -12.72 0.48 101.63
N ARG C 170 -13.21 0.51 100.39
CA ARG C 170 -13.43 1.79 99.71
C ARG C 170 -14.91 2.10 99.87
N ALA C 171 -15.24 3.33 100.25
CA ALA C 171 -16.65 3.71 100.45
C ALA C 171 -17.49 3.34 99.23
N ARG C 172 -17.61 4.28 98.30
CA ARG C 172 -18.39 4.10 97.09
C ARG C 172 -19.84 3.84 97.46
N GLU C 173 -20.61 4.92 97.54
CA GLU C 173 -22.02 4.87 97.88
C GLU C 173 -22.78 3.78 97.13
N GLU C 174 -22.90 3.97 95.83
CA GLU C 174 -23.61 3.04 94.97
C GLU C 174 -23.46 1.60 95.42
N GLU C 175 -22.23 1.21 95.71
CA GLU C 175 -21.91 -0.14 96.10
C GLU C 175 -22.27 -0.61 97.51
N LYS C 176 -22.21 0.29 98.47
CA LYS C 176 -22.52 -0.15 99.83
C LYS C 176 -23.93 -0.71 99.88
N GLY C 177 -24.01 -2.02 99.69
CA GLY C 177 -25.27 -2.72 99.68
C GLY C 177 -25.03 -4.04 98.99
N ILE C 178 -23.88 -4.15 98.34
CA ILE C 178 -23.50 -5.35 97.63
C ILE C 178 -23.20 -6.44 98.64
N GLU C 179 -23.89 -7.58 98.53
CA GLU C 179 -23.67 -8.68 99.46
C GLU C 179 -22.56 -9.57 98.92
N LEU C 180 -22.02 -10.45 99.76
CA LEU C 180 -20.96 -11.35 99.33
C LEU C 180 -21.46 -12.20 98.16
N ALA C 181 -22.70 -12.66 98.27
CA ALA C 181 -23.29 -13.51 97.24
C ALA C 181 -23.12 -12.95 95.82
N TYR C 182 -23.34 -11.65 95.67
CA TYR C 182 -23.23 -11.00 94.36
C TYR C 182 -21.81 -11.14 93.81
N LEU C 183 -20.83 -10.85 94.65
CA LEU C 183 -19.44 -10.96 94.23
C LEU C 183 -19.13 -12.41 93.90
N GLU C 184 -19.73 -13.34 94.64
CA GLU C 184 -19.50 -14.76 94.38
C GLU C 184 -20.01 -15.10 92.99
N GLN C 185 -21.16 -14.53 92.63
CA GLN C 185 -21.76 -14.78 91.31
C GLN C 185 -20.79 -14.32 90.23
N LEU C 186 -20.40 -13.06 90.29
CA LEU C 186 -19.48 -12.48 89.32
C LEU C 186 -18.18 -13.28 89.28
N HIS C 187 -17.72 -13.74 90.44
CA HIS C 187 -16.50 -14.53 90.48
C HIS C 187 -16.73 -15.75 89.61
N GLY C 188 -17.86 -16.42 89.84
CA GLY C 188 -18.19 -17.59 89.06
C GLY C 188 -18.09 -17.31 87.57
N GLN C 189 -18.75 -16.25 87.12
CA GLN C 189 -18.74 -15.90 85.71
C GLN C 189 -17.31 -15.81 85.18
N HIS C 190 -16.45 -15.11 85.90
CA HIS C 190 -15.06 -14.96 85.45
C HIS C 190 -14.37 -16.30 85.36
N GLU C 191 -14.51 -17.09 86.41
CA GLU C 191 -13.88 -18.40 86.42
C GLU C 191 -14.39 -19.28 85.29
N ALA C 192 -15.70 -19.26 85.05
CA ALA C 192 -16.29 -20.07 83.99
C ALA C 192 -15.80 -19.68 82.59
N TRP C 193 -15.61 -18.38 82.37
CA TRP C 193 -15.17 -17.88 81.07
C TRP C 193 -13.67 -17.86 80.85
N LEU C 194 -12.92 -17.23 81.75
CA LEU C 194 -11.48 -17.13 81.59
C LEU C 194 -10.64 -18.31 82.02
N ILE C 195 -11.18 -19.15 82.90
CA ILE C 195 -10.43 -20.30 83.41
C ILE C 195 -10.94 -21.66 82.90
N HIS C 196 -12.11 -22.08 83.34
CA HIS C 196 -12.65 -23.37 82.94
C HIS C 196 -13.23 -23.46 81.52
N LYS C 197 -13.38 -22.32 80.86
CA LYS C 197 -13.94 -22.29 79.50
C LYS C 197 -15.26 -23.07 79.44
N THR C 198 -16.16 -22.81 80.37
CA THR C 198 -17.45 -23.51 80.43
C THR C 198 -18.62 -22.59 80.05
N THR C 199 -18.30 -21.37 79.67
CA THR C 199 -19.31 -20.40 79.27
C THR C 199 -19.47 -20.44 77.76
N LYS C 200 -20.67 -20.77 77.29
CA LYS C 200 -20.90 -20.82 75.85
C LYS C 200 -20.64 -19.46 75.23
N LEU C 201 -19.71 -19.42 74.29
CA LEU C 201 -19.37 -18.17 73.62
C LEU C 201 -20.06 -18.12 72.25
N HIS C 202 -20.26 -16.91 71.72
CA HIS C 202 -20.93 -16.78 70.43
C HIS C 202 -20.10 -16.04 69.41
N PHE C 203 -18.78 -16.06 69.59
CA PHE C 203 -17.89 -15.38 68.66
C PHE C 203 -16.66 -16.24 68.44
N GLU C 204 -16.45 -16.64 67.18
CA GLU C 204 -15.33 -17.51 66.84
C GLU C 204 -14.00 -16.94 67.32
N ALA C 205 -13.83 -15.63 67.23
CA ALA C 205 -12.59 -14.99 67.66
C ALA C 205 -12.32 -15.23 69.15
N LEU C 206 -13.29 -14.86 69.97
CA LEU C 206 -13.22 -14.99 71.41
C LEU C 206 -12.82 -16.39 71.84
N MET C 207 -13.08 -17.37 70.97
CA MET C 207 -12.77 -18.76 71.26
C MET C 207 -11.46 -19.00 71.99
N ASN C 208 -10.34 -18.82 71.28
CA ASN C 208 -9.05 -19.06 71.89
C ASN C 208 -8.18 -17.83 72.01
N ILE C 209 -8.41 -17.03 73.04
CA ILE C 209 -7.60 -15.85 73.22
C ILE C 209 -6.76 -16.08 74.46
N PRO C 210 -5.52 -15.62 74.42
CA PRO C 210 -4.60 -15.77 75.55
C PRO C 210 -5.19 -15.12 76.78
N VAL C 211 -4.91 -15.68 77.94
CA VAL C 211 -5.39 -15.15 79.21
C VAL C 211 -4.26 -15.20 80.23
N LEU C 212 -3.83 -14.03 80.69
CA LEU C 212 -2.79 -13.96 81.69
C LEU C 212 -3.50 -13.96 83.03
N VAL C 213 -3.28 -14.98 83.86
CA VAL C 213 -3.93 -15.02 85.16
C VAL C 213 -3.02 -14.47 86.26
N LEU C 214 -3.37 -13.32 86.81
CA LEU C 214 -2.58 -12.72 87.87
C LEU C 214 -3.29 -12.94 89.18
N ASP C 215 -2.64 -13.62 90.12
CA ASP C 215 -3.26 -13.86 91.42
C ASP C 215 -3.02 -12.68 92.32
N VAL C 216 -4.08 -11.93 92.61
CA VAL C 216 -3.95 -10.77 93.46
C VAL C 216 -4.74 -10.87 94.76
N ASN C 217 -4.66 -12.03 95.41
CA ASN C 217 -5.34 -12.23 96.68
C ASN C 217 -4.59 -11.46 97.75
N ASP C 218 -3.29 -11.33 97.58
CA ASP C 218 -2.45 -10.61 98.52
C ASP C 218 -2.30 -9.18 98.06
N ASP C 219 -2.71 -8.24 98.91
CA ASP C 219 -2.66 -6.82 98.58
C ASP C 219 -1.35 -6.35 97.98
N PHE C 220 -1.28 -6.34 96.66
CA PHE C 220 -0.10 -5.92 95.92
C PHE C 220 -0.09 -4.39 95.92
N SER C 221 -1.19 -3.83 96.41
CA SER C 221 -1.36 -2.39 96.46
C SER C 221 -0.16 -1.68 97.07
N GLU C 222 0.54 -2.34 98.00
CA GLU C 222 1.67 -1.74 98.67
C GLU C 222 3.02 -2.47 98.60
N GLU C 223 3.00 -3.79 98.59
CA GLU C 223 4.24 -4.58 98.54
C GLU C 223 4.98 -4.45 97.22
N VAL C 224 5.96 -3.55 97.19
CA VAL C 224 6.75 -3.30 96.00
C VAL C 224 7.39 -4.54 95.41
N THR C 225 7.43 -5.62 96.19
CA THR C 225 8.01 -6.87 95.71
C THR C 225 7.08 -7.48 94.67
N LYS C 226 5.82 -7.65 95.08
CA LYS C 226 4.80 -8.23 94.22
C LYS C 226 4.48 -7.38 93.00
N GLN C 227 4.58 -6.06 93.13
CA GLN C 227 4.29 -5.17 92.00
C GLN C 227 5.26 -5.43 90.87
N GLU C 228 6.55 -5.45 91.21
CA GLU C 228 7.61 -5.69 90.23
C GLU C 228 7.46 -7.09 89.66
N ASP C 229 6.88 -7.96 90.48
CA ASP C 229 6.66 -9.35 90.13
C ASP C 229 5.47 -9.51 89.17
N LEU C 230 4.51 -8.60 89.27
CA LEU C 230 3.33 -8.62 88.42
C LEU C 230 3.71 -8.06 87.05
N MET C 231 4.25 -6.84 87.04
CA MET C 231 4.66 -6.19 85.79
C MET C 231 5.56 -7.10 84.98
N ARG C 232 6.30 -7.95 85.67
CA ARG C 232 7.19 -8.85 84.97
C ARG C 232 6.36 -9.85 84.18
N GLU C 233 5.38 -10.48 84.84
CA GLU C 233 4.53 -11.45 84.17
C GLU C 233 3.79 -10.79 83.02
N VAL C 234 3.35 -9.56 83.26
CA VAL C 234 2.63 -8.82 82.23
C VAL C 234 3.52 -8.64 81.01
N ASN C 235 4.73 -8.10 81.22
CA ASN C 235 5.65 -7.88 80.13
C ASN C 235 5.94 -9.14 79.33
N THR C 236 6.17 -10.23 80.04
CA THR C 236 6.45 -11.51 79.39
C THR C 236 5.26 -11.93 78.53
N PHE C 237 4.06 -11.76 79.08
CA PHE C 237 2.82 -12.11 78.38
C PHE C 237 2.58 -11.29 77.12
N VAL C 238 2.65 -9.97 77.27
CA VAL C 238 2.44 -9.03 76.16
C VAL C 238 3.42 -9.23 75.01
N LYS C 239 4.70 -9.40 75.33
CA LYS C 239 5.71 -9.58 74.31
C LYS C 239 5.56 -10.84 73.46
N ASN C 240 4.92 -11.86 74.00
CA ASN C 240 4.72 -13.08 73.24
C ASN C 240 3.34 -13.14 72.60
N LEU C 241 2.88 -11.99 72.14
CA LEU C 241 1.58 -11.89 71.48
C LEU C 241 1.72 -11.52 70.01
N GLY D 1 -28.59 2.23 41.26
CA GLY D 1 -28.96 1.96 42.64
C GLY D 1 -30.45 2.13 42.88
N PRO D 2 -31.10 1.16 43.54
CA PRO D 2 -32.53 1.24 43.83
C PRO D 2 -32.88 2.52 44.53
N ARG D 3 -34.11 3.00 44.32
CA ARG D 3 -34.56 4.19 45.01
C ARG D 3 -35.16 3.68 46.31
N ARG D 4 -34.70 4.19 47.44
CA ARG D 4 -35.20 3.76 48.74
C ARG D 4 -36.19 4.80 49.27
N LEU D 5 -37.34 4.33 49.73
CA LEU D 5 -38.35 5.22 50.28
C LEU D 5 -39.04 4.57 51.46
N SER D 6 -39.47 5.37 52.42
CA SER D 6 -40.19 4.83 53.57
C SER D 6 -41.54 5.52 53.72
N ILE D 7 -42.54 4.73 54.08
CA ILE D 7 -43.91 5.21 54.27
C ILE D 7 -44.01 5.65 55.71
N GLU D 8 -44.40 6.90 55.93
CA GLU D 8 -44.54 7.42 57.28
C GLU D 8 -45.98 7.85 57.49
N GLY D 9 -46.46 7.76 58.72
CA GLY D 9 -47.84 8.14 59.00
C GLY D 9 -48.24 7.82 60.42
N ASN D 10 -49.46 8.20 60.80
CA ASN D 10 -49.94 7.95 62.15
C ASN D 10 -50.46 6.54 62.30
N ILE D 11 -50.73 6.15 63.53
CA ILE D 11 -51.26 4.83 63.80
C ILE D 11 -52.58 4.69 63.06
N ALA D 12 -52.81 3.52 62.45
CA ALA D 12 -54.04 3.24 61.73
C ALA D 12 -54.40 4.13 60.53
N VAL D 13 -53.57 5.11 60.18
CA VAL D 13 -53.91 5.97 59.05
C VAL D 13 -54.23 5.13 57.84
N GLY D 14 -53.72 3.90 57.80
CA GLY D 14 -53.97 3.00 56.69
C GLY D 14 -52.73 2.58 55.93
N LYS D 15 -51.59 2.47 56.61
CA LYS D 15 -50.35 2.08 55.97
C LYS D 15 -50.44 0.74 55.27
N SER D 16 -50.79 -0.30 56.01
CA SER D 16 -50.90 -1.64 55.45
C SER D 16 -51.81 -1.71 54.24
N THR D 17 -52.85 -0.89 54.23
CA THR D 17 -53.75 -0.86 53.11
C THR D 17 -53.01 -0.25 51.93
N PHE D 18 -52.41 0.91 52.15
CA PHE D 18 -51.66 1.61 51.12
C PHE D 18 -50.55 0.75 50.52
N VAL D 19 -50.01 -0.17 51.34
CA VAL D 19 -48.94 -1.05 50.86
C VAL D 19 -49.52 -2.13 49.95
N LYS D 20 -50.64 -2.72 50.35
CA LYS D 20 -51.26 -3.75 49.54
C LYS D 20 -51.51 -3.16 48.15
N LEU D 21 -51.95 -1.91 48.13
CA LEU D 21 -52.21 -1.18 46.90
C LEU D 21 -50.91 -1.04 46.10
N LEU D 22 -49.81 -0.70 46.76
CA LEU D 22 -48.52 -0.56 46.08
C LEU D 22 -48.10 -1.89 45.47
N THR D 23 -48.07 -2.92 46.31
CA THR D 23 -47.70 -4.27 45.88
C THR D 23 -48.42 -4.65 44.58
N LYS D 24 -49.72 -4.43 44.55
CA LYS D 24 -50.55 -4.74 43.41
C LYS D 24 -50.21 -3.92 42.17
N THR D 25 -49.97 -2.61 42.35
CA THR D 25 -49.67 -1.74 41.22
C THR D 25 -48.23 -1.81 40.69
N TYR D 26 -47.25 -1.98 41.57
CA TYR D 26 -45.87 -2.05 41.13
C TYR D 26 -45.16 -3.27 41.69
N PRO D 27 -45.41 -4.44 41.09
CA PRO D 27 -44.79 -5.70 41.53
C PRO D 27 -43.26 -5.78 41.53
N GLU D 28 -42.59 -5.06 40.63
CA GLU D 28 -41.12 -5.10 40.61
C GLU D 28 -40.65 -4.51 41.93
N TRP D 29 -41.38 -3.52 42.40
CA TRP D 29 -41.06 -2.86 43.65
C TRP D 29 -40.93 -3.86 44.79
N HIS D 30 -39.96 -3.60 45.68
CA HIS D 30 -39.71 -4.47 46.82
C HIS D 30 -40.13 -3.74 48.09
N VAL D 31 -41.04 -4.36 48.84
CA VAL D 31 -41.49 -3.76 50.08
C VAL D 31 -41.01 -4.53 51.30
N ALA D 32 -40.12 -3.90 52.06
CA ALA D 32 -39.55 -4.50 53.27
C ALA D 32 -40.58 -4.40 54.39
N THR D 33 -41.09 -5.56 54.80
CA THR D 33 -42.10 -5.68 55.84
C THR D 33 -41.80 -5.03 57.21
N GLU D 34 -42.85 -4.56 57.90
CA GLU D 34 -42.73 -3.95 59.23
C GLU D 34 -43.16 -4.91 60.35
N PRO D 35 -42.19 -5.36 61.17
CA PRO D 35 -42.19 -6.29 62.32
C PRO D 35 -43.32 -6.34 63.38
N VAL D 36 -44.50 -5.83 63.07
CA VAL D 36 -45.61 -5.83 64.05
C VAL D 36 -45.98 -7.18 64.67
N ALA D 37 -45.85 -8.26 63.91
CA ALA D 37 -46.20 -9.59 64.42
C ALA D 37 -45.07 -10.15 65.26
N THR D 38 -43.90 -9.53 65.13
CA THR D 38 -42.72 -9.94 65.87
C THR D 38 -42.62 -9.15 67.19
N TRP D 39 -43.55 -8.22 67.41
CA TRP D 39 -43.59 -7.39 68.63
C TRP D 39 -44.68 -7.88 69.61
N GLN D 40 -45.72 -8.49 69.06
CA GLN D 40 -46.84 -9.01 69.84
C GLN D 40 -46.44 -10.37 70.41
N ASN D 41 -45.46 -11.00 69.77
CA ASN D 41 -44.93 -12.30 70.18
C ASN D 41 -43.43 -12.19 69.96
N ILE D 42 -42.67 -12.07 71.05
CA ILE D 42 -41.22 -11.92 70.93
C ILE D 42 -40.46 -13.22 70.59
N GLN D 43 -40.98 -14.37 71.01
CA GLN D 43 -40.32 -15.65 70.70
C GLN D 43 -38.95 -15.76 71.38
N LEU D 56 -41.22 -15.46 73.93
CA LEU D 56 -42.60 -15.39 74.37
C LEU D 56 -42.85 -14.15 75.25
N GLY D 57 -43.89 -13.41 74.87
CA GLY D 57 -44.26 -12.19 75.58
C GLY D 57 -44.63 -11.12 74.55
N ASN D 58 -45.63 -10.29 74.87
CA ASN D 58 -46.04 -9.24 73.95
C ASN D 58 -45.44 -7.91 74.37
N LEU D 59 -44.35 -7.51 73.71
CA LEU D 59 -43.69 -6.25 74.05
C LEU D 59 -44.62 -5.10 73.72
N LEU D 60 -45.29 -5.18 72.57
CA LEU D 60 -46.21 -4.14 72.16
C LEU D 60 -47.24 -3.88 73.26
N ASP D 61 -47.85 -4.93 73.77
CA ASP D 61 -48.85 -4.77 74.81
C ASP D 61 -48.22 -4.11 76.02
N MET D 62 -47.09 -4.66 76.45
CA MET D 62 -46.39 -4.14 77.60
C MET D 62 -46.10 -2.65 77.47
N MET D 63 -45.62 -2.22 76.32
CA MET D 63 -45.31 -0.80 76.14
C MET D 63 -46.56 0.03 76.33
N TYR D 64 -47.70 -0.49 75.88
CA TYR D 64 -48.95 0.26 76.01
C TYR D 64 -49.54 0.23 77.41
N ARG D 65 -49.43 -0.89 78.09
CA ARG D 65 -49.97 -0.98 79.44
C ARG D 65 -49.14 -0.27 80.49
N GLU D 66 -47.81 -0.32 80.36
CA GLU D 66 -46.92 0.34 81.30
C GLU D 66 -45.86 1.12 80.53
N PRO D 67 -46.27 2.17 79.84
CA PRO D 67 -45.37 3.00 79.05
C PRO D 67 -44.15 3.50 79.80
N ALA D 68 -44.32 3.91 81.05
CA ALA D 68 -43.18 4.40 81.81
C ALA D 68 -42.20 3.28 82.13
N ARG D 69 -42.64 2.03 81.98
CA ARG D 69 -41.77 0.90 82.26
C ARG D 69 -41.19 0.20 81.06
N TRP D 70 -41.93 0.16 79.95
CA TRP D 70 -41.41 -0.54 78.79
C TRP D 70 -41.16 0.26 77.53
N SER D 71 -41.40 1.55 77.55
CA SER D 71 -41.19 2.38 76.37
C SER D 71 -39.75 2.29 75.89
N TYR D 72 -38.80 2.55 76.77
CA TYR D 72 -37.41 2.48 76.36
C TYR D 72 -37.10 1.11 75.79
N THR D 73 -37.38 0.05 76.54
CA THR D 73 -37.09 -1.28 76.02
C THR D 73 -37.69 -1.50 74.64
N PHE D 74 -38.95 -1.07 74.47
CA PHE D 74 -39.61 -1.24 73.19
C PHE D 74 -38.84 -0.53 72.07
N GLN D 75 -38.52 0.74 72.32
CA GLN D 75 -37.79 1.54 71.34
C GLN D 75 -36.49 0.90 70.91
N THR D 76 -35.78 0.28 71.85
CA THR D 76 -34.51 -0.37 71.52
C THR D 76 -34.76 -1.58 70.63
N PHE D 77 -35.91 -2.23 70.80
CA PHE D 77 -36.19 -3.39 69.97
C PHE D 77 -36.66 -3.00 68.59
N SER D 78 -37.43 -1.93 68.50
CA SER D 78 -37.93 -1.48 67.21
C SER D 78 -36.83 -0.80 66.42
N PHE D 79 -35.97 -0.05 67.10
CA PHE D 79 -34.88 0.63 66.41
C PHE D 79 -33.95 -0.39 65.78
N LEU D 80 -33.57 -1.40 66.56
CA LEU D 80 -32.69 -2.45 66.06
C LEU D 80 -33.32 -3.10 64.83
N SER D 81 -34.59 -3.44 64.96
CA SER D 81 -35.29 -4.07 63.86
C SER D 81 -35.28 -3.21 62.60
N ARG D 82 -35.68 -1.95 62.74
CA ARG D 82 -35.69 -1.06 61.59
C ARG D 82 -34.30 -0.88 60.98
N LEU D 83 -33.28 -0.87 61.83
CA LEU D 83 -31.90 -0.71 61.36
C LEU D 83 -31.47 -1.94 60.60
N LYS D 84 -31.79 -3.12 61.13
CA LYS D 84 -31.44 -4.38 60.49
C LYS D 84 -31.95 -4.41 59.06
N VAL D 85 -33.26 -4.22 58.90
CA VAL D 85 -33.86 -4.25 57.58
C VAL D 85 -33.27 -3.24 56.60
N GLN D 86 -32.90 -2.06 57.10
CA GLN D 86 -32.34 -1.05 56.21
C GLN D 86 -30.90 -1.38 55.81
N LEU D 87 -30.26 -2.29 56.55
CA LEU D 87 -28.89 -2.68 56.24
C LEU D 87 -28.83 -3.91 55.36
N GLU D 88 -29.93 -4.69 55.32
CA GLU D 88 -29.97 -5.89 54.51
C GLU D 88 -29.67 -5.57 53.05
N PRO D 89 -29.18 -6.55 52.30
CA PRO D 89 -28.86 -6.35 50.88
C PRO D 89 -30.10 -6.42 49.98
N PHE D 90 -30.04 -5.73 48.84
CA PHE D 90 -31.14 -5.73 47.89
C PHE D 90 -31.40 -7.12 47.36
N PRO D 91 -32.67 -7.50 47.17
CA PRO D 91 -32.97 -8.84 46.65
C PRO D 91 -32.50 -8.96 45.19
N GLU D 92 -32.53 -10.17 44.65
CA GLU D 92 -32.12 -10.42 43.25
C GLU D 92 -33.14 -9.79 42.31
N LYS D 93 -34.40 -9.83 42.72
CA LYS D 93 -35.49 -9.26 41.94
C LYS D 93 -35.11 -7.81 41.67
N LEU D 94 -35.17 -7.01 42.72
CA LEU D 94 -34.84 -5.60 42.66
C LEU D 94 -33.60 -5.35 41.81
N LEU D 95 -32.64 -6.27 41.87
CA LEU D 95 -31.38 -6.16 41.12
C LEU D 95 -31.57 -5.92 39.63
N GLN D 96 -32.40 -6.76 39.00
CA GLN D 96 -32.64 -6.68 37.57
C GLN D 96 -33.91 -5.96 37.13
N ALA D 97 -33.92 -4.65 37.27
CA ALA D 97 -35.06 -3.86 36.84
C ALA D 97 -34.42 -2.57 36.36
N ARG D 98 -35.09 -1.89 35.44
CA ARG D 98 -34.54 -0.65 34.91
C ARG D 98 -34.60 0.43 35.98
N LYS D 99 -35.71 0.47 36.70
CA LYS D 99 -35.91 1.43 37.77
C LYS D 99 -36.36 0.68 39.01
N PRO D 100 -35.41 0.17 39.80
CA PRO D 100 -35.68 -0.59 41.03
C PRO D 100 -36.10 0.36 42.13
N VAL D 101 -37.09 -0.08 42.90
CA VAL D 101 -37.60 0.70 44.00
C VAL D 101 -37.74 -0.16 45.24
N GLN D 102 -37.22 0.33 46.37
CA GLN D 102 -37.31 -0.38 47.63
C GLN D 102 -38.14 0.48 48.59
N ILE D 103 -39.19 -0.11 49.14
CA ILE D 103 -40.08 0.62 50.04
C ILE D 103 -40.04 0.07 51.46
N PHE D 104 -39.90 0.96 52.44
CA PHE D 104 -39.86 0.56 53.84
C PHE D 104 -41.08 1.06 54.60
N GLU D 105 -41.63 0.22 55.48
CA GLU D 105 -42.77 0.65 56.30
C GLU D 105 -42.14 1.33 57.50
N ARG D 106 -42.22 2.66 57.52
CA ARG D 106 -41.61 3.48 58.56
C ARG D 106 -40.10 3.28 58.51
N SER D 107 -39.38 4.14 59.21
CA SER D 107 -37.94 4.06 59.13
C SER D 107 -37.18 4.16 60.42
N VAL D 108 -35.86 4.10 60.24
CA VAL D 108 -34.94 4.20 61.32
C VAL D 108 -35.09 5.64 61.86
N TYR D 109 -35.52 6.56 60.99
CA TYR D 109 -35.68 7.95 61.37
C TYR D 109 -36.96 8.24 62.14
N SER D 110 -38.05 7.59 61.75
CA SER D 110 -39.29 7.84 62.47
C SER D 110 -39.24 7.19 63.85
N ASP D 111 -38.42 6.14 63.99
CA ASP D 111 -38.29 5.47 65.29
C ASP D 111 -37.91 6.54 66.31
N ARG D 112 -37.02 7.43 65.91
CA ARG D 112 -36.56 8.48 66.77
C ARG D 112 -37.42 9.72 66.75
N TYR D 113 -37.64 10.28 65.57
CA TYR D 113 -38.42 11.52 65.50
C TYR D 113 -39.91 11.47 65.65
N ILE D 114 -40.49 10.28 65.59
CA ILE D 114 -41.92 10.17 65.77
C ILE D 114 -42.21 9.57 67.14
N PHE D 115 -41.87 8.30 67.33
CA PHE D 115 -42.16 7.69 68.61
C PHE D 115 -41.26 7.99 69.80
N ALA D 116 -39.97 7.66 69.71
CA ALA D 116 -39.08 7.92 70.84
C ALA D 116 -39.28 9.36 71.30
N LYS D 117 -39.08 10.31 70.40
CA LYS D 117 -39.25 11.73 70.73
C LYS D 117 -40.55 11.95 71.47
N ASN D 118 -41.66 11.53 70.88
CA ASN D 118 -42.94 11.73 71.52
C ASN D 118 -43.02 11.04 72.88
N LEU D 119 -42.51 9.81 72.97
CA LEU D 119 -42.55 9.08 74.24
C LEU D 119 -41.81 9.84 75.32
N PHE D 120 -40.80 10.61 74.94
CA PHE D 120 -40.06 11.40 75.92
C PHE D 120 -40.91 12.59 76.33
N GLU D 121 -41.39 13.32 75.33
CA GLU D 121 -42.20 14.50 75.57
C GLU D 121 -43.44 14.23 76.42
N ASN D 122 -44.04 13.05 76.30
CA ASN D 122 -45.23 12.78 77.10
C ASN D 122 -44.92 12.06 78.42
N GLY D 123 -43.63 11.98 78.76
CA GLY D 123 -43.23 11.36 80.01
C GLY D 123 -43.05 9.84 80.11
N SER D 124 -43.20 9.12 79.00
CA SER D 124 -43.05 7.67 79.03
C SER D 124 -41.57 7.27 79.07
N LEU D 125 -40.69 8.15 78.62
CA LEU D 125 -39.25 7.92 78.64
C LEU D 125 -38.62 8.93 79.58
N SER D 126 -37.76 8.45 80.47
CA SER D 126 -37.10 9.34 81.43
C SER D 126 -35.96 10.06 80.74
N ASP D 127 -35.35 11.00 81.44
CA ASP D 127 -34.25 11.75 80.87
C ASP D 127 -33.11 10.82 80.54
N ILE D 128 -32.87 9.87 81.44
CA ILE D 128 -31.80 8.90 81.25
C ILE D 128 -32.09 8.04 80.03
N GLU D 129 -33.30 7.51 79.94
CA GLU D 129 -33.66 6.65 78.81
C GLU D 129 -33.57 7.38 77.48
N TRP D 130 -34.02 8.63 77.45
CA TRP D 130 -34.01 9.46 76.22
C TRP D 130 -32.56 9.71 75.82
N HIS D 131 -31.74 10.03 76.81
CA HIS D 131 -30.33 10.30 76.54
C HIS D 131 -29.60 9.07 76.00
N ILE D 132 -29.79 7.93 76.64
CA ILE D 132 -29.14 6.70 76.17
C ILE D 132 -29.66 6.36 74.78
N TYR D 133 -30.97 6.40 74.60
CA TYR D 133 -31.54 6.11 73.30
C TYR D 133 -30.91 6.96 72.21
N GLN D 134 -30.93 8.28 72.39
CA GLN D 134 -30.35 9.16 71.38
C GLN D 134 -28.88 8.86 71.14
N ASP D 135 -28.13 8.62 72.22
CA ASP D 135 -26.71 8.31 72.12
C ASP D 135 -26.54 7.15 71.13
N TRP D 136 -27.30 6.08 71.35
CA TRP D 136 -27.26 4.90 70.49
C TRP D 136 -27.57 5.25 69.06
N HIS D 137 -28.75 5.79 68.88
CA HIS D 137 -29.26 6.18 67.58
C HIS D 137 -28.29 7.00 66.74
N SER D 138 -27.82 8.12 67.28
CA SER D 138 -26.88 8.97 66.55
C SER D 138 -25.59 8.23 66.23
N PHE D 139 -25.11 7.43 67.18
CA PHE D 139 -23.88 6.67 66.99
C PHE D 139 -24.00 5.68 65.85
N LEU D 140 -24.93 4.75 65.93
CA LEU D 140 -25.04 3.76 64.86
C LEU D 140 -25.40 4.33 63.48
N LEU D 141 -26.27 5.33 63.44
CA LEU D 141 -26.62 5.89 62.14
C LEU D 141 -25.43 6.59 61.52
N TRP D 142 -24.49 7.01 62.36
CA TRP D 142 -23.30 7.66 61.85
C TRP D 142 -22.37 6.58 61.31
N GLU D 143 -22.24 5.48 62.05
CA GLU D 143 -21.39 4.38 61.61
C GLU D 143 -21.94 3.76 60.34
N PHE D 144 -23.26 3.58 60.28
CA PHE D 144 -23.86 2.97 59.11
C PHE D 144 -24.36 3.95 58.07
N ALA D 145 -24.08 5.23 58.29
CA ALA D 145 -24.51 6.29 57.37
C ALA D 145 -24.64 5.88 55.90
N SER D 146 -23.55 5.41 55.31
CA SER D 146 -23.54 5.05 53.91
C SER D 146 -24.45 3.90 53.50
N ARG D 147 -25.06 3.22 54.45
CA ARG D 147 -25.92 2.09 54.07
C ARG D 147 -27.41 2.24 54.35
N ILE D 148 -27.77 3.25 55.13
CA ILE D 148 -29.17 3.43 55.49
C ILE D 148 -29.87 4.52 54.70
N THR D 149 -29.18 5.09 53.72
CA THR D 149 -29.73 6.17 52.90
C THR D 149 -31.13 5.94 52.34
N LEU D 150 -31.93 7.00 52.36
CA LEU D 150 -33.29 6.97 51.84
C LEU D 150 -33.39 8.12 50.84
N HIS D 151 -34.19 7.93 49.80
CA HIS D 151 -34.35 8.95 48.77
C HIS D 151 -35.61 9.78 48.92
N GLY D 152 -36.56 9.29 49.71
CA GLY D 152 -37.78 10.05 49.88
C GLY D 152 -38.76 9.41 50.83
N PHE D 153 -39.68 10.22 51.35
CA PHE D 153 -40.70 9.77 52.27
C PHE D 153 -42.10 9.91 51.69
N ILE D 154 -42.92 8.87 51.86
CA ILE D 154 -44.29 8.92 51.41
C ILE D 154 -45.06 9.07 52.72
N TYR D 155 -45.59 10.27 52.95
CA TYR D 155 -46.30 10.57 54.19
C TYR D 155 -47.81 10.40 54.03
N LEU D 156 -48.37 9.31 54.57
CA LEU D 156 -49.81 9.09 54.50
C LEU D 156 -50.44 9.96 55.58
N GLN D 157 -50.81 11.17 55.21
CA GLN D 157 -51.39 12.14 56.12
C GLN D 157 -52.91 12.13 56.25
N ALA D 158 -53.37 12.21 57.50
CA ALA D 158 -54.79 12.22 57.82
C ALA D 158 -54.98 12.73 59.26
N SER D 159 -56.15 13.30 59.54
CA SER D 159 -56.41 13.84 60.87
C SER D 159 -56.44 12.80 61.96
N PRO D 160 -56.12 13.22 63.19
CA PRO D 160 -56.12 12.33 64.35
C PRO D 160 -57.42 11.57 64.50
N GLN D 161 -58.54 12.29 64.48
CA GLN D 161 -59.84 11.64 64.62
C GLN D 161 -60.10 10.64 63.52
N VAL D 162 -59.72 10.97 62.29
CA VAL D 162 -59.94 10.01 61.21
C VAL D 162 -59.19 8.74 61.59
N CYS D 163 -57.94 8.93 62.04
CA CYS D 163 -57.14 7.78 62.44
C CYS D 163 -57.81 7.11 63.62
N LEU D 164 -58.17 7.89 64.63
CA LEU D 164 -58.81 7.33 65.80
C LEU D 164 -59.99 6.45 65.40
N LYS D 165 -60.74 6.88 64.37
CA LYS D 165 -61.89 6.10 63.92
C LYS D 165 -61.42 4.79 63.35
N ARG D 166 -60.45 4.85 62.45
CA ARG D 166 -59.90 3.66 61.83
C ARG D 166 -59.25 2.78 62.90
N LEU D 167 -58.57 3.43 63.84
CA LEU D 167 -57.90 2.69 64.90
C LEU D 167 -58.90 1.77 65.57
N TYR D 168 -60.06 2.33 65.92
CA TYR D 168 -61.10 1.57 66.59
C TYR D 168 -61.87 0.69 65.65
N GLN D 169 -61.90 1.07 64.37
CA GLN D 169 -62.61 0.28 63.39
C GLN D 169 -61.95 -1.11 63.35
N ARG D 170 -60.63 -1.18 63.52
CA ARG D 170 -59.95 -2.47 63.55
C ARG D 170 -59.76 -2.80 65.03
N ALA D 171 -60.07 -4.03 65.43
CA ALA D 171 -59.93 -4.42 66.84
C ALA D 171 -58.54 -4.09 67.36
N ARG D 172 -57.63 -5.06 67.24
CA ARG D 172 -56.26 -4.91 67.70
C ARG D 172 -56.25 -4.66 69.21
N GLU D 173 -56.17 -5.76 69.96
CA GLU D 173 -56.17 -5.72 71.41
C GLU D 173 -55.22 -4.66 71.97
N GLU D 174 -53.93 -4.88 71.77
CA GLU D 174 -52.91 -3.97 72.25
C GLU D 174 -53.34 -2.52 72.24
N GLU D 175 -53.92 -2.11 71.12
CA GLU D 175 -54.34 -0.74 70.91
C GLU D 175 -55.60 -0.25 71.61
N LYS D 176 -56.57 -1.12 71.78
CA LYS D 176 -57.80 -0.67 72.42
C LYS D 176 -57.49 -0.13 73.80
N GLY D 177 -57.26 1.18 73.85
CA GLY D 177 -56.93 1.86 75.07
C GLY D 177 -56.28 3.17 74.69
N ILE D 178 -55.94 3.27 73.41
CA ILE D 178 -55.31 4.47 72.88
C ILE D 178 -56.33 5.59 72.85
N GLU D 179 -56.03 6.70 73.50
CA GLU D 179 -56.96 7.84 73.52
C GLU D 179 -56.68 8.73 72.32
N LEU D 180 -57.61 9.63 72.02
CA LEU D 180 -57.42 10.54 70.89
C LEU D 180 -56.16 11.36 71.10
N ALA D 181 -55.95 11.81 72.33
CA ALA D 181 -54.79 12.61 72.66
C ALA D 181 -53.47 12.03 72.15
N TYR D 182 -53.29 10.73 72.31
CA TYR D 182 -52.06 10.06 71.88
C TYR D 182 -51.88 10.20 70.37
N LEU D 183 -52.94 9.95 69.61
CA LEU D 183 -52.87 10.07 68.17
C LEU D 183 -52.59 11.52 67.81
N GLU D 184 -53.14 12.45 68.58
CA GLU D 184 -52.90 13.86 68.30
C GLU D 184 -51.42 14.18 68.47
N GLN D 185 -50.81 13.58 69.48
CA GLN D 185 -49.38 13.79 69.74
C GLN D 185 -48.57 13.32 68.54
N LEU D 186 -48.76 12.06 68.16
CA LEU D 186 -48.06 11.49 67.03
C LEU D 186 -48.32 12.30 65.75
N HIS D 187 -49.54 12.79 65.60
CA HIS D 187 -49.86 13.60 64.44
C HIS D 187 -48.93 14.81 64.46
N GLY D 188 -48.86 15.45 65.62
CA GLY D 188 -48.00 16.61 65.76
C GLY D 188 -46.59 16.30 65.29
N GLN D 189 -46.01 15.22 65.81
CA GLN D 189 -44.65 14.84 65.46
C GLN D 189 -44.50 14.75 63.95
N HIS D 190 -45.42 14.08 63.27
CA HIS D 190 -45.33 13.96 61.82
C HIS D 190 -45.37 15.30 61.14
N GLU D 191 -46.34 16.11 61.54
CA GLU D 191 -46.49 17.43 60.95
C GLU D 191 -45.23 18.27 61.17
N ALA D 192 -44.68 18.23 62.38
CA ALA D 192 -43.49 19.01 62.70
C ALA D 192 -42.27 18.59 61.88
N TRP D 193 -42.12 17.29 61.63
CA TRP D 193 -40.99 16.77 60.89
C TRP D 193 -41.13 16.77 59.37
N LEU D 194 -42.20 16.18 58.87
CA LEU D 194 -42.40 16.08 57.43
C LEU D 194 -43.01 17.30 56.73
N ILE D 195 -43.71 18.14 57.47
CA ILE D 195 -44.34 19.32 56.88
C ILE D 195 -43.70 20.66 57.25
N HIS D 196 -43.83 21.06 58.51
CA HIS D 196 -43.27 22.34 58.95
C HIS D 196 -41.76 22.39 59.16
N LYS D 197 -41.11 21.23 59.15
CA LYS D 197 -39.66 21.16 59.35
C LYS D 197 -39.25 21.94 60.63
N THR D 198 -39.95 21.68 61.73
CA THR D 198 -39.67 22.36 63.00
C THR D 198 -39.04 21.42 64.03
N THR D 199 -38.77 20.19 63.61
CA THR D 199 -38.17 19.20 64.49
C THR D 199 -36.66 19.20 64.27
N LYS D 200 -35.90 19.49 65.32
CA LYS D 200 -34.46 19.52 65.19
C LYS D 200 -33.95 18.14 64.77
N LEU D 201 -33.26 18.09 63.64
CA LEU D 201 -32.72 16.84 63.14
C LEU D 201 -31.24 16.75 63.48
N HIS D 202 -30.70 15.53 63.53
CA HIS D 202 -29.29 15.36 63.86
C HIS D 202 -28.52 14.61 62.79
N PHE D 203 -29.02 14.66 61.57
CA PHE D 203 -28.36 13.97 60.47
C PHE D 203 -28.41 14.86 59.22
N GLU D 204 -27.24 15.23 58.72
CA GLU D 204 -27.15 16.10 57.55
C GLU D 204 -27.96 15.57 56.38
N ALA D 205 -27.95 14.26 56.19
CA ALA D 205 -28.69 13.64 55.09
C ALA D 205 -30.19 13.92 55.18
N LEU D 206 -30.75 13.54 56.32
CA LEU D 206 -32.17 13.71 56.60
C LEU D 206 -32.64 15.14 56.33
N MET D 207 -31.72 16.09 56.39
CA MET D 207 -32.05 17.49 56.18
C MET D 207 -33.06 17.76 55.07
N ASN D 208 -32.65 17.57 53.83
CA ASN D 208 -33.55 17.85 52.72
C ASN D 208 -33.90 16.63 51.89
N ILE D 209 -34.87 15.86 52.36
CA ILE D 209 -35.27 14.71 51.61
C ILE D 209 -36.67 14.97 51.10
N PRO D 210 -36.94 14.52 49.87
CA PRO D 210 -38.26 14.72 49.27
C PRO D 210 -39.32 14.07 50.14
N VAL D 211 -40.51 14.67 50.15
CA VAL D 211 -41.63 14.15 50.91
C VAL D 211 -42.89 14.25 50.08
N LEU D 212 -43.46 13.10 49.75
CA LEU D 212 -44.69 13.07 49.00
C LEU D 212 -45.83 13.08 50.02
N VAL D 213 -46.66 14.11 50.00
CA VAL D 213 -47.76 14.17 50.95
C VAL D 213 -49.05 13.66 50.33
N LEU D 214 -49.53 12.51 50.80
CA LEU D 214 -50.77 11.96 50.29
C LEU D 214 -51.87 12.19 51.30
N ASP D 215 -52.92 12.90 50.90
CA ASP D 215 -54.02 13.16 51.82
C ASP D 215 -54.99 12.00 51.81
N VAL D 216 -55.02 11.24 52.89
CA VAL D 216 -55.91 10.10 52.96
C VAL D 216 -56.96 10.22 54.05
N ASN D 217 -57.59 11.39 54.14
CA ASN D 217 -58.65 11.60 55.11
C ASN D 217 -59.89 10.87 54.64
N ASP D 218 -60.05 10.75 53.33
CA ASP D 218 -61.19 10.06 52.75
C ASP D 218 -60.80 8.62 52.47
N ASP D 219 -61.55 7.70 53.07
CA ASP D 219 -61.28 6.27 52.93
C ASP D 219 -61.04 5.82 51.49
N PHE D 220 -59.76 5.78 51.12
CA PHE D 220 -59.35 5.35 49.78
C PHE D 220 -59.38 3.84 49.77
N SER D 221 -59.60 3.27 50.94
CA SER D 221 -59.65 1.82 51.09
C SER D 221 -60.56 1.15 50.07
N GLU D 222 -61.60 1.84 49.64
CA GLU D 222 -62.55 1.27 48.69
C GLU D 222 -62.79 2.01 47.37
N GLU D 223 -62.73 3.34 47.41
CA GLU D 223 -62.97 4.15 46.21
C GLU D 223 -61.88 4.01 45.16
N VAL D 224 -62.11 3.12 44.19
CA VAL D 224 -61.15 2.84 43.13
C VAL D 224 -60.72 4.09 42.38
N THR D 225 -61.45 5.19 42.55
CA THR D 225 -61.09 6.43 41.88
C THR D 225 -59.85 7.02 42.53
N LYS D 226 -59.92 7.16 43.85
CA LYS D 226 -58.84 7.72 44.63
C LYS D 226 -57.60 6.83 44.64
N GLN D 227 -57.78 5.51 44.57
CA GLN D 227 -56.63 4.60 44.56
C GLN D 227 -55.77 4.85 43.35
N GLU D 228 -56.41 4.90 42.17
CA GLU D 228 -55.71 5.13 40.92
C GLU D 228 -55.10 6.51 40.94
N ASP D 229 -55.73 7.39 41.70
CA ASP D 229 -55.30 8.78 41.84
C ASP D 229 -54.07 8.89 42.77
N LEU D 230 -53.97 7.97 43.72
CA LEU D 230 -52.84 7.96 44.64
C LEU D 230 -51.63 7.37 43.93
N MET D 231 -51.77 6.17 43.40
CA MET D 231 -50.68 5.50 42.70
C MET D 231 -50.09 6.39 41.63
N ARG D 232 -50.91 7.28 41.09
CA ARG D 232 -50.44 8.18 40.07
C ARG D 232 -49.45 9.15 40.69
N GLU D 233 -49.82 9.78 41.80
CA GLU D 233 -48.94 10.73 42.48
C GLU D 233 -47.67 10.02 42.90
N VAL D 234 -47.82 8.79 43.38
CA VAL D 234 -46.67 8.01 43.82
C VAL D 234 -45.71 7.81 42.65
N ASN D 235 -46.22 7.31 41.53
CA ASN D 235 -45.39 7.07 40.36
C ASN D 235 -44.65 8.32 39.90
N THR D 236 -45.37 9.44 39.86
CA THR D 236 -44.78 10.70 39.45
C THR D 236 -43.65 11.09 40.39
N PHE D 237 -43.89 10.90 41.69
CA PHE D 237 -42.91 11.23 42.72
C PHE D 237 -41.64 10.38 42.64
N VAL D 238 -41.83 9.06 42.60
CA VAL D 238 -40.73 8.10 42.52
C VAL D 238 -39.86 8.29 41.29
N LYS D 239 -40.47 8.48 40.13
CA LYS D 239 -39.72 8.66 38.90
C LYS D 239 -38.83 9.89 38.86
N ASN D 240 -39.18 10.92 39.62
CA ASN D 240 -38.36 12.12 39.64
C ASN D 240 -37.41 12.14 40.81
N LEU D 241 -36.86 10.97 41.15
CA LEU D 241 -35.92 10.85 42.25
C LEU D 241 -34.54 10.44 41.74
N GLY E 1 21.32 -24.21 -19.83
CA GLY E 1 20.12 -23.65 -19.21
C GLY E 1 20.26 -23.52 -17.69
N PRO E 2 19.90 -22.35 -17.14
CA PRO E 2 20.00 -22.13 -15.70
C PRO E 2 19.28 -23.22 -14.92
N ARG E 3 19.74 -23.49 -13.71
CA ARG E 3 19.08 -24.46 -12.86
C ARG E 3 18.05 -23.66 -12.09
N ARG E 4 16.78 -24.06 -12.17
CA ARG E 4 15.72 -23.34 -11.48
C ARG E 4 15.36 -24.08 -10.20
N LEU E 5 15.26 -23.36 -9.08
CA LEU E 5 14.90 -23.97 -7.81
C LEU E 5 14.04 -23.02 -7.01
N SER E 6 13.14 -23.58 -6.21
CA SER E 6 12.28 -22.73 -5.37
C SER E 6 12.42 -23.15 -3.91
N ILE E 7 12.43 -22.15 -3.04
CA ILE E 7 12.55 -22.34 -1.60
C ILE E 7 11.14 -22.53 -1.07
N GLU E 8 10.90 -23.64 -0.38
CA GLU E 8 9.59 -23.91 0.18
C GLU E 8 9.72 -24.04 1.69
N GLY E 9 8.68 -23.67 2.42
CA GLY E 9 8.73 -23.75 3.87
C GLY E 9 7.51 -23.14 4.53
N ASN E 10 7.43 -23.25 5.84
CA ASN E 10 6.29 -22.70 6.56
C ASN E 10 6.44 -21.21 6.79
N ILE E 11 5.36 -20.59 7.27
CA ILE E 11 5.39 -19.18 7.55
C ILE E 11 6.47 -18.93 8.60
N ALA E 12 7.23 -17.86 8.42
CA ALA E 12 8.27 -17.47 9.36
C ALA E 12 9.42 -18.46 9.61
N VAL E 13 9.43 -19.62 8.95
CA VAL E 13 10.51 -20.58 9.19
C VAL E 13 11.86 -19.90 9.03
N GLY E 14 11.88 -18.79 8.27
CA GLY E 14 13.12 -18.05 8.06
C GLY E 14 13.56 -17.98 6.61
N LYS E 15 12.62 -17.97 5.67
CA LYS E 15 12.95 -17.92 4.26
C LYS E 15 13.80 -16.69 3.89
N SER E 16 13.29 -15.51 4.18
CA SER E 16 14.00 -14.26 3.87
C SER E 16 15.41 -14.24 4.43
N THR E 17 15.59 -14.85 5.59
CA THR E 17 16.91 -14.90 6.18
C THR E 17 17.78 -15.81 5.34
N PHE E 18 17.27 -17.01 5.06
CA PHE E 18 18.00 -17.99 4.25
C PHE E 18 18.37 -17.42 2.88
N VAL E 19 17.55 -16.51 2.37
CA VAL E 19 17.82 -15.92 1.06
C VAL E 19 18.96 -14.92 1.17
N LYS E 20 18.93 -14.07 2.19
CA LYS E 20 20.00 -13.09 2.38
C LYS E 20 21.32 -13.85 2.40
N LEU E 21 21.32 -14.98 3.09
CA LEU E 21 22.49 -15.84 3.19
C LEU E 21 22.90 -16.33 1.80
N LEU E 22 21.94 -16.75 0.98
CA LEU E 22 22.23 -17.22 -0.37
C LEU E 22 22.84 -16.10 -1.19
N THR E 23 22.16 -14.97 -1.24
CA THR E 23 22.62 -13.79 -1.98
C THR E 23 24.09 -13.50 -1.68
N LYS E 24 24.44 -13.50 -0.40
CA LYS E 24 25.79 -13.23 0.05
C LYS E 24 26.79 -14.29 -0.40
N THR E 25 26.43 -15.56 -0.31
CA THR E 25 27.32 -16.64 -0.69
C THR E 25 27.47 -16.90 -2.18
N TYR E 26 26.38 -16.78 -2.94
CA TYR E 26 26.45 -17.02 -4.37
C TYR E 26 25.87 -15.87 -5.17
N PRO E 27 26.63 -14.79 -5.31
CA PRO E 27 26.18 -13.61 -6.06
C PRO E 27 25.78 -13.79 -7.53
N GLU E 28 26.39 -14.76 -8.24
CA GLU E 28 26.02 -14.98 -9.65
C GLU E 28 24.57 -15.42 -9.66
N TRP E 29 24.21 -16.19 -8.64
CA TRP E 29 22.85 -16.68 -8.50
C TRP E 29 21.84 -15.55 -8.57
N HIS E 30 20.71 -15.84 -9.22
CA HIS E 30 19.63 -14.86 -9.37
C HIS E 30 18.45 -15.29 -8.52
N VAL E 31 18.03 -14.41 -7.61
CA VAL E 31 16.90 -14.72 -6.76
C VAL E 31 15.68 -13.87 -7.10
N ALA E 32 14.65 -14.51 -7.64
CA ALA E 32 13.42 -13.83 -8.00
C ALA E 32 12.60 -13.58 -6.74
N THR E 33 12.46 -12.30 -6.41
CA THR E 33 11.75 -11.84 -5.22
C THR E 33 10.29 -12.30 -5.05
N GLU E 34 9.85 -12.46 -3.79
CA GLU E 34 8.47 -12.87 -3.47
C GLU E 34 7.62 -11.69 -3.00
N PRO E 35 6.62 -11.29 -3.82
CA PRO E 35 5.62 -10.20 -3.73
C PRO E 35 4.91 -9.79 -2.43
N VAL E 36 5.46 -10.13 -1.27
CA VAL E 36 4.82 -9.79 0.01
C VAL E 36 4.46 -8.31 0.24
N ALA E 37 5.28 -7.39 -0.29
CA ALA E 37 5.03 -5.96 -0.13
C ALA E 37 3.98 -5.49 -1.12
N THR E 38 3.73 -6.32 -2.13
CA THR E 38 2.76 -6.01 -3.16
C THR E 38 1.37 -6.58 -2.78
N TRP E 39 1.31 -7.29 -1.65
CA TRP E 39 0.06 -7.89 -1.15
C TRP E 39 -0.54 -7.07 0.01
N GLN E 40 0.33 -6.38 0.75
CA GLN E 40 -0.07 -5.55 1.88
C GLN E 40 -0.58 -4.20 1.35
N ASN E 41 -0.15 -3.87 0.14
CA ASN E 41 -0.55 -2.64 -0.53
C ASN E 41 -0.74 -3.04 -2.00
N ILE E 42 -1.99 -3.13 -2.44
CA ILE E 42 -2.27 -3.54 -3.81
C ILE E 42 -2.01 -2.48 -4.88
N GLN E 43 -2.15 -1.20 -4.53
CA GLN E 43 -1.90 -0.12 -5.49
C GLN E 43 -2.88 -0.14 -6.66
N LEU E 56 -4.76 0.37 -3.84
CA LEU E 56 -4.84 0.62 -2.41
C LEU E 56 -5.75 -0.41 -1.70
N GLY E 57 -5.19 -1.01 -0.65
CA GLY E 57 -5.89 -2.02 0.12
C GLY E 57 -4.94 -3.15 0.45
N ASN E 58 -5.06 -3.73 1.65
CA ASN E 58 -4.19 -4.82 2.06
C ASN E 58 -4.90 -6.16 1.85
N LEU E 59 -4.59 -6.84 0.75
CA LEU E 59 -5.23 -8.12 0.47
C LEU E 59 -4.80 -9.14 1.52
N LEU E 60 -3.52 -9.11 1.85
CA LEU E 60 -2.99 -10.03 2.86
C LEU E 60 -3.80 -9.93 4.15
N ASP E 61 -4.01 -8.72 4.62
CA ASP E 61 -4.75 -8.54 5.85
C ASP E 61 -6.16 -9.10 5.68
N MET E 62 -6.81 -8.70 4.59
CA MET E 62 -8.16 -9.14 4.31
C MET E 62 -8.27 -10.67 4.32
N MET E 63 -7.33 -11.35 3.68
CA MET E 63 -7.40 -12.81 3.64
C MET E 63 -7.35 -13.36 5.05
N TYR E 64 -6.55 -12.73 5.92
CA TYR E 64 -6.43 -13.21 7.29
C TYR E 64 -7.61 -12.87 8.17
N ARG E 65 -8.17 -11.69 7.99
CA ARG E 65 -9.31 -11.29 8.81
C ARG E 65 -10.62 -11.97 8.41
N GLU E 66 -10.83 -12.16 7.11
CA GLU E 66 -12.05 -12.82 6.63
C GLU E 66 -11.67 -13.87 5.60
N PRO E 67 -11.02 -14.95 6.06
CA PRO E 67 -10.58 -16.03 5.19
C PRO E 67 -11.68 -16.61 4.31
N ALA E 68 -12.87 -16.78 4.86
CA ALA E 68 -13.96 -17.34 4.06
C ALA E 68 -14.40 -16.37 2.96
N ARG E 69 -14.00 -15.11 3.08
CA ARG E 69 -14.39 -14.12 2.10
C ARG E 69 -13.31 -13.73 1.11
N TRP E 70 -12.05 -13.73 1.54
CA TRP E 70 -10.99 -13.32 0.62
C TRP E 70 -9.93 -14.34 0.25
N SER E 71 -10.04 -15.56 0.77
CA SER E 71 -9.05 -16.58 0.45
C SER E 71 -8.96 -16.83 -1.04
N TYR E 72 -10.08 -17.11 -1.69
CA TYR E 72 -10.05 -17.35 -3.11
C TYR E 72 -9.42 -16.16 -3.83
N THR E 73 -9.95 -14.97 -3.61
CA THR E 73 -9.39 -13.80 -4.28
C THR E 73 -7.89 -13.71 -4.07
N PHE E 74 -7.44 -13.92 -2.85
CA PHE E 74 -6.02 -13.85 -2.55
C PHE E 74 -5.23 -14.85 -3.40
N GLN E 75 -5.69 -16.10 -3.38
CA GLN E 75 -5.02 -17.16 -4.13
C GLN E 75 -4.88 -16.83 -5.60
N THR E 76 -5.91 -16.21 -6.19
CA THR E 76 -5.85 -15.85 -7.60
C THR E 76 -4.81 -14.77 -7.82
N PHE E 77 -4.59 -13.91 -6.84
CA PHE E 77 -3.61 -12.86 -7.01
C PHE E 77 -2.19 -13.38 -6.81
N SER E 78 -2.03 -14.31 -5.88
CA SER E 78 -0.71 -14.86 -5.61
C SER E 78 -0.31 -15.83 -6.70
N PHE E 79 -1.27 -16.61 -7.20
CA PHE E 79 -0.97 -17.57 -8.25
C PHE E 79 -0.50 -16.84 -9.50
N LEU E 80 -1.23 -15.80 -9.89
CA LEU E 80 -0.87 -15.01 -11.05
C LEU E 80 0.54 -14.46 -10.88
N SER E 81 0.80 -13.90 -9.72
CA SER E 81 2.09 -13.33 -9.45
C SER E 81 3.20 -14.37 -9.58
N ARG E 82 3.04 -15.51 -8.91
CA ARG E 82 4.05 -16.55 -8.98
C ARG E 82 4.25 -17.06 -10.40
N LEU E 83 3.16 -17.12 -11.17
CA LEU E 83 3.24 -17.59 -12.55
C LEU E 83 3.98 -16.58 -13.40
N LYS E 84 3.69 -15.31 -13.21
CA LYS E 84 4.35 -14.24 -13.97
C LYS E 84 5.86 -14.34 -13.83
N VAL E 85 6.33 -14.32 -12.59
CA VAL E 85 7.76 -14.39 -12.34
C VAL E 85 8.43 -15.64 -12.91
N GLN E 86 7.74 -16.77 -12.90
CA GLN E 86 8.33 -17.99 -13.44
C GLN E 86 8.37 -17.98 -14.95
N LEU E 87 7.59 -17.10 -15.58
CA LEU E 87 7.57 -17.02 -17.03
C LEU E 87 8.53 -15.95 -17.55
N GLU E 88 8.93 -15.02 -16.69
CA GLU E 88 9.86 -13.98 -17.10
C GLU E 88 11.14 -14.57 -17.65
N PRO E 89 11.84 -13.82 -18.50
CA PRO E 89 13.09 -14.30 -19.10
C PRO E 89 14.29 -14.15 -18.16
N PHE E 90 15.29 -15.01 -18.33
CA PHE E 90 16.49 -14.98 -17.51
C PHE E 90 17.21 -13.65 -17.70
N PRO E 91 17.77 -13.09 -16.61
CA PRO E 91 18.50 -11.82 -16.72
C PRO E 91 19.79 -12.02 -17.53
N GLU E 92 20.45 -10.92 -17.90
CA GLU E 92 21.70 -10.98 -18.67
C GLU E 92 22.81 -11.55 -17.79
N LYS E 93 22.74 -11.22 -16.50
CA LYS E 93 23.72 -11.72 -15.54
C LYS E 93 23.72 -13.23 -15.66
N LEU E 94 22.64 -13.83 -15.19
CA LEU E 94 22.46 -15.27 -15.21
C LEU E 94 22.93 -15.87 -16.54
N LEU E 95 22.71 -15.13 -17.63
CA LEU E 95 23.09 -15.58 -18.97
C LEU E 95 24.55 -16.01 -19.10
N GLN E 96 25.46 -15.16 -18.64
CA GLN E 96 26.89 -15.41 -18.73
C GLN E 96 27.56 -15.95 -17.49
N ALA E 97 27.28 -17.20 -17.17
CA ALA E 97 27.91 -17.85 -16.02
C ALA E 97 28.08 -19.28 -16.48
N ARG E 98 29.05 -19.97 -15.92
CA ARG E 98 29.28 -21.36 -16.29
C ARG E 98 28.16 -22.23 -15.76
N LYS E 99 27.76 -21.96 -14.52
CA LYS E 99 26.67 -22.69 -13.88
C LYS E 99 25.68 -21.68 -13.32
N PRO E 100 24.73 -21.23 -14.14
CA PRO E 100 23.71 -20.26 -13.76
C PRO E 100 22.66 -20.92 -12.88
N VAL E 101 22.24 -20.19 -11.86
CA VAL E 101 21.22 -20.69 -10.96
C VAL E 101 20.17 -19.64 -10.72
N GLN E 102 18.90 -20.03 -10.84
CA GLN E 102 17.79 -19.12 -10.60
C GLN E 102 16.99 -19.67 -9.41
N ILE E 103 16.80 -18.83 -8.40
CA ILE E 103 16.09 -19.22 -7.19
C ILE E 103 14.78 -18.48 -7.01
N PHE E 104 13.71 -19.22 -6.72
CA PHE E 104 12.40 -18.61 -6.51
C PHE E 104 11.93 -18.75 -5.07
N GLU E 105 11.32 -17.71 -4.52
CA GLU E 105 10.79 -17.80 -3.16
C GLU E 105 9.41 -18.38 -3.33
N ARG E 106 9.27 -19.65 -2.97
CA ARG E 106 8.02 -20.39 -3.13
C ARG E 106 7.69 -20.47 -4.60
N SER E 107 6.74 -21.32 -4.95
CA SER E 107 6.44 -21.51 -6.35
C SER E 107 4.99 -21.54 -6.75
N VAL E 108 4.83 -21.74 -8.05
CA VAL E 108 3.54 -21.83 -8.65
C VAL E 108 2.91 -23.12 -8.09
N TYR E 109 3.76 -24.06 -7.69
CA TYR E 109 3.27 -25.34 -7.14
C TYR E 109 2.85 -25.27 -5.69
N SER E 110 3.58 -24.51 -4.88
CA SER E 110 3.19 -24.41 -3.48
C SER E 110 1.92 -23.58 -3.35
N ASP E 111 1.69 -22.69 -4.31
CA ASP E 111 0.48 -21.86 -4.26
C ASP E 111 -0.72 -22.79 -4.16
N ARG E 112 -0.65 -23.88 -4.92
CA ARG E 112 -1.73 -24.84 -4.92
C ARG E 112 -1.61 -25.90 -3.85
N TYR E 113 -0.48 -26.59 -3.80
CA TYR E 113 -0.34 -27.67 -2.83
C TYR E 113 -0.09 -27.33 -1.37
N ILE E 114 0.25 -26.08 -1.10
CA ILE E 114 0.46 -25.70 0.29
C ILE E 114 -0.72 -24.86 0.76
N PHE E 115 -0.85 -23.65 0.21
CA PHE E 115 -1.93 -22.79 0.67
C PHE E 115 -3.34 -23.06 0.15
N ALA E 116 -3.55 -22.98 -1.16
CA ALA E 116 -4.89 -23.21 -1.68
C ALA E 116 -5.45 -24.51 -1.08
N LYS E 117 -4.73 -25.61 -1.29
CA LYS E 117 -5.16 -26.90 -0.75
C LYS E 117 -5.55 -26.77 0.71
N ASN E 118 -4.64 -26.26 1.52
CA ASN E 118 -4.95 -26.12 2.94
C ASN E 118 -6.16 -25.23 3.18
N LEU E 119 -6.24 -24.11 2.47
CA LEU E 119 -7.36 -23.20 2.65
C LEU E 119 -8.69 -23.89 2.36
N PHE E 120 -8.67 -24.88 1.48
CA PHE E 120 -9.89 -25.61 1.18
C PHE E 120 -10.18 -26.56 2.32
N GLU E 121 -9.18 -27.35 2.70
CA GLU E 121 -9.32 -28.31 3.78
C GLU E 121 -9.78 -27.71 5.10
N ASN E 122 -9.39 -26.46 5.38
CA ASN E 122 -9.81 -25.86 6.65
C ASN E 122 -11.08 -25.02 6.51
N GLY E 123 -11.73 -25.10 5.36
CA GLY E 123 -12.97 -24.38 5.14
C GLY E 123 -12.95 -22.92 4.67
N SER E 124 -11.77 -22.38 4.40
CA SER E 124 -11.68 -20.98 3.95
C SER E 124 -12.06 -20.84 2.49
N LEU E 125 -11.95 -21.94 1.73
CA LEU E 125 -12.33 -21.96 0.32
C LEU E 125 -13.51 -22.89 0.16
N SER E 126 -14.54 -22.44 -0.55
CA SER E 126 -15.72 -23.26 -0.76
C SER E 126 -15.44 -24.28 -1.84
N ASP E 127 -16.39 -25.20 -2.07
CA ASP E 127 -16.19 -26.20 -3.09
C ASP E 127 -16.08 -25.55 -4.45
N ILE E 128 -16.91 -24.52 -4.66
CA ILE E 128 -16.90 -23.81 -5.93
C ILE E 128 -15.57 -23.10 -6.12
N GLU E 129 -15.10 -22.39 -5.10
CA GLU E 129 -13.83 -21.68 -5.21
C GLU E 129 -12.65 -22.61 -5.46
N TRP E 130 -12.64 -23.75 -4.77
CA TRP E 130 -11.57 -24.75 -4.90
C TRP E 130 -11.58 -25.31 -6.31
N HIS E 131 -12.78 -25.61 -6.81
CA HIS E 131 -12.93 -26.16 -8.14
C HIS E 131 -12.46 -25.19 -9.21
N ILE E 132 -12.91 -23.93 -9.13
CA ILE E 132 -12.49 -22.94 -10.11
C ILE E 132 -10.99 -22.74 -10.02
N TYR E 133 -10.48 -22.58 -8.81
CA TYR E 133 -9.04 -22.38 -8.65
C TYR E 133 -8.25 -23.51 -9.31
N GLN E 134 -8.57 -24.75 -8.98
CA GLN E 134 -7.86 -25.87 -9.58
C GLN E 134 -7.98 -25.87 -11.10
N ASP E 135 -9.18 -25.60 -11.60
CA ASP E 135 -9.42 -25.56 -13.04
C ASP E 135 -8.39 -24.63 -13.67
N TRP E 136 -8.28 -23.41 -13.13
CA TRP E 136 -7.34 -22.41 -13.62
C TRP E 136 -5.93 -22.92 -13.60
N HIS E 137 -5.50 -23.28 -12.40
CA HIS E 137 -4.16 -23.76 -12.13
C HIS E 137 -3.70 -24.86 -13.09
N SER E 138 -4.47 -25.95 -13.17
CA SER E 138 -4.11 -27.05 -14.05
C SER E 138 -4.07 -26.62 -15.51
N PHE E 139 -5.01 -25.76 -15.91
CA PHE E 139 -5.07 -25.28 -17.28
C PHE E 139 -3.84 -24.48 -17.65
N LEU E 140 -3.57 -23.40 -16.94
CA LEU E 140 -2.41 -22.58 -17.29
C LEU E 140 -1.06 -23.30 -17.16
N LEU E 141 -0.89 -24.12 -16.14
CA LEU E 141 0.38 -24.81 -15.99
C LEU E 141 0.59 -25.79 -17.12
N TRP E 142 -0.51 -26.23 -17.72
CA TRP E 142 -0.40 -27.15 -18.83
C TRP E 142 -0.01 -26.35 -20.08
N GLU E 143 -0.63 -25.19 -20.25
CA GLU E 143 -0.33 -24.34 -21.39
C GLU E 143 1.11 -23.84 -21.30
N PHE E 144 1.53 -23.44 -20.10
CA PHE E 144 2.88 -22.93 -19.93
C PHE E 144 3.90 -23.96 -19.50
N ALA E 145 3.48 -25.22 -19.45
CA ALA E 145 4.36 -26.32 -19.04
C ALA E 145 5.85 -26.12 -19.34
N SER E 146 6.17 -25.95 -20.61
CA SER E 146 7.56 -25.82 -21.04
C SER E 146 8.31 -24.62 -20.51
N ARG E 147 7.64 -23.69 -19.85
CA ARG E 147 8.35 -22.51 -19.37
C ARG E 147 8.45 -22.36 -17.87
N ILE E 148 7.69 -23.14 -17.12
CA ILE E 148 7.70 -23.02 -15.66
C ILE E 148 8.52 -24.08 -14.96
N THR E 149 9.22 -24.90 -15.73
CA THR E 149 10.03 -25.98 -15.16
C THR E 149 10.97 -25.60 -14.03
N LEU E 150 11.04 -26.49 -13.03
CA LEU E 150 11.90 -26.32 -11.88
C LEU E 150 12.76 -27.56 -11.78
N HIS E 151 13.99 -27.41 -11.29
CA HIS E 151 14.90 -28.53 -11.18
C HIS E 151 15.00 -29.10 -9.77
N GLY E 152 14.56 -28.32 -8.79
CA GLY E 152 14.62 -28.82 -7.43
C GLY E 152 14.04 -27.86 -6.40
N PHE E 153 13.68 -28.43 -5.24
CA PHE E 153 13.14 -27.65 -4.15
C PHE E 153 14.04 -27.64 -2.93
N ILE E 154 14.20 -26.46 -2.33
CA ILE E 154 15.00 -26.34 -1.12
C ILE E 154 13.92 -26.15 -0.06
N TYR E 155 13.70 -27.18 0.74
CA TYR E 155 12.68 -27.14 1.79
C TYR E 155 13.24 -26.73 3.14
N LEU E 156 12.99 -25.50 3.57
CA LEU E 156 13.47 -25.05 4.87
C LEU E 156 12.50 -25.61 5.90
N GLN E 157 12.82 -26.78 6.42
CA GLN E 157 11.98 -27.48 7.39
C GLN E 157 12.26 -27.18 8.87
N ALA E 158 11.18 -26.97 9.61
CA ALA E 158 11.25 -26.69 11.04
C ALA E 158 9.87 -26.92 11.67
N SER E 159 9.84 -27.22 12.96
CA SER E 159 8.58 -27.50 13.64
C SER E 159 7.65 -26.30 13.70
N PRO E 160 6.35 -26.57 13.79
CA PRO E 160 5.33 -25.53 13.86
C PRO E 160 5.61 -24.53 14.98
N GLN E 161 5.84 -25.05 16.19
CA GLN E 161 6.11 -24.17 17.32
C GLN E 161 7.35 -23.32 17.09
N VAL E 162 8.39 -23.89 16.51
CA VAL E 162 9.60 -23.09 16.26
C VAL E 162 9.17 -21.94 15.36
N CYS E 163 8.40 -22.27 14.34
CA CYS E 163 7.92 -21.23 13.43
C CYS E 163 7.04 -20.27 14.19
N LEU E 164 6.08 -20.81 14.94
CA LEU E 164 5.19 -19.97 15.72
C LEU E 164 5.98 -18.97 16.55
N LYS E 165 7.11 -19.41 17.11
CA LYS E 165 7.93 -18.53 17.94
C LYS E 165 8.50 -17.42 17.07
N ARG E 166 9.09 -17.81 15.95
CA ARG E 166 9.67 -16.84 15.04
C ARG E 166 8.58 -15.93 14.48
N LEU E 167 7.42 -16.52 14.21
CA LEU E 167 6.31 -15.76 13.66
C LEU E 167 6.03 -14.59 14.58
N TYR E 168 5.94 -14.88 15.87
CA TYR E 168 5.66 -13.85 16.86
C TYR E 168 6.86 -13.00 17.18
N GLN E 169 8.04 -13.56 17.00
CA GLN E 169 9.26 -12.83 17.27
C GLN E 169 9.28 -11.60 16.35
N ARG E 170 8.77 -11.74 15.12
CA ARG E 170 8.70 -10.59 14.22
C ARG E 170 7.26 -10.08 14.31
N ALA E 171 7.10 -8.77 14.43
CA ALA E 171 5.76 -8.19 14.55
C ALA E 171 4.84 -8.67 13.42
N ARG E 172 4.83 -7.90 12.33
CA ARG E 172 4.02 -8.22 11.17
C ARG E 172 2.54 -8.22 11.57
N GLU E 173 1.92 -7.06 11.45
CA GLU E 173 0.53 -6.87 11.79
C GLU E 173 -0.37 -7.97 11.25
N GLU E 174 -0.49 -8.02 9.93
CA GLU E 174 -1.34 -9.00 9.26
C GLU E 174 -1.36 -10.34 9.98
N GLU E 175 -0.18 -10.81 10.34
CA GLU E 175 -0.02 -12.11 10.99
C GLU E 175 -0.41 -12.24 12.44
N LYS E 176 -0.22 -11.19 13.24
CA LYS E 176 -0.56 -11.32 14.64
C LYS E 176 -2.02 -11.69 14.79
N GLY E 177 -2.26 -13.00 14.85
CA GLY E 177 -3.61 -13.52 14.97
C GLY E 177 -3.55 -14.96 14.54
N ILE E 178 -2.43 -15.32 13.94
CA ILE E 178 -2.22 -16.68 13.47
C ILE E 178 -2.04 -17.59 14.67
N GLU E 179 -2.87 -18.63 14.77
CA GLU E 179 -2.76 -19.56 15.89
C GLU E 179 -1.77 -20.67 15.54
N LEU E 180 -1.34 -21.43 16.53
CA LEU E 180 -0.41 -22.52 16.28
C LEU E 180 -1.03 -23.51 15.30
N ALA E 181 -2.31 -23.79 15.48
CA ALA E 181 -3.02 -24.73 14.63
C ALA E 181 -2.82 -24.48 13.14
N TYR E 182 -2.87 -23.21 12.73
CA TYR E 182 -2.71 -22.84 11.32
C TYR E 182 -1.33 -23.25 10.82
N LEU E 183 -0.30 -22.94 11.60
CA LEU E 183 1.05 -23.30 11.22
C LEU E 183 1.17 -24.81 11.16
N GLU E 184 0.48 -25.51 12.07
CA GLU E 184 0.53 -26.96 12.08
C GLU E 184 -0.06 -27.50 10.77
N GLN E 185 -1.13 -26.86 10.31
CA GLN E 185 -1.76 -27.27 9.06
C GLN E 185 -0.77 -27.16 7.91
N LEU E 186 -0.23 -25.96 7.73
CA LEU E 186 0.73 -25.70 6.68
C LEU E 186 1.93 -26.66 6.79
N HIS E 187 2.34 -26.94 8.02
CA HIS E 187 3.46 -27.85 8.22
C HIS E 187 3.06 -29.18 7.61
N GLY E 188 1.86 -29.64 7.94
CA GLY E 188 1.38 -30.89 7.40
C GLY E 188 1.48 -30.91 5.88
N GLN E 189 0.95 -29.88 5.24
CA GLN E 189 0.98 -29.81 3.78
C GLN E 189 2.39 -29.99 3.25
N HIS E 190 3.37 -29.28 3.84
CA HIS E 190 4.73 -29.40 3.37
C HIS E 190 5.26 -30.80 3.54
N GLU E 191 5.04 -31.36 4.72
CA GLU E 191 5.50 -32.71 4.98
C GLU E 191 4.87 -33.71 4.03
N ALA E 192 3.57 -33.59 3.79
CA ALA E 192 2.87 -34.50 2.90
C ALA E 192 3.37 -34.44 1.46
N TRP E 193 3.72 -33.24 1.00
CA TRP E 193 4.19 -33.05 -0.37
C TRP E 193 5.68 -33.26 -0.59
N LEU E 194 6.51 -32.57 0.18
CA LEU E 194 7.95 -32.68 0.00
C LEU E 194 8.65 -33.86 0.67
N ILE E 195 8.02 -34.45 1.69
CA ILE E 195 8.64 -35.57 2.39
C ILE E 195 7.96 -36.93 2.15
N HIS E 196 6.74 -37.10 2.66
CA HIS E 196 6.04 -38.37 2.51
C HIS E 196 5.44 -38.65 1.13
N LYS E 197 5.40 -37.64 0.26
CA LYS E 197 4.83 -37.80 -1.08
C LYS E 197 3.42 -38.41 -1.00
N THR E 198 2.58 -37.87 -0.13
CA THR E 198 1.21 -38.37 0.05
C THR E 198 0.17 -37.41 -0.50
N THR E 199 0.62 -36.33 -1.11
CA THR E 199 -0.27 -35.34 -1.69
C THR E 199 -0.46 -35.63 -3.16
N LYS E 200 -1.70 -35.89 -3.57
CA LYS E 200 -1.96 -36.18 -4.97
C LYS E 200 -1.53 -35.01 -5.84
N LEU E 201 -0.63 -35.26 -6.77
CA LEU E 201 -0.15 -34.21 -7.67
C LEU E 201 -0.85 -34.33 -9.02
N HIS E 202 -0.92 -33.24 -9.77
CA HIS E 202 -1.59 -33.26 -11.06
C HIS E 202 -0.68 -32.84 -12.20
N PHE E 203 0.62 -32.99 -12.01
CA PHE E 203 1.58 -32.62 -13.04
C PHE E 203 2.69 -33.66 -13.10
N GLU E 204 2.81 -34.32 -14.25
CA GLU E 204 3.81 -35.35 -14.43
C GLU E 204 5.21 -34.88 -14.05
N ALA E 205 5.54 -33.64 -14.38
CA ALA E 205 6.86 -33.08 -14.07
C ALA E 205 7.12 -33.08 -12.57
N LEU E 206 6.23 -32.44 -11.84
CA LEU E 206 6.30 -32.31 -10.40
C LEU E 206 6.54 -33.65 -9.71
N MET E 207 6.13 -34.72 -10.38
CA MET E 207 6.27 -36.06 -9.82
C MET E 207 7.57 -36.33 -9.06
N ASN E 208 8.68 -36.41 -9.79
CA ASN E 208 9.94 -36.70 -9.14
C ASN E 208 10.95 -35.59 -9.25
N ILE E 209 10.86 -34.59 -8.39
CA ILE E 209 11.80 -33.51 -8.42
C ILE E 209 12.63 -33.60 -7.16
N PRO E 210 13.93 -33.32 -7.29
CA PRO E 210 14.83 -33.37 -6.14
C PRO E 210 14.35 -32.42 -5.06
N VAL E 211 14.59 -32.79 -3.81
CA VAL E 211 14.20 -31.97 -2.67
C VAL E 211 15.33 -31.97 -1.65
N LEU E 212 15.91 -30.80 -1.43
CA LEU E 212 16.96 -30.67 -0.45
C LEU E 212 16.29 -30.32 0.87
N VAL E 213 16.40 -31.19 1.87
CA VAL E 213 15.78 -30.90 3.15
C VAL E 213 16.77 -30.28 4.13
N LEU E 214 16.56 -29.00 4.46
CA LEU E 214 17.44 -28.32 5.38
C LEU E 214 16.74 -28.20 6.72
N ASP E 215 17.32 -28.77 7.77
CA ASP E 215 16.70 -28.68 9.09
C ASP E 215 17.09 -27.39 9.75
N VAL E 216 16.14 -26.47 9.89
CA VAL E 216 16.43 -25.20 10.50
C VAL E 216 15.67 -24.95 11.79
N ASN E 217 15.61 -25.97 12.65
CA ASN E 217 14.93 -25.84 13.93
C ASN E 217 15.79 -24.97 14.85
N ASP E 218 17.10 -25.04 14.65
CA ASP E 218 18.03 -24.27 15.45
C ASP E 218 18.35 -22.97 14.72
N ASP E 219 18.07 -21.86 15.38
CA ASP E 219 18.29 -20.54 14.79
C ASP E 219 19.65 -20.37 14.12
N PHE E 220 19.68 -20.61 12.82
CA PHE E 220 20.90 -20.48 12.02
C PHE E 220 21.08 -19.00 11.73
N SER E 221 20.08 -18.23 12.10
CA SER E 221 20.10 -16.79 11.87
C SER E 221 21.39 -16.13 12.34
N GLU E 222 22.01 -16.69 13.39
CA GLU E 222 23.23 -16.12 13.94
C GLU E 222 24.47 -17.01 14.01
N GLU E 223 24.28 -18.31 14.24
CA GLU E 223 25.41 -19.23 14.36
C GLU E 223 26.13 -19.45 13.05
N VAL E 224 27.23 -18.70 12.86
CA VAL E 224 28.02 -18.78 11.63
C VAL E 224 28.49 -20.19 11.29
N THR E 225 28.41 -21.09 12.26
CA THR E 225 28.82 -22.47 12.03
C THR E 225 27.81 -23.15 11.13
N LYS E 226 26.54 -23.07 11.55
CA LYS E 226 25.44 -23.68 10.81
C LYS E 226 25.21 -23.04 9.45
N GLN E 227 25.46 -21.74 9.33
CA GLN E 227 25.27 -21.05 8.05
C GLN E 227 26.18 -21.63 6.99
N GLU E 228 27.47 -21.76 7.33
CA GLU E 228 28.47 -22.31 6.43
C GLU E 228 28.14 -23.76 6.14
N ASP E 229 27.47 -24.37 7.10
CA ASP E 229 27.08 -25.77 7.02
C ASP E 229 25.85 -25.95 6.10
N LEU E 230 25.02 -24.93 6.02
CA LEU E 230 23.83 -24.97 5.18
C LEU E 230 24.25 -24.73 3.74
N MET E 231 24.94 -23.61 3.50
CA MET E 231 25.39 -23.26 2.15
C MET E 231 26.15 -24.41 1.53
N ARG E 232 26.80 -25.20 2.36
CA ARG E 232 27.56 -26.32 1.86
C ARG E 232 26.60 -27.34 1.27
N GLU E 233 25.57 -27.72 2.02
CA GLU E 233 24.59 -28.68 1.55
C GLU E 233 23.91 -28.15 0.30
N VAL E 234 23.63 -26.85 0.29
CA VAL E 234 22.99 -26.23 -0.86
C VAL E 234 23.88 -26.40 -2.09
N ASN E 235 25.14 -25.99 -1.98
CA ASN E 235 26.07 -26.09 -3.09
C ASN E 235 26.19 -27.51 -3.63
N THR E 236 26.29 -28.47 -2.73
CA THR E 236 26.39 -29.87 -3.12
C THR E 236 25.14 -30.29 -3.89
N PHE E 237 23.99 -29.87 -3.40
CA PHE E 237 22.70 -30.20 -4.01
C PHE E 237 22.54 -29.60 -5.41
N VAL E 238 22.78 -28.30 -5.52
CA VAL E 238 22.67 -27.57 -6.77
C VAL E 238 23.59 -28.10 -7.86
N LYS E 239 24.85 -28.36 -7.51
CA LYS E 239 25.82 -28.86 -8.47
C LYS E 239 25.49 -30.22 -9.08
N ASN E 240 24.73 -31.04 -8.35
CA ASN E 240 24.38 -32.34 -8.86
C ASN E 240 22.99 -32.36 -9.49
N LEU E 241 22.65 -31.26 -10.17
CA LEU E 241 21.36 -31.12 -10.84
C LEU E 241 21.53 -31.06 -12.35
N GLY F 1 -6.85 -19.87 -43.23
CA GLY F 1 -7.25 -19.82 -41.83
C GLY F 1 -8.71 -19.46 -41.65
N PRO F 2 -9.45 -20.21 -40.83
CA PRO F 2 -10.87 -19.93 -40.60
C PRO F 2 -11.09 -18.50 -40.17
N ARG F 3 -12.25 -17.95 -40.49
CA ARG F 3 -12.59 -16.61 -40.06
C ARG F 3 -13.24 -16.78 -38.70
N ARG F 4 -12.71 -16.10 -37.68
CA ARG F 4 -13.26 -16.21 -36.34
C ARG F 4 -14.13 -15.00 -36.04
N LEU F 5 -15.33 -15.24 -35.52
CA LEU F 5 -16.24 -14.16 -35.18
C LEU F 5 -17.00 -14.48 -33.91
N SER F 6 -17.33 -13.47 -33.13
CA SER F 6 -18.10 -13.69 -31.92
C SER F 6 -19.39 -12.85 -31.94
N ILE F 7 -20.45 -13.45 -31.44
CA ILE F 7 -21.77 -12.82 -31.38
C ILE F 7 -21.82 -12.08 -30.06
N GLU F 8 -22.09 -10.78 -30.11
CA GLU F 8 -22.17 -9.99 -28.88
C GLU F 8 -23.56 -9.38 -28.81
N GLY F 9 -24.05 -9.16 -27.58
CA GLY F 9 -25.37 -8.60 -27.41
C GLY F 9 -25.81 -8.58 -25.97
N ASN F 10 -26.97 -8.02 -25.70
CA ASN F 10 -27.47 -7.93 -24.33
C ASN F 10 -28.15 -9.24 -23.91
N ILE F 11 -28.45 -9.33 -22.63
CA ILE F 11 -29.10 -10.51 -22.12
C ILE F 11 -30.44 -10.67 -22.84
N ALA F 12 -30.77 -11.90 -23.20
CA ALA F 12 -32.04 -12.20 -23.87
C ALA F 12 -32.31 -11.55 -25.23
N VAL F 13 -31.39 -10.74 -25.75
CA VAL F 13 -31.64 -10.09 -27.04
C VAL F 13 -32.04 -11.13 -28.07
N GLY F 14 -31.66 -12.38 -27.84
CA GLY F 14 -32.00 -13.46 -28.76
C GLY F 14 -30.81 -14.15 -29.39
N LYS F 15 -29.69 -14.24 -28.68
CA LYS F 15 -28.48 -14.86 -29.21
C LYS F 15 -28.71 -16.32 -29.63
N SER F 16 -29.17 -17.14 -28.70
CA SER F 16 -29.41 -18.55 -28.97
C SER F 16 -30.33 -18.77 -30.16
N THR F 17 -31.28 -17.86 -30.35
CA THR F 17 -32.18 -17.98 -31.48
C THR F 17 -31.38 -17.70 -32.75
N PHE F 18 -30.66 -16.58 -32.74
CA PHE F 18 -29.84 -16.17 -33.90
C PHE F 18 -28.83 -17.26 -34.27
N VAL F 19 -28.39 -18.03 -33.29
CA VAL F 19 -27.42 -19.10 -33.54
C VAL F 19 -28.10 -20.27 -34.24
N LYS F 20 -29.27 -20.65 -33.74
CA LYS F 20 -30.00 -21.76 -34.35
C LYS F 20 -30.18 -21.45 -35.83
N LEU F 21 -30.50 -20.19 -36.11
CA LEU F 21 -30.69 -19.70 -37.47
C LEU F 21 -29.38 -19.86 -38.26
N LEU F 22 -28.25 -19.50 -37.65
CA LEU F 22 -26.95 -19.63 -38.32
C LEU F 22 -26.67 -21.08 -38.64
N THR F 23 -26.74 -21.93 -37.61
CA THR F 23 -26.52 -23.37 -37.76
C THR F 23 -27.26 -23.93 -38.96
N LYS F 24 -28.54 -23.58 -39.06
CA LYS F 24 -29.40 -24.04 -40.14
C LYS F 24 -28.98 -23.52 -41.51
N THR F 25 -28.61 -22.25 -41.59
CA THR F 25 -28.22 -21.65 -42.86
C THR F 25 -26.80 -21.97 -43.34
N TYR F 26 -25.84 -22.05 -42.43
CA TYR F 26 -24.47 -22.35 -42.82
C TYR F 26 -23.89 -23.50 -42.02
N PRO F 27 -24.26 -24.73 -42.37
CA PRO F 27 -23.78 -25.92 -41.67
C PRO F 27 -22.25 -26.16 -41.63
N GLU F 28 -21.51 -25.71 -42.64
CA GLU F 28 -20.06 -25.89 -42.63
C GLU F 28 -19.52 -25.11 -41.45
N TRP F 29 -20.16 -23.97 -41.19
CA TRP F 29 -19.77 -23.10 -40.10
C TRP F 29 -19.74 -23.87 -38.78
N HIS F 30 -18.75 -23.53 -37.95
CA HIS F 30 -18.59 -24.16 -36.65
C HIS F 30 -18.93 -23.16 -35.55
N VAL F 31 -19.89 -23.51 -34.71
CA VAL F 31 -20.28 -22.63 -33.62
C VAL F 31 -19.87 -23.18 -32.26
N ALA F 32 -18.92 -22.51 -31.63
CA ALA F 32 -18.43 -22.91 -30.31
C ALA F 32 -19.43 -22.48 -29.26
N THR F 33 -20.05 -23.47 -28.64
CA THR F 33 -21.08 -23.27 -27.61
C THR F 33 -20.71 -22.40 -26.39
N GLU F 34 -21.71 -21.70 -25.83
CA GLU F 34 -21.51 -20.84 -24.65
C GLU F 34 -22.03 -21.51 -23.37
N PRO F 35 -21.12 -21.88 -22.45
CA PRO F 35 -21.21 -22.55 -21.14
C PRO F 35 -22.33 -22.27 -20.12
N VAL F 36 -23.46 -21.71 -20.54
CA VAL F 36 -24.56 -21.40 -19.61
C VAL F 36 -25.07 -22.56 -18.74
N ALA F 37 -25.06 -23.77 -19.26
CA ALA F 37 -25.54 -24.93 -18.50
C ALA F 37 -24.46 -25.43 -17.54
N THR F 38 -23.23 -24.96 -17.77
CA THR F 38 -22.10 -25.32 -16.93
C THR F 38 -21.92 -24.31 -15.80
N TRP F 39 -22.75 -23.26 -15.80
CA TRP F 39 -22.71 -22.21 -14.76
C TRP F 39 -23.83 -22.37 -13.73
N GLN F 40 -24.94 -22.97 -14.17
CA GLN F 40 -26.10 -23.21 -13.32
C GLN F 40 -25.84 -24.47 -12.47
N ASN F 41 -24.94 -25.30 -12.96
CA ASN F 41 -24.54 -26.54 -12.28
C ASN F 41 -23.04 -26.63 -12.49
N ILE F 42 -22.27 -26.36 -11.44
CA ILE F 42 -20.81 -26.39 -11.56
C ILE F 42 -20.18 -27.80 -11.62
N GLN F 43 -20.81 -28.78 -10.99
CA GLN F 43 -20.29 -30.15 -11.01
C GLN F 43 -18.93 -30.25 -10.31
N LEU F 56 -21.16 -29.23 -7.91
CA LEU F 56 -22.53 -28.93 -7.51
C LEU F 56 -22.64 -27.53 -6.91
N GLY F 57 -23.61 -26.77 -7.45
CA GLY F 57 -23.85 -25.41 -7.01
C GLY F 57 -24.11 -24.53 -8.24
N ASN F 58 -25.02 -23.57 -8.11
CA ASN F 58 -25.33 -22.68 -9.23
C ASN F 58 -24.58 -21.36 -9.08
N LEU F 59 -23.48 -21.21 -9.79
CA LEU F 59 -22.68 -19.99 -9.70
C LEU F 59 -23.49 -18.83 -10.27
N LEU F 60 -24.16 -19.08 -11.37
CA LEU F 60 -24.98 -18.06 -12.02
C LEU F 60 -25.98 -17.47 -11.01
N ASP F 61 -26.69 -18.34 -10.31
CA ASP F 61 -27.66 -17.87 -9.35
C ASP F 61 -26.96 -17.04 -8.29
N MET F 62 -25.89 -17.61 -7.74
CA MET F 62 -25.15 -16.94 -6.70
C MET F 62 -24.71 -15.54 -7.11
N MET F 63 -24.20 -15.40 -8.33
CA MET F 63 -23.73 -14.09 -8.78
C MET F 63 -24.90 -13.12 -8.77
N TYR F 64 -26.09 -13.60 -9.14
CA TYR F 64 -27.26 -12.72 -9.19
C TYR F 64 -27.83 -12.40 -7.83
N ARG F 65 -27.84 -13.38 -6.93
CA ARG F 65 -28.40 -13.13 -5.60
C ARG F 65 -27.48 -12.31 -4.70
N GLU F 66 -26.18 -12.52 -4.80
CA GLU F 66 -25.22 -11.77 -3.99
C GLU F 66 -24.08 -11.28 -4.88
N PRO F 67 -24.39 -10.35 -5.77
CA PRO F 67 -23.41 -9.79 -6.70
C PRO F 67 -22.14 -9.27 -6.04
N ALA F 68 -22.27 -8.61 -4.90
CA ALA F 68 -21.08 -8.09 -4.24
C ALA F 68 -20.22 -9.22 -3.68
N ARG F 69 -20.78 -10.41 -3.59
CA ARG F 69 -20.04 -11.54 -3.06
C ARG F 69 -19.53 -12.52 -4.08
N TRP F 70 -20.27 -12.72 -5.18
CA TRP F 70 -19.84 -13.69 -6.16
C TRP F 70 -19.50 -13.20 -7.56
N SER F 71 -19.61 -11.90 -7.80
CA SER F 71 -19.31 -11.36 -9.11
C SER F 71 -17.89 -11.68 -9.54
N TYR F 72 -16.92 -11.34 -8.71
CA TYR F 72 -15.54 -11.64 -9.07
C TYR F 72 -15.38 -13.12 -9.36
N THR F 73 -15.76 -13.97 -8.42
CA THR F 73 -15.61 -15.40 -8.64
C THR F 73 -16.24 -15.83 -9.95
N PHE F 74 -17.43 -15.32 -10.24
CA PHE F 74 -18.11 -15.68 -11.48
C PHE F 74 -17.28 -15.29 -12.69
N GLN F 75 -16.83 -14.04 -12.70
CA GLN F 75 -16.03 -13.53 -13.81
C GLN F 75 -14.80 -14.37 -14.07
N THR F 76 -14.16 -14.86 -13.01
CA THR F 76 -12.96 -15.68 -13.18
C THR F 76 -13.34 -17.01 -13.81
N PHE F 77 -14.53 -17.50 -13.54
CA PHE F 77 -14.93 -18.77 -14.12
C PHE F 77 -15.37 -18.63 -15.57
N SER F 78 -16.02 -17.52 -15.87
CA SER F 78 -16.48 -17.29 -17.24
C SER F 78 -15.32 -16.91 -18.14
N PHE F 79 -14.38 -16.13 -17.60
CA PHE F 79 -13.24 -15.71 -18.40
C PHE F 79 -12.41 -16.92 -18.79
N LEU F 80 -12.14 -17.78 -17.82
CA LEU F 80 -11.37 -18.99 -18.07
C LEU F 80 -12.06 -19.82 -19.16
N SER F 81 -13.36 -19.99 -19.00
CA SER F 81 -14.12 -20.77 -19.94
C SER F 81 -14.03 -20.17 -21.36
N ARG F 82 -14.30 -18.88 -21.49
CA ARG F 82 -14.21 -18.25 -22.80
C ARG F 82 -12.81 -18.32 -23.39
N LEU F 83 -11.80 -18.25 -22.55
CA LEU F 83 -10.42 -18.33 -23.02
C LEU F 83 -10.11 -19.73 -23.50
N LYS F 84 -10.55 -20.73 -22.75
CA LYS F 84 -10.32 -22.12 -23.12
C LYS F 84 -10.84 -22.41 -24.52
N VAL F 85 -12.12 -22.12 -24.74
CA VAL F 85 -12.72 -22.37 -26.04
C VAL F 85 -12.04 -21.63 -27.18
N GLN F 86 -11.54 -20.41 -26.94
CA GLN F 86 -10.88 -19.66 -28.00
C GLN F 86 -9.49 -20.21 -28.29
N LEU F 87 -8.95 -21.01 -27.38
CA LEU F 87 -7.62 -21.58 -27.58
C LEU F 87 -7.69 -22.97 -28.18
N GLU F 88 -8.86 -23.63 -28.08
CA GLU F 88 -9.03 -24.96 -28.65
C GLU F 88 -8.70 -24.97 -30.13
N PRO F 89 -8.32 -26.14 -30.66
CA PRO F 89 -7.98 -26.25 -32.08
C PRO F 89 -9.22 -26.37 -32.97
N PHE F 90 -9.09 -25.95 -34.22
CA PHE F 90 -10.19 -26.02 -35.17
C PHE F 90 -10.57 -27.47 -35.41
N PRO F 91 -11.88 -27.75 -35.55
CA PRO F 91 -12.32 -29.12 -35.80
C PRO F 91 -11.87 -29.58 -37.19
N GLU F 92 -12.03 -30.88 -37.49
CA GLU F 92 -11.63 -31.43 -38.79
C GLU F 92 -12.59 -30.92 -39.86
N LYS F 93 -13.86 -30.75 -39.47
CA LYS F 93 -14.87 -30.25 -40.38
C LYS F 93 -14.35 -28.92 -40.92
N LEU F 94 -14.32 -27.92 -40.05
CA LEU F 94 -13.86 -26.59 -40.39
C LEU F 94 -12.60 -26.65 -41.26
N LEU F 95 -11.74 -27.63 -40.98
CA LEU F 95 -10.48 -27.79 -41.72
C LEU F 95 -10.65 -27.84 -43.24
N GLN F 96 -11.55 -28.71 -43.70
CA GLN F 96 -11.80 -28.90 -45.12
C GLN F 96 -12.98 -28.16 -45.72
N ALA F 97 -12.86 -26.86 -45.84
CA ALA F 97 -13.90 -26.05 -46.45
C ALA F 97 -13.14 -24.97 -47.18
N ARG F 98 -13.74 -24.41 -48.22
CA ARG F 98 -13.07 -23.38 -48.99
C ARG F 98 -13.02 -22.09 -48.15
N LYS F 99 -14.12 -21.80 -47.47
CA LYS F 99 -14.21 -20.63 -46.62
C LYS F 99 -14.75 -21.07 -45.27
N PRO F 100 -13.84 -21.50 -44.37
CA PRO F 100 -14.18 -21.95 -43.02
C PRO F 100 -14.52 -20.77 -42.14
N VAL F 101 -15.54 -20.95 -41.32
CA VAL F 101 -15.97 -19.91 -40.41
C VAL F 101 -16.19 -20.49 -39.01
N GLN F 102 -15.61 -19.83 -38.02
CA GLN F 102 -15.78 -20.25 -36.63
C GLN F 102 -16.51 -19.14 -35.89
N ILE F 103 -17.62 -19.50 -35.24
CA ILE F 103 -18.43 -18.52 -34.52
C ILE F 103 -18.45 -18.77 -33.02
N PHE F 104 -18.21 -17.72 -32.24
CA PHE F 104 -18.22 -17.83 -30.78
C PHE F 104 -19.38 -17.07 -30.16
N GLU F 105 -20.01 -17.65 -29.14
CA GLU F 105 -21.09 -16.95 -28.45
C GLU F 105 -20.39 -16.11 -27.40
N ARG F 106 -20.33 -14.81 -27.65
CA ARG F 106 -19.65 -13.85 -26.79
C ARG F 106 -18.17 -14.20 -26.77
N SER F 107 -17.36 -13.30 -26.24
CA SER F 107 -15.94 -13.53 -26.27
C SER F 107 -15.16 -13.26 -25.02
N VAL F 108 -13.87 -13.48 -25.16
CA VAL F 108 -12.93 -13.25 -24.10
C VAL F 108 -12.94 -11.73 -23.88
N TYR F 109 -13.28 -10.97 -24.91
CA TYR F 109 -13.29 -9.51 -24.82
C TYR F 109 -14.53 -8.96 -24.15
N SER F 110 -15.69 -9.55 -24.43
CA SER F 110 -16.90 -9.04 -23.80
C SER F 110 -16.90 -9.40 -22.31
N ASP F 111 -16.20 -10.47 -21.94
CA ASP F 111 -16.13 -10.88 -20.54
C ASP F 111 -15.65 -9.67 -19.75
N ARG F 112 -14.68 -8.98 -20.31
CA ARG F 112 -14.11 -7.81 -19.66
C ARG F 112 -14.84 -6.53 -19.94
N TYR F 113 -15.01 -6.20 -21.21
CA TYR F 113 -15.65 -4.93 -21.55
C TYR F 113 -17.14 -4.80 -21.42
N ILE F 114 -17.84 -5.92 -21.25
CA ILE F 114 -19.27 -5.84 -21.07
C ILE F 114 -19.61 -6.11 -19.62
N PHE F 115 -19.41 -7.34 -19.18
CA PHE F 115 -19.76 -7.65 -17.80
C PHE F 115 -18.83 -7.22 -16.69
N ALA F 116 -17.58 -7.68 -16.68
CA ALA F 116 -16.67 -7.29 -15.61
C ALA F 116 -16.71 -5.78 -15.44
N LYS F 117 -16.43 -5.05 -16.52
CA LYS F 117 -16.45 -3.59 -16.49
C LYS F 117 -17.72 -3.09 -15.83
N ASN F 118 -18.86 -3.51 -16.36
CA ASN F 118 -20.12 -3.06 -15.79
C ASN F 118 -20.26 -3.45 -14.32
N LEU F 119 -19.89 -4.67 -13.97
CA LEU F 119 -19.99 -5.12 -12.59
C LEU F 119 -19.18 -4.24 -11.66
N PHE F 120 -18.10 -3.66 -12.17
CA PHE F 120 -17.28 -2.78 -11.35
C PHE F 120 -18.00 -1.45 -11.21
N GLU F 121 -18.40 -0.88 -12.35
CA GLU F 121 -19.10 0.39 -12.37
C GLU F 121 -20.35 0.43 -11.50
N ASN F 122 -21.07 -0.69 -11.39
CA ASN F 122 -22.27 -0.69 -10.57
C ASN F 122 -22.05 -1.13 -9.14
N GLY F 123 -20.78 -1.28 -8.76
CA GLY F 123 -20.42 -1.67 -7.40
C GLY F 123 -20.40 -3.14 -7.00
N SER F 124 -20.63 -4.05 -7.94
CA SER F 124 -20.62 -5.47 -7.62
C SER F 124 -19.19 -6.00 -7.46
N LEU F 125 -18.23 -5.31 -8.07
CA LEU F 125 -16.82 -5.69 -7.98
C LEU F 125 -16.09 -4.58 -7.24
N SER F 126 -15.28 -4.94 -6.25
CA SER F 126 -14.54 -3.95 -5.48
C SER F 126 -13.33 -3.50 -6.28
N ASP F 127 -12.63 -2.50 -5.77
CA ASP F 127 -11.46 -2.00 -6.48
C ASP F 127 -10.41 -3.09 -6.58
N ILE F 128 -10.26 -3.86 -5.50
CA ILE F 128 -9.30 -4.95 -5.47
C ILE F 128 -9.68 -6.01 -6.50
N GLU F 129 -10.94 -6.42 -6.50
CA GLU F 129 -11.39 -7.44 -7.44
C GLU F 129 -11.22 -7.01 -8.90
N TRP F 130 -11.55 -5.75 -9.19
CA TRP F 130 -11.45 -5.20 -10.54
C TRP F 130 -9.98 -5.19 -10.96
N HIS F 131 -9.13 -4.76 -10.04
CA HIS F 131 -7.71 -4.69 -10.33
C HIS F 131 -7.11 -6.06 -10.62
N ILE F 132 -7.41 -7.03 -9.75
CA ILE F 132 -6.89 -8.38 -9.96
C ILE F 132 -7.44 -8.94 -11.26
N TYR F 133 -8.74 -8.81 -11.47
CA TYR F 133 -9.34 -9.32 -12.69
C TYR F 133 -8.63 -8.76 -13.92
N GLN F 134 -8.51 -7.43 -14.01
CA GLN F 134 -7.85 -6.84 -15.15
C GLN F 134 -6.41 -7.32 -15.31
N ASP F 135 -5.70 -7.42 -14.19
CA ASP F 135 -4.32 -7.88 -14.21
C ASP F 135 -4.27 -9.23 -14.93
N TRP F 136 -5.14 -10.15 -14.52
CA TRP F 136 -5.21 -11.48 -15.11
C TRP F 136 -5.48 -11.40 -16.59
N HIS F 137 -6.61 -10.78 -16.91
CA HIS F 137 -7.09 -10.62 -18.27
C HIS F 137 -6.04 -10.09 -19.24
N SER F 138 -5.45 -8.94 -18.93
CA SER F 138 -4.43 -8.36 -19.79
C SER F 138 -3.22 -9.27 -19.93
N PHE F 139 -2.83 -9.90 -18.82
CA PHE F 139 -1.68 -10.79 -18.84
C PHE F 139 -1.89 -11.99 -19.76
N LEU F 140 -2.91 -12.79 -19.51
CA LEU F 140 -3.13 -13.95 -20.35
C LEU F 140 -3.43 -13.64 -21.82
N LEU F 141 -4.20 -12.59 -22.09
CA LEU F 141 -4.49 -12.26 -23.48
C LEU F 141 -3.24 -11.84 -24.20
N TRP F 142 -2.25 -11.35 -23.45
CA TRP F 142 -1.01 -10.94 -24.06
C TRP F 142 -0.19 -12.19 -24.36
N GLU F 143 -0.17 -13.13 -23.41
CA GLU F 143 0.56 -14.37 -23.59
C GLU F 143 -0.06 -15.18 -24.72
N PHE F 144 -1.39 -15.23 -24.77
CA PHE F 144 -2.05 -16.01 -25.81
C PHE F 144 -2.44 -15.21 -27.03
N ALA F 145 -2.04 -13.95 -27.08
CA ALA F 145 -2.36 -13.06 -28.19
C ALA F 145 -2.54 -13.75 -29.55
N SER F 146 -1.50 -14.43 -30.00
CA SER F 146 -1.52 -15.07 -31.30
C SER F 146 -2.54 -16.18 -31.49
N ARG F 147 -3.23 -16.60 -30.44
CA ARG F 147 -4.18 -17.68 -30.61
C ARG F 147 -5.64 -17.33 -30.39
N ILE F 148 -5.91 -16.15 -29.83
CA ILE F 148 -7.28 -15.75 -29.54
C ILE F 148 -7.87 -14.79 -30.55
N THR F 149 -7.13 -14.50 -31.61
CA THR F 149 -7.57 -13.57 -32.64
C THR F 149 -8.99 -13.77 -33.18
N LEU F 150 -9.68 -12.65 -33.38
CA LEU F 150 -11.03 -12.64 -33.91
C LEU F 150 -11.01 -11.72 -35.13
N HIS F 151 -11.84 -12.03 -36.13
CA HIS F 151 -11.89 -11.23 -37.34
C HIS F 151 -13.05 -10.26 -37.38
N GLY F 152 -14.06 -10.49 -36.53
CA GLY F 152 -15.19 -9.59 -36.53
C GLY F 152 -16.24 -9.93 -35.50
N PHE F 153 -17.05 -8.93 -35.16
CA PHE F 153 -18.13 -9.09 -34.20
C PHE F 153 -19.51 -8.93 -34.82
N ILE F 154 -20.41 -9.82 -34.47
CA ILE F 154 -21.78 -9.73 -34.94
C ILE F 154 -22.53 -9.24 -33.70
N TYR F 155 -22.93 -7.98 -33.71
CA TYR F 155 -23.61 -7.37 -32.59
C TYR F 155 -25.13 -7.42 -32.73
N LEU F 156 -25.79 -8.31 -32.00
CA LEU F 156 -27.25 -8.39 -32.06
C LEU F 156 -27.78 -7.26 -31.18
N GLN F 157 -28.02 -6.11 -31.80
CA GLN F 157 -28.50 -4.93 -31.11
C GLN F 157 -30.01 -4.77 -31.01
N ALA F 158 -30.47 -4.39 -29.81
CA ALA F 158 -31.88 -4.17 -29.53
C ALA F 158 -32.01 -3.36 -28.22
N SER F 159 -33.11 -2.64 -28.08
CA SER F 159 -33.32 -1.81 -26.90
C SER F 159 -33.45 -2.61 -25.62
N PRO F 160 -33.10 -1.99 -24.49
CA PRO F 160 -33.17 -2.61 -23.18
C PRO F 160 -34.55 -3.20 -22.90
N GLN F 161 -35.59 -2.38 -23.09
CA GLN F 161 -36.95 -2.85 -22.85
C GLN F 161 -37.31 -4.03 -23.73
N VAL F 162 -36.90 -4.01 -24.99
CA VAL F 162 -37.22 -5.14 -25.86
C VAL F 162 -36.60 -6.36 -25.22
N CYS F 163 -35.34 -6.22 -24.79
CA CYS F 163 -34.66 -7.33 -24.16
C CYS F 163 -35.38 -7.68 -22.87
N LEU F 164 -35.67 -6.67 -22.05
CA LEU F 164 -36.36 -6.92 -20.80
C LEU F 164 -37.63 -7.74 -21.05
N LYS F 165 -38.33 -7.46 -22.14
CA LYS F 165 -39.55 -8.18 -22.46
C LYS F 165 -39.21 -9.64 -22.73
N ARG F 166 -38.24 -9.84 -23.61
CA ARG F 166 -37.82 -11.19 -23.96
C ARG F 166 -37.26 -11.89 -22.73
N LEU F 167 -36.52 -11.15 -21.92
CA LEU F 167 -35.93 -11.72 -20.73
C LEU F 167 -37.02 -12.37 -19.91
N TYR F 168 -38.11 -11.63 -19.70
CA TYR F 168 -39.22 -12.14 -18.91
C TYR F 168 -40.07 -13.13 -19.67
N GLN F 169 -40.07 -13.00 -20.99
CA GLN F 169 -40.86 -13.90 -21.81
C GLN F 169 -40.34 -15.32 -21.56
N ARG F 170 -39.04 -15.49 -21.35
CA ARG F 170 -38.50 -16.81 -21.05
C ARG F 170 -38.33 -16.85 -19.53
N ALA F 171 -38.76 -17.93 -18.90
CA ALA F 171 -38.66 -18.04 -17.44
C ALA F 171 -37.24 -17.76 -16.96
N ARG F 172 -36.44 -18.82 -16.87
CA ARG F 172 -35.06 -18.71 -16.42
C ARG F 172 -35.03 -18.17 -14.99
N GLU F 173 -35.06 -19.09 -14.04
CA GLU F 173 -35.04 -18.76 -12.62
C GLU F 173 -34.00 -17.71 -12.27
N GLU F 174 -32.73 -18.09 -12.40
CA GLU F 174 -31.63 -17.21 -12.08
C GLU F 174 -31.91 -15.76 -12.41
N GLU F 175 -32.45 -15.53 -13.59
CA GLU F 175 -32.72 -14.19 -14.08
C GLU F 175 -33.92 -13.45 -13.52
N LYS F 176 -34.99 -14.16 -13.19
CA LYS F 176 -36.15 -13.48 -12.68
C LYS F 176 -35.80 -12.69 -11.44
N GLY F 177 -35.43 -11.44 -11.66
CA GLY F 177 -35.04 -10.55 -10.58
C GLY F 177 -34.26 -9.42 -11.21
N ILE F 178 -33.90 -9.61 -12.48
CA ILE F 178 -33.16 -8.62 -13.22
C ILE F 178 -34.07 -7.43 -13.50
N GLU F 179 -33.65 -6.24 -13.08
CA GLU F 179 -34.46 -5.04 -13.31
C GLU F 179 -34.09 -4.45 -14.65
N LEU F 180 -34.92 -3.53 -15.15
CA LEU F 180 -34.65 -2.90 -16.44
C LEU F 180 -33.31 -2.18 -16.38
N ALA F 181 -33.06 -1.52 -15.25
CA ALA F 181 -31.81 -0.78 -15.08
C ALA F 181 -30.55 -1.58 -15.43
N TYR F 182 -30.51 -2.85 -15.01
CA TYR F 182 -29.36 -3.71 -15.27
C TYR F 182 -29.17 -3.89 -16.78
N LEU F 183 -30.25 -4.19 -17.48
CA LEU F 183 -30.16 -4.36 -18.91
C LEU F 183 -29.73 -3.06 -19.56
N GLU F 184 -30.19 -1.94 -19.01
CA GLU F 184 -29.82 -0.63 -19.56
C GLU F 184 -28.32 -0.45 -19.43
N GLN F 185 -27.76 -0.88 -18.30
CA GLN F 185 -26.32 -0.77 -18.06
C GLN F 185 -25.56 -1.55 -19.13
N LEU F 186 -25.88 -2.83 -19.25
CA LEU F 186 -25.24 -3.70 -20.23
C LEU F 186 -25.41 -3.12 -21.65
N HIS F 187 -26.59 -2.56 -21.92
CA HIS F 187 -26.82 -1.98 -23.23
C HIS F 187 -25.78 -0.89 -23.43
N GLY F 188 -25.64 -0.03 -22.42
CA GLY F 188 -24.66 1.04 -22.52
C GLY F 188 -23.29 0.50 -22.88
N GLN F 189 -22.83 -0.51 -22.13
CA GLN F 189 -21.52 -1.09 -22.39
C GLN F 189 -21.37 -1.49 -23.84
N HIS F 190 -22.37 -2.19 -24.38
CA HIS F 190 -22.28 -2.61 -25.78
C HIS F 190 -22.20 -1.44 -26.72
N GLU F 191 -23.07 -0.47 -26.51
CA GLU F 191 -23.08 0.70 -27.36
C GLU F 191 -21.75 1.45 -27.28
N ALA F 192 -21.20 1.60 -26.08
CA ALA F 192 -19.94 2.30 -25.90
C ALA F 192 -18.77 1.62 -26.60
N TRP F 193 -18.75 0.28 -26.58
CA TRP F 193 -17.68 -0.49 -27.18
C TRP F 193 -17.83 -0.78 -28.66
N LEU F 194 -18.95 -1.37 -29.05
CA LEU F 194 -19.15 -1.73 -30.46
C LEU F 194 -19.63 -0.62 -31.40
N ILE F 195 -20.25 0.42 -30.85
CA ILE F 195 -20.76 1.51 -31.67
C ILE F 195 -19.98 2.82 -31.57
N HIS F 196 -20.07 3.49 -30.43
CA HIS F 196 -19.39 4.78 -30.24
C HIS F 196 -17.88 4.71 -30.02
N LYS F 197 -17.34 3.52 -29.79
CA LYS F 197 -15.91 3.35 -29.55
C LYS F 197 -15.43 4.31 -28.44
N THR F 198 -16.15 4.36 -27.33
CA THR F 198 -15.79 5.24 -26.22
C THR F 198 -15.26 4.47 -25.00
N THR F 199 -15.12 3.17 -25.16
CA THR F 199 -14.62 2.32 -24.08
C THR F 199 -13.13 2.12 -24.27
N LYS F 200 -12.35 2.55 -23.29
CA LYS F 200 -10.90 2.40 -23.39
C LYS F 200 -10.53 0.93 -23.52
N LEU F 201 -9.85 0.59 -24.60
CA LEU F 201 -9.45 -0.79 -24.83
C LEU F 201 -7.98 -0.96 -24.45
N HIS F 202 -7.57 -2.19 -24.14
CA HIS F 202 -6.18 -2.43 -23.75
C HIS F 202 -5.50 -3.45 -24.64
N PHE F 203 -5.99 -3.61 -25.86
CA PHE F 203 -5.40 -4.57 -26.78
C PHE F 203 -5.37 -3.95 -28.18
N GLU F 204 -4.16 -3.80 -28.73
CA GLU F 204 -3.99 -3.20 -30.04
C GLU F 204 -4.85 -3.87 -31.10
N ALA F 205 -4.97 -5.20 -31.03
CA ALA F 205 -5.77 -5.94 -32.00
C ALA F 205 -7.23 -5.50 -31.98
N LEU F 206 -7.83 -5.58 -30.81
CA LEU F 206 -9.23 -5.22 -30.59
C LEU F 206 -9.56 -3.85 -31.15
N MET F 207 -8.54 -3.00 -31.27
CA MET F 207 -8.71 -1.64 -31.77
C MET F 207 -9.70 -1.49 -32.92
N ASN F 208 -9.31 -1.98 -34.09
CA ASN F 208 -10.18 -1.84 -35.25
C ASN F 208 -10.65 -3.15 -35.81
N ILE F 209 -11.70 -3.72 -35.23
CA ILE F 209 -12.22 -4.96 -35.74
C ILE F 209 -13.58 -4.66 -36.32
N PRO F 210 -13.90 -5.31 -37.44
CA PRO F 210 -15.20 -5.12 -38.09
C PRO F 210 -16.31 -5.47 -37.12
N VAL F 211 -17.43 -4.76 -37.26
CA VAL F 211 -18.60 -5.00 -36.43
C VAL F 211 -19.85 -4.95 -37.29
N LEU F 212 -20.53 -6.08 -37.38
CA LEU F 212 -21.76 -6.15 -38.14
C LEU F 212 -22.88 -5.82 -37.17
N VAL F 213 -23.60 -4.72 -37.41
CA VAL F 213 -24.69 -4.37 -36.51
C VAL F 213 -26.03 -4.85 -37.05
N LEU F 214 -26.63 -5.83 -36.36
CA LEU F 214 -27.92 -6.36 -36.78
C LEU F 214 -28.98 -5.81 -35.85
N ASP F 215 -29.96 -5.10 -36.41
CA ASP F 215 -31.02 -4.55 -35.58
C ASP F 215 -32.10 -5.59 -35.38
N VAL F 216 -32.20 -6.10 -34.16
CA VAL F 216 -33.21 -7.12 -33.88
C VAL F 216 -34.25 -6.68 -32.86
N ASN F 217 -34.75 -5.45 -33.02
CA ASN F 217 -35.78 -4.95 -32.14
C ASN F 217 -37.10 -5.64 -32.46
N ASP F 218 -37.26 -6.00 -33.73
CA ASP F 218 -38.47 -6.67 -34.18
C ASP F 218 -38.23 -8.16 -34.15
N ASP F 219 -39.06 -8.87 -33.40
CA ASP F 219 -38.94 -10.31 -33.25
C ASP F 219 -38.74 -11.07 -34.55
N PHE F 220 -37.48 -11.31 -34.89
CA PHE F 220 -37.12 -12.04 -36.10
C PHE F 220 -37.32 -13.51 -35.81
N SER F 221 -37.57 -13.81 -34.55
CA SER F 221 -37.77 -15.18 -34.11
C SER F 221 -38.74 -15.95 -35.00
N GLU F 222 -39.72 -15.27 -35.57
CA GLU F 222 -40.72 -15.93 -36.41
C GLU F 222 -40.89 -15.43 -37.84
N GLU F 223 -40.70 -14.14 -38.09
CA GLU F 223 -40.85 -13.58 -39.43
C GLU F 223 -39.78 -14.04 -40.40
N VAL F 224 -40.11 -15.08 -41.17
CA VAL F 224 -39.18 -15.65 -42.14
C VAL F 224 -38.62 -14.62 -43.12
N THR F 225 -39.24 -13.46 -43.19
CA THR F 225 -38.75 -12.41 -44.09
C THR F 225 -37.46 -11.83 -43.54
N LYS F 226 -37.53 -11.42 -42.28
CA LYS F 226 -36.38 -10.83 -41.60
C LYS F 226 -35.24 -11.82 -41.39
N GLN F 227 -35.55 -13.09 -41.20
CA GLN F 227 -34.51 -14.10 -41.01
C GLN F 227 -33.62 -14.19 -42.24
N GLU F 228 -34.25 -14.32 -43.40
CA GLU F 228 -33.54 -14.42 -44.67
C GLU F 228 -32.79 -13.12 -44.92
N ASP F 229 -33.32 -12.05 -44.35
CA ASP F 229 -32.76 -10.72 -44.48
C ASP F 229 -31.53 -10.53 -43.59
N LEU F 230 -31.51 -11.26 -42.46
CA LEU F 230 -30.39 -11.19 -41.53
C LEU F 230 -29.24 -12.03 -42.08
N MET F 231 -29.51 -13.30 -42.37
CA MET F 231 -28.49 -14.19 -42.90
C MET F 231 -27.81 -13.59 -44.12
N ARG F 232 -28.54 -12.76 -44.83
CA ARG F 232 -27.99 -12.15 -46.01
C ARG F 232 -26.89 -11.17 -45.58
N GLU F 233 -27.21 -10.29 -44.63
CA GLU F 233 -26.23 -9.32 -44.14
C GLU F 233 -25.04 -10.05 -43.55
N VAL F 234 -25.31 -11.14 -42.84
CA VAL F 234 -24.25 -11.93 -42.24
C VAL F 234 -23.31 -12.44 -43.32
N ASN F 235 -23.87 -13.11 -44.32
CA ASN F 235 -23.07 -13.67 -45.40
C ASN F 235 -22.21 -12.61 -46.10
N THR F 236 -22.81 -11.46 -46.37
CA THR F 236 -22.10 -10.36 -47.02
C THR F 236 -20.93 -9.92 -46.15
N PHE F 237 -21.19 -9.81 -44.85
CA PHE F 237 -20.18 -9.38 -43.89
C PHE F 237 -19.01 -10.36 -43.77
N VAL F 238 -19.33 -11.63 -43.55
CA VAL F 238 -18.34 -12.69 -43.40
C VAL F 238 -17.44 -12.84 -44.63
N LYS F 239 -18.04 -12.82 -45.82
CA LYS F 239 -17.28 -12.97 -47.05
C LYS F 239 -16.26 -11.88 -47.32
N ASN F 240 -16.50 -10.69 -46.78
CA ASN F 240 -15.57 -9.59 -47.00
C ASN F 240 -14.61 -9.43 -45.83
N LEU F 241 -14.20 -10.55 -45.26
CA LEU F 241 -13.26 -10.55 -44.13
C LEU F 241 -11.94 -11.18 -44.53
N GLY G 1 1.48 22.74 -55.63
CA GLY G 1 0.25 23.16 -54.98
C GLY G 1 0.38 23.21 -53.47
N PRO G 2 -0.06 24.31 -52.83
CA PRO G 2 0.03 24.45 -51.38
C PRO G 2 -0.62 23.28 -50.68
N ARG G 3 -0.14 22.96 -49.48
CA ARG G 3 -0.74 21.89 -48.70
C ARG G 3 -1.83 22.57 -47.89
N ARG G 4 -3.07 22.10 -48.00
CA ARG G 4 -4.17 22.70 -47.27
C ARG G 4 -4.49 21.85 -46.03
N LEU G 5 -4.62 22.50 -44.88
CA LEU G 5 -4.94 21.80 -43.65
C LEU G 5 -5.87 22.63 -42.80
N SER G 6 -6.74 21.96 -42.04
CA SER G 6 -7.64 22.69 -41.16
C SER G 6 -7.48 22.20 -39.71
N ILE G 7 -7.55 23.15 -38.78
CA ILE G 7 -7.41 22.87 -37.36
C ILE G 7 -8.79 22.55 -36.85
N GLU G 8 -8.96 21.39 -36.24
CA GLU G 8 -10.26 21.00 -35.70
C GLU G 8 -10.11 20.79 -34.20
N GLY G 9 -11.19 21.04 -33.45
CA GLY G 9 -11.12 20.87 -32.01
C GLY G 9 -12.39 21.35 -31.32
N ASN G 10 -12.46 21.17 -30.01
CA ASN G 10 -13.64 21.58 -29.27
C ASN G 10 -13.59 23.06 -28.94
N ILE G 11 -14.70 23.58 -28.44
CA ILE G 11 -14.77 24.98 -28.07
C ILE G 11 -13.73 25.23 -27.00
N ALA G 12 -13.03 26.37 -27.11
CA ALA G 12 -12.02 26.76 -26.14
C ALA G 12 -10.80 25.85 -25.95
N VAL G 13 -10.71 24.73 -26.67
CA VAL G 13 -9.57 23.83 -26.49
C VAL G 13 -8.28 24.61 -26.61
N GLY G 14 -8.32 25.76 -27.29
CA GLY G 14 -7.15 26.59 -27.45
C GLY G 14 -6.70 26.79 -28.90
N LYS G 15 -7.64 26.79 -29.83
CA LYS G 15 -7.31 26.95 -31.24
C LYS G 15 -6.55 28.24 -31.53
N SER G 16 -7.15 29.37 -31.16
CA SER G 16 -6.52 30.67 -31.40
C SER G 16 -5.12 30.76 -30.83
N THR G 17 -4.89 30.09 -29.71
CA THR G 17 -3.57 30.10 -29.11
C THR G 17 -2.64 29.30 -30.01
N PHE G 18 -3.06 28.09 -30.36
CA PHE G 18 -2.27 27.22 -31.22
C PHE G 18 -1.94 27.89 -32.56
N VAL G 19 -2.82 28.77 -33.02
CA VAL G 19 -2.59 29.46 -34.28
C VAL G 19 -1.52 30.53 -34.11
N LYS G 20 -1.60 31.31 -33.04
CA LYS G 20 -0.62 32.34 -32.79
C LYS G 20 0.76 31.68 -32.80
N LEU G 21 0.84 30.50 -32.19
CA LEU G 21 2.06 29.74 -32.13
C LEU G 21 2.51 29.36 -33.56
N LEU G 22 1.56 28.92 -34.39
CA LEU G 22 1.90 28.55 -35.77
C LEU G 22 2.43 29.76 -36.51
N THR G 23 1.68 30.85 -36.50
CA THR G 23 2.05 32.09 -37.16
C THR G 23 3.50 32.47 -36.85
N LYS G 24 3.84 32.41 -35.57
CA LYS G 24 5.18 32.75 -35.10
C LYS G 24 6.26 31.79 -35.60
N THR G 25 5.97 30.50 -35.59
CA THR G 25 6.94 29.50 -36.02
C THR G 25 7.10 29.34 -37.54
N TYR G 26 6.01 29.44 -38.29
CA TYR G 26 6.10 29.27 -39.74
C TYR G 26 5.44 30.44 -40.46
N PRO G 27 6.12 31.58 -40.54
CA PRO G 27 5.59 32.78 -41.21
C PRO G 27 5.21 32.65 -42.69
N GLU G 28 5.88 31.78 -43.45
CA GLU G 28 5.54 31.62 -44.87
C GLU G 28 4.13 31.08 -44.92
N TRP G 29 3.81 30.23 -43.95
CA TRP G 29 2.49 29.63 -43.85
C TRP G 29 1.40 30.69 -43.86
N HIS G 30 0.29 30.37 -44.53
CA HIS G 30 -0.84 31.28 -44.62
C HIS G 30 -2.00 30.73 -43.81
N VAL G 31 -2.47 31.51 -42.85
CA VAL G 31 -3.58 31.07 -42.03
C VAL G 31 -4.86 31.87 -42.32
N ALA G 32 -5.84 31.18 -42.89
CA ALA G 32 -7.12 31.80 -43.23
C ALA G 32 -7.96 31.92 -41.96
N THR G 33 -8.17 33.16 -41.55
CA THR G 33 -8.92 33.50 -40.34
C THR G 33 -10.35 32.93 -40.19
N GLU G 34 -10.77 32.65 -38.96
CA GLU G 34 -12.12 32.13 -38.67
C GLU G 34 -13.05 33.23 -38.12
N PRO G 35 -14.07 33.62 -38.93
CA PRO G 35 -15.15 34.62 -38.79
C PRO G 35 -15.88 34.91 -37.46
N VAL G 36 -15.31 34.54 -36.32
CA VAL G 36 -15.98 34.76 -35.02
C VAL G 36 -16.44 36.18 -34.71
N ALA G 37 -15.68 37.19 -35.18
CA ALA G 37 -16.03 38.58 -34.93
C ALA G 37 -17.11 39.04 -35.90
N THR G 38 -17.30 38.26 -36.96
CA THR G 38 -18.29 38.56 -37.97
C THR G 38 -19.63 37.88 -37.63
N TRP G 39 -19.65 37.11 -36.54
CA TRP G 39 -20.85 36.39 -36.08
C TRP G 39 -21.50 37.09 -34.89
N GLN G 40 -20.69 37.79 -34.10
CA GLN G 40 -21.15 38.51 -32.92
C GLN G 40 -21.74 39.86 -33.37
N ASN G 41 -21.34 40.29 -34.56
CA ASN G 41 -21.81 41.53 -35.16
C ASN G 41 -21.98 41.21 -36.64
N ILE G 42 -23.22 41.07 -37.09
CA ILE G 42 -23.47 40.72 -38.48
C ILE G 42 -23.28 41.87 -39.49
N GLN G 43 -23.51 43.11 -39.07
CA GLN G 43 -23.33 44.26 -39.96
C GLN G 43 -24.32 44.23 -41.13
N LEU G 56 -26.23 44.45 -38.30
CA LEU G 56 -26.32 44.60 -36.84
C LEU G 56 -27.15 43.48 -36.22
N GLY G 57 -26.57 42.86 -35.20
CA GLY G 57 -27.21 41.75 -34.50
C GLY G 57 -26.17 40.67 -34.23
N ASN G 58 -26.25 40.01 -33.07
CA ASN G 58 -25.31 38.96 -32.72
C ASN G 58 -25.92 37.59 -33.01
N LEU G 59 -25.56 37.00 -34.15
CA LEU G 59 -26.11 35.70 -34.52
C LEU G 59 -25.62 34.66 -33.53
N LEU G 60 -24.34 34.74 -33.18
CA LEU G 60 -23.75 33.80 -32.24
C LEU G 60 -24.57 33.76 -30.95
N ASP G 61 -24.86 34.93 -30.40
CA ASP G 61 -25.62 34.99 -29.17
C ASP G 61 -26.98 34.34 -29.39
N MET G 62 -27.65 34.76 -30.44
CA MET G 62 -28.96 34.24 -30.76
C MET G 62 -28.98 32.72 -30.84
N MET G 63 -28.00 32.14 -31.52
CA MET G 63 -27.97 30.70 -31.65
C MET G 63 -27.87 30.06 -30.27
N TYR G 64 -27.13 30.68 -29.37
CA TYR G 64 -26.98 30.12 -28.02
C TYR G 64 -28.18 30.33 -27.13
N ARG G 65 -28.82 31.48 -27.23
CA ARG G 65 -29.98 31.76 -26.40
C ARG G 65 -31.24 31.01 -26.85
N GLU G 66 -31.43 30.88 -28.15
CA GLU G 66 -32.60 30.19 -28.68
C GLU G 66 -32.16 29.22 -29.78
N PRO G 67 -31.43 28.17 -29.38
CA PRO G 67 -30.93 27.16 -30.32
C PRO G 67 -31.97 26.57 -31.24
N ALA G 68 -33.16 26.29 -30.70
CA ALA G 68 -34.20 25.70 -31.54
C ALA G 68 -34.70 26.70 -32.58
N ARG G 69 -34.39 27.98 -32.38
CA ARG G 69 -34.84 29.01 -33.30
C ARG G 69 -33.79 29.52 -34.26
N TRP G 70 -32.54 29.58 -33.83
CA TRP G 70 -31.51 30.12 -34.71
C TRP G 70 -30.38 29.20 -35.13
N SER G 71 -30.41 27.94 -34.69
CA SER G 71 -29.35 27.01 -35.07
C SER G 71 -29.24 26.87 -36.57
N TYR G 72 -30.34 26.56 -37.23
CA TYR G 72 -30.29 26.40 -38.67
C TYR G 72 -29.75 27.67 -39.32
N THR G 73 -30.36 28.81 -39.03
CA THR G 73 -29.88 30.05 -39.63
C THR G 73 -28.39 30.23 -39.41
N PHE G 74 -27.93 29.97 -38.19
CA PHE G 74 -26.51 30.12 -37.89
C PHE G 74 -25.66 29.23 -38.79
N GLN G 75 -26.03 27.96 -38.85
CA GLN G 75 -25.30 26.99 -39.65
C GLN G 75 -25.17 27.41 -41.11
N THR G 76 -26.24 28.01 -41.65
CA THR G 76 -26.20 28.45 -43.05
C THR G 76 -25.24 29.61 -43.20
N PHE G 77 -25.08 30.42 -42.16
CA PHE G 77 -24.17 31.54 -42.26
C PHE G 77 -22.72 31.11 -42.10
N SER G 78 -22.49 30.14 -41.22
CA SER G 78 -21.14 29.68 -40.97
C SER G 78 -20.68 28.79 -42.12
N PHE G 79 -21.58 27.99 -42.67
CA PHE G 79 -21.22 27.12 -43.78
C PHE G 79 -20.80 27.95 -44.97
N LEU G 80 -21.60 28.95 -45.29
CA LEU G 80 -21.29 29.83 -46.41
C LEU G 80 -19.92 30.48 -46.21
N SER G 81 -19.70 30.97 -45.01
CA SER G 81 -18.46 31.62 -44.70
C SER G 81 -17.27 30.66 -44.89
N ARG G 82 -17.35 29.48 -44.28
CA ARG G 82 -16.26 28.51 -44.42
C ARG G 82 -16.04 28.10 -45.86
N LEU G 83 -17.12 28.02 -46.64
CA LEU G 83 -17.01 27.64 -48.04
C LEU G 83 -16.34 28.74 -48.84
N LYS G 84 -16.72 29.99 -48.57
CA LYS G 84 -16.13 31.14 -49.26
C LYS G 84 -14.62 31.13 -49.11
N VAL G 85 -14.15 31.11 -47.87
CA VAL G 85 -12.72 31.12 -47.62
C VAL G 85 -11.97 29.96 -48.25
N GLN G 86 -12.58 28.79 -48.33
CA GLN G 86 -11.91 27.64 -48.92
C GLN G 86 -11.87 27.74 -50.45
N LEU G 87 -12.70 28.61 -51.02
CA LEU G 87 -12.72 28.78 -52.47
C LEU G 87 -11.84 29.93 -52.91
N GLU G 88 -11.50 30.84 -51.99
CA GLU G 88 -10.65 31.97 -52.33
C GLU G 88 -9.34 31.50 -52.92
N PRO G 89 -8.67 32.35 -53.72
CA PRO G 89 -7.40 31.99 -54.34
C PRO G 89 -6.22 32.16 -53.37
N PHE G 90 -5.16 31.39 -53.60
CA PHE G 90 -3.97 31.45 -52.76
C PHE G 90 -3.33 32.83 -52.87
N PRO G 91 -2.82 33.35 -51.75
CA PRO G 91 -2.18 34.67 -51.78
C PRO G 91 -0.88 34.62 -52.60
N GLU G 92 -0.29 35.78 -52.89
CA GLU G 92 0.97 35.86 -53.66
C GLU G 92 2.10 35.31 -52.81
N LYS G 93 2.02 35.56 -51.50
CA LYS G 93 3.03 35.07 -50.57
C LYS G 93 3.13 33.56 -50.78
N LEU G 94 2.08 32.87 -50.35
CA LEU G 94 2.01 31.42 -50.46
C LEU G 94 2.53 30.94 -51.83
N LEU G 95 2.25 31.72 -52.87
CA LEU G 95 2.66 31.38 -54.24
C LEU G 95 4.14 31.06 -54.38
N GLN G 96 4.99 31.95 -53.86
CA GLN G 96 6.44 31.79 -53.97
C GLN G 96 7.15 31.23 -52.76
N ALA G 97 6.96 29.94 -52.51
CA ALA G 97 7.62 29.28 -51.40
C ALA G 97 7.89 27.89 -51.95
N ARG G 98 8.90 27.23 -51.42
CA ARG G 98 9.23 25.89 -51.89
C ARG G 98 8.17 24.91 -51.41
N LYS G 99 7.74 25.09 -50.16
CA LYS G 99 6.72 24.24 -49.57
C LYS G 99 5.66 25.14 -48.94
N PRO G 100 4.68 25.58 -49.74
CA PRO G 100 3.59 26.46 -49.31
C PRO G 100 2.60 25.67 -48.49
N VAL G 101 2.11 26.30 -47.43
CA VAL G 101 1.14 25.67 -46.55
C VAL G 101 0.01 26.65 -46.25
N GLN G 102 -1.22 26.18 -46.41
CA GLN G 102 -2.40 26.98 -46.11
C GLN G 102 -3.15 26.31 -44.98
N ILE G 103 -3.40 27.08 -43.92
CA ILE G 103 -4.08 26.56 -42.73
C ILE G 103 -5.45 27.20 -42.51
N PHE G 104 -6.46 26.38 -42.28
CA PHE G 104 -7.81 26.89 -42.03
C PHE G 104 -8.27 26.62 -40.61
N GLU G 105 -8.95 27.58 -39.99
CA GLU G 105 -9.46 27.37 -38.64
C GLU G 105 -10.81 26.71 -38.86
N ARG G 106 -10.87 25.42 -38.57
CA ARG G 106 -12.06 24.60 -38.79
C ARG G 106 -12.38 24.59 -40.26
N SER G 107 -13.27 23.70 -40.67
CA SER G 107 -13.56 23.57 -42.09
C SER G 107 -15.00 23.47 -42.50
N VAL G 108 -15.14 23.34 -43.79
CA VAL G 108 -16.42 23.20 -44.40
C VAL G 108 -16.96 21.85 -43.92
N TYR G 109 -16.06 20.93 -43.58
CA TYR G 109 -16.45 19.60 -43.13
C TYR G 109 -16.88 19.56 -41.68
N SER G 110 -16.21 20.30 -40.82
CA SER G 110 -16.60 20.29 -39.41
C SER G 110 -17.92 21.03 -39.23
N ASP G 111 -18.22 21.96 -40.14
CA ASP G 111 -19.48 22.70 -40.05
C ASP G 111 -20.61 21.68 -40.01
N ARG G 112 -20.47 20.65 -40.83
CA ARG G 112 -21.48 19.61 -40.90
C ARG G 112 -21.29 18.50 -39.89
N TYR G 113 -20.11 17.89 -39.88
CA TYR G 113 -19.91 16.77 -38.98
C TYR G 113 -19.68 17.03 -37.51
N ILE G 114 -19.43 18.28 -37.15
CA ILE G 114 -19.25 18.59 -35.74
C ILE G 114 -20.47 19.32 -35.24
N PHE G 115 -20.68 20.54 -35.70
CA PHE G 115 -21.82 21.29 -35.20
C PHE G 115 -23.21 20.97 -35.74
N ALA G 116 -23.43 21.11 -37.04
CA ALA G 116 -24.76 20.83 -37.58
C ALA G 116 -25.22 19.47 -37.07
N LYS G 117 -24.43 18.43 -37.32
CA LYS G 117 -24.76 17.08 -36.88
C LYS G 117 -25.17 17.09 -35.42
N ASN G 118 -24.29 17.61 -34.57
CA ASN G 118 -24.61 17.64 -33.16
C ASN G 118 -25.88 18.43 -32.85
N LEU G 119 -26.04 19.59 -33.50
CA LEU G 119 -27.22 20.40 -33.27
C LEU G 119 -28.49 19.64 -33.60
N PHE G 120 -28.41 18.72 -34.55
CA PHE G 120 -29.58 17.92 -34.90
C PHE G 120 -29.81 16.89 -33.81
N GLU G 121 -28.75 16.14 -33.49
CA GLU G 121 -28.83 15.11 -32.47
C GLU G 121 -29.32 15.61 -31.12
N ASN G 122 -29.02 16.85 -30.75
CA ASN G 122 -29.48 17.35 -29.46
C ASN G 122 -30.80 18.10 -29.54
N GLY G 123 -31.45 18.05 -30.70
CA GLY G 123 -32.74 18.69 -30.89
C GLY G 123 -32.81 20.17 -31.26
N SER G 124 -31.67 20.83 -31.48
CA SER G 124 -31.68 22.23 -31.86
C SER G 124 -32.07 22.44 -33.31
N LEU G 125 -31.89 21.41 -34.13
CA LEU G 125 -32.26 21.45 -35.55
C LEU G 125 -33.38 20.45 -35.77
N SER G 126 -34.43 20.86 -36.45
CA SER G 126 -35.56 19.98 -36.71
C SER G 126 -35.21 19.05 -37.87
N ASP G 127 -36.08 18.09 -38.15
CA ASP G 127 -35.81 17.17 -39.23
C ASP G 127 -35.75 17.91 -40.54
N ILE G 128 -36.65 18.88 -40.70
CA ILE G 128 -36.69 19.68 -41.92
C ILE G 128 -35.40 20.48 -42.06
N GLU G 129 -34.98 21.16 -41.00
CA GLU G 129 -33.77 21.96 -41.05
C GLU G 129 -32.53 21.12 -41.35
N TRP G 130 -32.44 19.94 -40.73
CA TRP G 130 -31.30 19.05 -40.93
C TRP G 130 -31.28 18.57 -42.38
N HIS G 131 -32.45 18.22 -42.89
CA HIS G 131 -32.56 17.73 -44.25
C HIS G 131 -32.16 18.81 -45.26
N ILE G 132 -32.69 20.02 -45.10
CA ILE G 132 -32.34 21.10 -46.01
C ILE G 132 -30.85 21.40 -45.91
N TYR G 133 -30.36 21.51 -44.68
CA TYR G 133 -28.94 21.79 -44.50
C TYR G 133 -28.09 20.78 -45.23
N GLN G 134 -28.30 19.49 -44.97
CA GLN G 134 -27.52 18.46 -45.64
C GLN G 134 -27.64 18.54 -47.16
N ASP G 135 -28.86 18.76 -47.65
CA ASP G 135 -29.09 18.87 -49.08
C ASP G 135 -28.14 19.92 -49.66
N TRP G 136 -28.11 21.10 -49.04
CA TRP G 136 -27.24 22.19 -49.46
C TRP G 136 -25.79 21.78 -49.46
N HIS G 137 -25.34 21.38 -48.29
CA HIS G 137 -23.98 20.96 -48.04
C HIS G 137 -23.44 19.96 -49.06
N SER G 138 -24.12 18.83 -49.21
CA SER G 138 -23.69 17.82 -50.16
C SER G 138 -23.69 18.34 -51.59
N PHE G 139 -24.69 19.14 -51.94
CA PHE G 139 -24.78 19.71 -53.28
C PHE G 139 -23.60 20.61 -53.60
N LEU G 140 -23.41 21.67 -52.82
CA LEU G 140 -22.31 22.57 -53.11
C LEU G 140 -20.91 21.96 -53.01
N LEU G 141 -20.69 21.08 -52.04
CA LEU G 141 -19.36 20.47 -51.93
C LEU G 141 -19.09 19.58 -53.12
N TRP G 142 -20.16 19.11 -53.76
CA TRP G 142 -19.98 18.26 -54.92
C TRP G 142 -19.65 19.16 -56.11
N GLU G 143 -20.36 20.28 -56.22
CA GLU G 143 -20.11 21.23 -57.30
C GLU G 143 -18.70 21.81 -57.18
N PHE G 144 -18.32 22.16 -55.95
CA PHE G 144 -17.00 22.75 -55.74
C PHE G 144 -15.91 21.77 -55.37
N ALA G 145 -16.24 20.48 -55.40
CA ALA G 145 -15.29 19.43 -55.05
C ALA G 145 -13.82 19.74 -55.34
N SER G 146 -13.51 20.00 -56.60
CA SER G 146 -12.13 20.25 -57.00
C SER G 146 -11.47 21.48 -56.40
N ARG G 147 -12.20 22.31 -55.68
CA ARG G 147 -11.57 23.51 -55.12
C ARG G 147 -11.48 23.58 -53.61
N ILE G 148 -12.19 22.71 -52.92
CA ILE G 148 -12.19 22.73 -51.46
C ILE G 148 -11.29 21.69 -50.81
N THR G 149 -10.55 20.96 -51.63
CA THR G 149 -9.67 19.90 -51.14
C THR G 149 -8.75 20.28 -49.97
N LEU G 150 -8.63 19.34 -49.04
CA LEU G 150 -7.77 19.51 -47.86
C LEU G 150 -6.84 18.31 -47.83
N HIS G 151 -5.62 18.52 -47.34
CA HIS G 151 -4.63 17.45 -47.29
C HIS G 151 -4.50 16.82 -45.92
N GLY G 152 -5.00 17.49 -44.89
CA GLY G 152 -4.90 16.92 -43.57
C GLY G 152 -5.54 17.76 -42.48
N PHE G 153 -5.86 17.12 -41.37
CA PHE G 153 -6.47 17.78 -40.22
C PHE G 153 -5.56 17.79 -39.01
N ILE G 154 -5.47 18.92 -38.34
CA ILE G 154 -4.70 19.02 -37.11
C ILE G 154 -5.78 19.08 -36.04
N TYR G 155 -5.93 18.00 -35.30
CA TYR G 155 -6.95 17.90 -34.27
C TYR G 155 -6.41 18.25 -32.89
N LEU G 156 -6.76 19.44 -32.39
CA LEU G 156 -6.31 19.84 -31.06
C LEU G 156 -7.24 19.15 -30.07
N GLN G 157 -6.84 17.97 -29.62
CA GLN G 157 -7.63 17.17 -28.69
C GLN G 157 -7.37 17.39 -27.22
N ALA G 158 -8.47 17.48 -26.46
CA ALA G 158 -8.42 17.68 -25.01
C ALA G 158 -9.79 17.32 -24.42
N SER G 159 -9.79 16.93 -23.14
CA SER G 159 -11.04 16.54 -22.49
C SER G 159 -12.04 17.66 -22.35
N PRO G 160 -13.33 17.30 -22.29
CA PRO G 160 -14.41 18.26 -22.15
C PRO G 160 -14.20 19.21 -20.98
N GLN G 161 -13.93 18.64 -19.81
CA GLN G 161 -13.72 19.46 -18.62
C GLN G 161 -12.54 20.40 -18.79
N VAL G 162 -11.46 19.94 -19.40
CA VAL G 162 -10.32 20.82 -19.59
C VAL G 162 -10.82 22.00 -20.42
N CYS G 163 -11.57 21.69 -21.47
CA CYS G 163 -12.11 22.74 -22.31
C CYS G 163 -13.07 23.59 -21.49
N LEU G 164 -13.98 22.94 -20.79
CA LEU G 164 -14.93 23.68 -19.96
C LEU G 164 -14.20 24.67 -19.07
N LYS G 165 -13.05 24.27 -18.53
CA LYS G 165 -12.29 25.15 -17.66
C LYS G 165 -11.81 26.35 -18.45
N ARG G 166 -11.18 26.08 -19.58
CA ARG G 166 -10.67 27.14 -20.43
C ARG G 166 -11.82 28.00 -20.92
N LEU G 167 -12.93 27.36 -21.26
CA LEU G 167 -14.09 28.06 -21.75
C LEU G 167 -14.45 29.16 -20.77
N TYR G 168 -14.53 28.78 -19.49
CA TYR G 168 -14.88 29.73 -18.46
C TYR G 168 -13.74 30.65 -18.08
N GLN G 169 -12.52 30.17 -18.28
CA GLN G 169 -11.35 30.97 -17.97
C GLN G 169 -11.42 32.24 -18.81
N ARG G 170 -11.92 32.14 -20.05
CA ARG G 170 -12.06 33.34 -20.88
C ARG G 170 -13.53 33.76 -20.76
N ALA G 171 -13.79 35.03 -20.56
CA ALA G 171 -15.17 35.51 -20.41
C ALA G 171 -16.03 35.04 -21.57
N ARG G 172 -16.10 35.86 -22.61
CA ARG G 172 -16.89 35.56 -23.79
C ARG G 172 -18.36 35.44 -23.40
N GLU G 173 -19.06 36.57 -23.47
CA GLU G 173 -20.48 36.64 -23.11
C GLU G 173 -21.30 35.51 -23.72
N GLU G 174 -21.41 35.54 -25.04
CA GLU G 174 -22.17 34.55 -25.77
C GLU G 174 -22.11 33.16 -25.14
N GLU G 175 -20.90 32.76 -24.80
CA GLU G 175 -20.66 31.44 -24.23
C GLU G 175 -21.03 31.19 -22.79
N LYS G 176 -20.93 32.19 -21.94
CA LYS G 176 -21.25 31.96 -20.54
C LYS G 176 -22.68 31.49 -20.42
N GLY G 177 -22.84 30.17 -20.44
CA GLY G 177 -24.15 29.54 -20.36
C GLY G 177 -23.99 28.13 -20.88
N ILE G 178 -22.84 27.88 -21.50
CA ILE G 178 -22.54 26.58 -22.05
C ILE G 178 -22.29 25.61 -20.91
N GLU G 179 -23.05 24.51 -20.87
CA GLU G 179 -22.89 23.52 -19.81
C GLU G 179 -21.83 22.51 -20.23
N LEU G 180 -21.35 21.72 -19.28
CA LEU G 180 -20.33 20.72 -19.59
C LEU G 180 -20.89 19.74 -20.62
N ALA G 181 -22.15 19.37 -20.47
CA ALA G 181 -22.79 18.44 -21.38
C ALA G 181 -22.61 18.80 -22.86
N TYR G 182 -22.75 20.09 -23.19
CA TYR G 182 -22.61 20.55 -24.57
C TYR G 182 -21.20 20.26 -25.08
N LEU G 183 -20.20 20.59 -24.29
CA LEU G 183 -18.83 20.35 -24.68
C LEU G 183 -18.61 18.85 -24.83
N GLU G 184 -19.24 18.06 -23.97
CA GLU G 184 -19.10 16.62 -24.05
C GLU G 184 -19.64 16.12 -25.38
N GLN G 185 -20.75 16.71 -25.82
CA GLN G 185 -21.36 16.33 -27.09
C GLN G 185 -20.39 16.59 -28.23
N LEU G 186 -19.92 17.83 -28.33
CA LEU G 186 -18.98 18.22 -29.36
C LEU G 186 -17.72 17.34 -29.30
N HIS G 187 -17.28 17.02 -28.09
CA HIS G 187 -16.11 16.17 -27.94
C HIS G 187 -16.42 14.86 -28.64
N GLY G 188 -17.58 14.30 -28.34
CA GLY G 188 -17.97 13.05 -28.96
C GLY G 188 -17.87 13.13 -30.47
N GLN G 189 -18.48 14.16 -31.06
CA GLN G 189 -18.45 14.32 -32.50
C GLN G 189 -17.02 14.27 -33.04
N HIS G 190 -16.11 15.00 -32.40
CA HIS G 190 -14.73 15.01 -32.87
C HIS G 190 -14.11 13.64 -32.78
N GLU G 191 -14.29 12.99 -31.64
CA GLU G 191 -13.74 11.66 -31.45
C GLU G 191 -14.30 10.68 -32.47
N ALA G 192 -15.61 10.73 -32.71
CA ALA G 192 -16.24 9.83 -33.66
C ALA G 192 -15.74 10.01 -35.09
N TRP G 193 -15.48 11.26 -35.48
CA TRP G 193 -15.02 11.56 -36.83
C TRP G 193 -13.52 11.47 -37.05
N LEU G 194 -12.74 12.16 -36.24
CA LEU G 194 -11.29 12.17 -36.41
C LEU G 194 -10.52 10.99 -35.82
N ILE G 195 -11.10 10.31 -34.84
CA ILE G 195 -10.42 9.19 -34.20
C ILE G 195 -11.00 7.81 -34.53
N HIS G 196 -12.20 7.52 -34.04
CA HIS G 196 -12.81 6.22 -34.27
C HIS G 196 -13.40 5.99 -35.67
N LYS G 197 -13.49 7.04 -36.47
CA LYS G 197 -14.06 6.92 -37.82
C LYS G 197 -15.42 6.21 -37.79
N THR G 198 -16.30 6.64 -36.89
CA THR G 198 -17.63 6.04 -36.75
C THR G 198 -18.74 6.96 -37.25
N THR G 199 -18.35 8.10 -37.79
CA THR G 199 -19.32 9.07 -38.30
C THR G 199 -19.48 8.85 -39.80
N LYS G 200 -20.70 8.54 -40.23
CA LYS G 200 -20.94 8.31 -41.65
C LYS G 200 -20.59 9.56 -42.44
N LEU G 201 -19.67 9.43 -43.38
CA LEU G 201 -19.27 10.55 -44.21
C LEU G 201 -19.96 10.47 -45.57
N HIS G 202 -20.10 11.61 -46.24
CA HIS G 202 -20.77 11.61 -47.54
C HIS G 202 -19.89 12.16 -48.65
N PHE G 203 -18.58 12.10 -48.46
CA PHE G 203 -17.65 12.60 -49.46
C PHE G 203 -16.47 11.63 -49.58
N GLU G 204 -16.29 11.06 -50.76
CA GLU G 204 -15.22 10.11 -51.00
C GLU G 204 -13.86 10.65 -50.59
N ALA G 205 -13.63 11.92 -50.85
CA ALA G 205 -12.35 12.55 -50.49
C ALA G 205 -12.08 12.49 -48.99
N LEU G 206 -13.02 13.01 -48.23
CA LEU G 206 -12.95 13.06 -46.77
C LEU G 206 -12.63 11.71 -46.17
N MET G 207 -12.96 10.65 -46.91
CA MET G 207 -12.73 9.28 -46.44
C MET G 207 -11.42 9.06 -45.69
N ASN G 208 -10.30 9.10 -46.41
CA ASN G 208 -9.03 8.86 -45.77
C ASN G 208 -8.09 10.05 -45.82
N ILE G 209 -8.26 10.98 -44.89
CA ILE G 209 -7.39 12.12 -44.85
C ILE G 209 -6.56 12.01 -43.60
N PRO G 210 -5.28 12.39 -43.70
CA PRO G 210 -4.38 12.32 -42.55
C PRO G 210 -4.93 13.17 -41.42
N VAL G 211 -4.67 12.75 -40.20
CA VAL G 211 -5.10 13.46 -39.01
C VAL G 211 -3.98 13.47 -37.98
N LEU G 212 -3.49 14.66 -37.69
CA LEU G 212 -2.44 14.81 -36.70
C LEU G 212 -3.14 15.03 -35.37
N VAL G 213 -2.97 14.11 -34.42
CA VAL G 213 -3.62 14.27 -33.12
C VAL G 213 -2.67 14.91 -32.10
N LEU G 214 -2.96 16.14 -31.70
CA LEU G 214 -2.12 16.83 -30.73
C LEU G 214 -2.84 16.82 -29.39
N ASP G 215 -2.22 16.22 -28.37
CA ASP G 215 -2.85 16.18 -27.07
C ASP G 215 -2.54 17.46 -26.32
N VAL G 216 -3.56 18.30 -26.13
CA VAL G 216 -3.35 19.55 -25.44
C VAL G 216 -4.14 19.66 -24.14
N ASN G 217 -4.12 18.60 -23.35
CA ASN G 217 -4.80 18.60 -22.06
C ASN G 217 -4.02 19.46 -21.09
N ASP G 218 -2.70 19.49 -21.28
CA ASP G 218 -1.83 20.28 -20.43
C ASP G 218 -1.59 21.63 -21.08
N ASP G 219 -1.94 22.69 -20.35
CA ASP G 219 -1.82 24.05 -20.87
C ASP G 219 -0.48 24.35 -21.51
N PHE G 220 -0.43 24.20 -22.83
CA PHE G 220 0.79 24.46 -23.61
C PHE G 220 0.87 25.96 -23.81
N SER G 221 -0.19 26.64 -23.40
CA SER G 221 -0.26 28.09 -23.53
C SER G 221 0.98 28.80 -23.01
N GLU G 222 1.63 28.22 -22.01
CA GLU G 222 2.81 28.85 -21.41
C GLU G 222 4.10 28.03 -21.39
N GLU G 223 4.00 26.72 -21.24
CA GLU G 223 5.19 25.86 -21.17
C GLU G 223 5.95 25.78 -22.50
N VAL G 224 6.97 26.61 -22.64
CA VAL G 224 7.77 26.67 -23.86
C VAL G 224 8.34 25.31 -24.28
N THR G 225 8.32 24.34 -23.37
CA THR G 225 8.82 23.01 -23.68
C THR G 225 7.85 22.32 -24.63
N LYS G 226 6.59 22.29 -24.21
CA LYS G 226 5.54 21.66 -24.98
C LYS G 226 5.26 22.36 -26.31
N GLN G 227 5.43 23.69 -26.34
CA GLN G 227 5.19 24.43 -27.58
C GLN G 227 6.14 23.98 -28.67
N GLU G 228 7.42 23.92 -28.33
CA GLU G 228 8.46 23.50 -29.27
C GLU G 228 8.23 22.05 -29.65
N ASP G 229 7.61 21.33 -28.72
CA ASP G 229 7.30 19.92 -28.90
C ASP G 229 6.10 19.71 -29.83
N LEU G 230 5.20 20.68 -29.85
CA LEU G 230 4.02 20.61 -30.70
C LEU G 230 4.42 20.97 -32.12
N MET G 231 5.03 22.14 -32.29
CA MET G 231 5.47 22.60 -33.60
C MET G 231 6.31 21.55 -34.30
N ARG G 232 7.00 20.75 -33.51
CA ARG G 232 7.84 19.71 -34.07
C ARG G 232 6.94 18.67 -34.73
N GLU G 233 5.95 18.18 -34.00
CA GLU G 233 5.03 17.19 -34.55
C GLU G 233 4.33 17.75 -35.76
N VAL G 234 3.96 19.01 -35.70
CA VAL G 234 3.27 19.66 -36.81
C VAL G 234 4.17 19.63 -38.03
N ASN G 235 5.41 20.12 -37.89
CA ASN G 235 6.34 20.15 -39.01
C ASN G 235 6.55 18.78 -39.64
N THR G 236 6.72 17.77 -38.80
CA THR G 236 6.92 16.41 -39.27
C THR G 236 5.71 15.95 -40.07
N PHE G 237 4.52 16.26 -39.56
CA PHE G 237 3.26 15.89 -40.19
C PHE G 237 3.06 16.56 -41.56
N VAL G 238 3.20 17.88 -41.59
CA VAL G 238 3.04 18.67 -42.80
C VAL G 238 4.00 18.27 -43.91
N LYS G 239 5.27 18.07 -43.56
CA LYS G 239 6.27 17.70 -44.56
C LYS G 239 6.03 16.37 -45.25
N ASN G 240 5.34 15.46 -44.57
CA ASN G 240 5.07 14.15 -45.16
C ASN G 240 3.69 14.10 -45.80
N LEU G 241 3.29 15.20 -46.41
CA LEU G 241 2.00 15.29 -47.07
C LEU G 241 2.15 15.47 -48.58
N GLY H 1 -27.07 26.52 -78.94
CA GLY H 1 -27.46 26.46 -77.53
C GLY H 1 -28.94 26.72 -77.32
N PRO H 2 -29.63 25.88 -76.54
CA PRO H 2 -31.06 26.06 -76.30
C PRO H 2 -31.37 27.45 -75.79
N ARG H 3 -32.57 27.93 -76.07
CA ARG H 3 -32.98 29.23 -75.56
C ARG H 3 -33.61 28.94 -74.20
N ARG H 4 -33.12 29.58 -73.15
CA ARG H 4 -33.65 29.36 -71.82
C ARG H 4 -34.60 30.50 -71.45
N LEU H 5 -35.78 30.15 -70.94
CA LEU H 5 -36.74 31.16 -70.54
C LEU H 5 -37.47 30.71 -69.29
N SER H 6 -37.87 31.66 -68.45
CA SER H 6 -38.62 31.31 -67.25
C SER H 6 -39.95 32.07 -67.21
N ILE H 7 -40.98 31.38 -66.75
CA ILE H 7 -42.31 31.94 -66.65
C ILE H 7 -42.41 32.59 -65.30
N GLU H 8 -42.76 33.87 -65.26
CA GLU H 8 -42.88 34.59 -64.00
C GLU H 8 -44.31 35.10 -63.88
N GLY H 9 -44.79 35.20 -62.64
CA GLY H 9 -46.16 35.68 -62.43
C GLY H 9 -46.59 35.58 -60.99
N ASN H 10 -47.78 36.05 -60.69
CA ASN H 10 -48.28 36.03 -59.32
C ASN H 10 -48.86 34.67 -58.98
N ILE H 11 -49.15 34.47 -57.69
CA ILE H 11 -49.74 33.22 -57.25
C ILE H 11 -51.06 33.03 -57.98
N ALA H 12 -51.33 31.80 -58.42
CA ALA H 12 -52.57 31.47 -59.10
C ALA H 12 -52.89 32.19 -60.41
N VAL H 13 -52.02 33.08 -60.89
CA VAL H 13 -52.32 33.79 -62.14
C VAL H 13 -52.66 32.79 -63.23
N GLY H 14 -52.20 31.55 -63.08
CA GLY H 14 -52.48 30.51 -64.05
C GLY H 14 -51.25 29.92 -64.74
N LYS H 15 -50.14 29.88 -64.02
CA LYS H 15 -48.90 29.35 -64.59
C LYS H 15 -49.03 27.92 -65.10
N SER H 16 -49.43 27.01 -64.22
CA SER H 16 -49.59 25.61 -64.57
C SER H 16 -50.50 25.41 -65.77
N THR H 17 -51.50 26.26 -65.91
CA THR H 17 -52.40 26.16 -67.04
C THR H 17 -51.63 26.56 -68.29
N PHE H 18 -50.97 27.72 -68.22
CA PHE H 18 -50.20 28.24 -69.34
C PHE H 18 -49.12 27.25 -69.79
N VAL H 19 -48.63 26.44 -68.85
CA VAL H 19 -47.60 25.46 -69.18
C VAL H 19 -48.20 24.28 -69.93
N LYS H 20 -49.34 23.79 -69.46
CA LYS H 20 -50.02 22.69 -70.13
C LYS H 20 -50.22 23.08 -71.59
N LEU H 21 -50.62 24.33 -71.79
CA LEU H 21 -50.84 24.88 -73.12
C LEU H 21 -49.53 24.85 -73.92
N LEU H 22 -48.42 25.25 -73.29
CA LEU H 22 -47.13 25.24 -73.97
C LEU H 22 -46.76 23.82 -74.38
N THR H 23 -46.77 22.91 -73.41
CA THR H 23 -46.45 21.51 -73.64
C THR H 23 -47.17 20.97 -74.87
N LYS H 24 -48.47 21.24 -74.95
CA LYS H 24 -49.31 20.81 -76.05
C LYS H 24 -48.93 21.43 -77.39
N THR H 25 -48.63 22.72 -77.39
CA THR H 25 -48.29 23.41 -78.63
C THR H 25 -46.85 23.20 -79.13
N TYR H 26 -45.89 23.13 -78.22
CA TYR H 26 -44.50 22.95 -78.63
C TYR H 26 -43.85 21.79 -77.90
N PRO H 27 -44.15 20.55 -78.33
CA PRO H 27 -43.58 19.36 -77.70
C PRO H 27 -42.06 19.21 -77.67
N GLU H 28 -41.35 19.77 -78.66
CA GLU H 28 -39.88 19.67 -78.65
C GLU H 28 -39.39 20.41 -77.43
N TRP H 29 -40.09 21.50 -77.11
CA TRP H 29 -39.76 22.32 -75.97
C TRP H 29 -39.66 21.49 -74.70
N HIS H 30 -38.70 21.84 -73.85
CA HIS H 30 -38.49 21.14 -72.59
C HIS H 30 -38.88 22.04 -71.44
N VAL H 31 -39.81 21.58 -70.62
CA VAL H 31 -40.25 22.37 -69.48
C VAL H 31 -39.80 21.77 -68.16
N ALA H 32 -38.89 22.47 -67.48
CA ALA H 32 -38.37 22.02 -66.20
C ALA H 32 -39.39 22.32 -65.11
N THR H 33 -39.94 21.27 -64.55
CA THR H 33 -40.98 21.33 -63.52
C THR H 33 -40.66 22.15 -62.24
N GLU H 34 -41.70 22.77 -61.65
CA GLU H 34 -41.54 23.55 -60.41
C GLU H 34 -42.01 22.78 -59.18
N PRO H 35 -41.07 22.41 -58.28
CA PRO H 35 -41.12 21.67 -57.00
C PRO H 35 -42.25 21.80 -55.97
N VAL H 36 -43.41 22.32 -56.36
CA VAL H 36 -44.52 22.51 -55.41
C VAL H 36 -44.96 21.28 -54.61
N ALA H 37 -44.87 20.09 -55.20
CA ALA H 37 -45.27 18.86 -54.51
C ALA H 37 -44.17 18.38 -53.57
N THR H 38 -42.97 18.94 -53.78
CA THR H 38 -41.81 18.59 -52.98
C THR H 38 -41.69 19.55 -51.78
N TRP H 39 -42.58 20.54 -51.71
CA TRP H 39 -42.60 21.54 -50.62
C TRP H 39 -43.70 21.23 -49.60
N GLN H 40 -44.77 20.60 -50.06
CA GLN H 40 -45.91 20.24 -49.23
C GLN H 40 -45.58 18.96 -48.46
N ASN H 41 -44.62 18.21 -48.99
CA ASN H 41 -44.15 16.97 -48.40
C ASN H 41 -42.64 16.98 -48.62
N ILE H 42 -41.88 17.23 -47.56
CA ILE H 42 -40.43 17.29 -47.68
C ILE H 42 -39.71 15.94 -47.83
N GLN H 43 -40.28 14.88 -47.24
CA GLN H 43 -39.68 13.55 -47.35
C GLN H 43 -38.31 13.47 -46.65
N LEU H 56 -40.58 14.23 -44.20
CA LEU H 56 -41.97 14.42 -43.78
C LEU H 56 -42.16 15.78 -43.11
N GLY H 57 -43.17 16.50 -43.58
CA GLY H 57 -43.50 17.83 -43.07
C GLY H 57 -43.82 18.74 -44.23
N ASN H 58 -44.78 19.64 -44.06
CA ASN H 58 -45.16 20.58 -45.12
C ASN H 58 -44.49 21.93 -44.89
N LEU H 59 -43.39 22.19 -45.59
CA LEU H 59 -42.68 23.44 -45.44
C LEU H 59 -43.55 24.58 -45.93
N LEU H 60 -44.22 24.36 -47.05
CA LEU H 60 -45.10 25.36 -47.62
C LEU H 60 -46.12 25.83 -46.60
N ASP H 61 -46.78 24.88 -45.94
CA ASP H 61 -47.77 25.23 -44.95
C ASP H 61 -47.12 26.03 -43.84
N MET H 62 -46.02 25.51 -43.33
CA MET H 62 -45.31 26.16 -42.25
C MET H 62 -44.96 27.61 -42.58
N MET H 63 -44.45 27.84 -43.79
CA MET H 63 -44.09 29.20 -44.16
C MET H 63 -45.31 30.10 -44.10
N TYR H 64 -46.47 29.57 -44.49
CA TYR H 64 -47.68 30.37 -44.48
C TYR H 64 -48.28 30.59 -43.10
N ARG H 65 -48.21 29.56 -42.27
CA ARG H 65 -48.77 29.69 -40.93
C ARG H 65 -47.91 30.51 -39.98
N GLU H 66 -46.59 30.39 -40.09
CA GLU H 66 -45.68 31.14 -39.24
C GLU H 66 -44.58 31.75 -40.09
N PRO H 67 -44.95 32.72 -40.94
CA PRO H 67 -44.00 33.39 -41.83
C PRO H 67 -42.77 33.94 -41.14
N ALA H 68 -42.93 34.53 -39.97
CA ALA H 68 -41.78 35.08 -39.28
C ALA H 68 -40.84 33.98 -38.79
N ARG H 69 -41.34 32.74 -38.77
CA ARG H 69 -40.52 31.64 -38.31
C ARG H 69 -39.96 30.74 -39.39
N TRP H 70 -40.69 30.57 -40.49
CA TRP H 70 -40.20 29.69 -41.53
C TRP H 70 -39.90 30.29 -42.91
N SER H 71 -40.09 31.59 -43.06
CA SER H 71 -39.84 32.21 -44.34
C SER H 71 -38.41 32.01 -44.79
N TYR H 72 -37.45 32.35 -43.94
CA TYR H 72 -36.06 32.17 -44.32
C TYR H 72 -35.80 30.71 -44.70
N THR H 73 -36.13 29.79 -43.81
CA THR H 73 -35.90 28.38 -44.11
C THR H 73 -36.50 28.00 -45.46
N PHE H 74 -37.72 28.44 -45.71
CA PHE H 74 -38.39 28.12 -46.96
C PHE H 74 -37.59 28.63 -48.14
N GLN H 75 -37.21 29.90 -48.09
CA GLN H 75 -36.46 30.54 -49.16
C GLN H 75 -35.19 29.78 -49.49
N THR H 76 -34.50 29.28 -48.46
CA THR H 76 -33.26 28.54 -48.67
C THR H 76 -33.56 27.22 -49.38
N PHE H 77 -34.72 26.65 -49.14
CA PHE H 77 -35.04 25.40 -49.79
C PHE H 77 -35.49 25.60 -51.23
N SER H 78 -36.21 26.68 -51.47
CA SER H 78 -36.70 26.95 -52.81
C SER H 78 -35.56 27.46 -53.68
N PHE H 79 -34.67 28.27 -53.11
CA PHE H 79 -33.56 28.81 -53.88
C PHE H 79 -32.66 27.67 -54.34
N LEU H 80 -32.34 26.77 -53.42
CA LEU H 80 -31.49 25.62 -53.76
C LEU H 80 -32.14 24.83 -54.89
N SER H 81 -33.43 24.57 -54.73
CA SER H 81 -34.14 23.81 -55.72
C SER H 81 -34.09 24.48 -57.10
N ARG H 82 -34.44 25.76 -57.16
CA ARG H 82 -34.40 26.48 -58.42
C ARG H 82 -33.01 26.52 -59.02
N LEU H 83 -31.99 26.60 -58.17
CA LEU H 83 -30.61 26.64 -58.66
C LEU H 83 -30.22 25.29 -59.22
N LYS H 84 -30.60 24.22 -58.53
CA LYS H 84 -30.28 22.86 -58.99
C LYS H 84 -30.80 22.65 -60.40
N VAL H 85 -32.08 22.86 -60.60
CA VAL H 85 -32.69 22.66 -61.91
C VAL H 85 -32.05 23.51 -63.01
N GLN H 86 -31.63 24.73 -62.68
CA GLN H 86 -31.02 25.58 -63.70
C GLN H 86 -29.61 25.14 -64.03
N LEU H 87 -29.01 24.32 -63.17
CA LEU H 87 -27.66 23.84 -63.41
C LEU H 87 -27.64 22.48 -64.09
N GLU H 88 -28.76 21.76 -64.02
CA GLU H 88 -28.84 20.44 -64.67
C GLU H 88 -28.53 20.55 -66.15
N PRO H 89 -28.08 19.44 -66.75
CA PRO H 89 -27.74 19.43 -68.18
C PRO H 89 -28.97 19.28 -69.07
N PHE H 90 -28.88 19.79 -70.30
CA PHE H 90 -29.98 19.71 -71.24
C PHE H 90 -30.29 18.26 -71.57
N PRO H 91 -31.57 17.91 -71.73
CA PRO H 91 -31.93 16.52 -72.05
C PRO H 91 -31.46 16.18 -73.47
N GLU H 92 -31.53 14.89 -73.84
CA GLU H 92 -31.12 14.44 -75.18
C GLU H 92 -32.12 14.96 -76.21
N LYS H 93 -33.38 15.03 -75.81
CA LYS H 93 -34.44 15.52 -76.68
C LYS H 93 -33.99 16.90 -77.15
N LEU H 94 -34.03 17.85 -76.22
CA LEU H 94 -33.65 19.23 -76.49
C LEU H 94 -32.38 19.30 -77.36
N LEU H 95 -31.46 18.36 -77.14
CA LEU H 95 -30.20 18.32 -77.89
C LEU H 95 -30.38 18.35 -79.40
N GLN H 96 -31.22 17.45 -79.91
CA GLN H 96 -31.46 17.33 -81.34
C GLN H 96 -32.69 18.03 -81.90
N ALA H 97 -32.65 19.35 -81.94
CA ALA H 97 -33.75 20.12 -82.49
C ALA H 97 -33.06 21.28 -83.16
N ARG H 98 -33.70 21.86 -84.17
CA ARG H 98 -33.09 22.98 -84.87
C ARG H 98 -33.12 24.21 -83.97
N LYS H 99 -34.23 24.40 -83.27
CA LYS H 99 -34.40 25.52 -82.35
C LYS H 99 -34.89 24.96 -81.02
N PRO H 100 -33.96 24.54 -80.15
CA PRO H 100 -34.26 23.98 -78.83
C PRO H 100 -34.66 25.09 -77.88
N VAL H 101 -35.67 24.79 -77.06
CA VAL H 101 -36.15 25.75 -76.09
C VAL H 101 -36.33 25.08 -74.75
N GLN H 102 -35.80 25.71 -73.71
CA GLN H 102 -35.92 25.20 -72.34
C GLN H 102 -36.72 26.22 -71.53
N ILE H 103 -37.79 25.76 -70.91
CA ILE H 103 -38.66 26.64 -70.13
C ILE H 103 -38.65 26.29 -68.65
N PHE H 104 -38.49 27.32 -67.81
CA PHE H 104 -38.47 27.12 -66.36
C PHE H 104 -39.68 27.77 -65.69
N GLU H 105 -40.26 27.09 -64.70
CA GLU H 105 -41.38 27.68 -63.98
C GLU H 105 -40.73 28.50 -62.88
N ARG H 106 -40.76 29.82 -63.05
CA ARG H 106 -40.12 30.76 -62.13
C ARG H 106 -38.63 30.50 -62.14
N SER H 107 -37.87 31.41 -61.56
CA SER H 107 -36.43 31.27 -61.61
C SER H 107 -35.67 31.52 -60.34
N VAL H 108 -34.37 31.39 -60.50
CA VAL H 108 -33.45 31.61 -59.42
C VAL H 108 -33.54 33.11 -59.11
N TYR H 109 -33.92 33.91 -60.11
CA TYR H 109 -34.03 35.35 -59.92
C TYR H 109 -35.30 35.79 -59.21
N SER H 110 -36.42 35.14 -59.53
CA SER H 110 -37.65 35.54 -58.86
C SER H 110 -37.62 35.09 -57.40
N ASP H 111 -36.85 34.05 -57.10
CA ASP H 111 -36.75 33.57 -55.72
C ASP H 111 -36.35 34.76 -54.86
N ARG H 112 -35.42 35.53 -55.38
CA ARG H 112 -34.91 36.70 -54.67
C ARG H 112 -35.73 37.95 -54.88
N TYR H 113 -35.92 38.34 -56.12
CA TYR H 113 -36.64 39.58 -56.38
C TYR H 113 -38.15 39.61 -56.24
N ILE H 114 -38.77 38.45 -56.14
CA ILE H 114 -40.20 38.43 -55.95
C ILE H 114 -40.52 38.04 -54.52
N PHE H 115 -40.23 36.81 -54.15
CA PHE H 115 -40.56 36.39 -52.80
C PHE H 115 -39.64 36.82 -51.66
N ALA H 116 -38.38 36.43 -51.69
CA ALA H 116 -37.49 36.81 -50.59
C ALA H 116 -37.62 38.31 -50.33
N LYS H 117 -37.39 39.13 -51.37
CA LYS H 117 -37.50 40.58 -51.25
C LYS H 117 -38.79 40.95 -50.56
N ASN H 118 -39.91 40.50 -51.11
CA ASN H 118 -41.19 40.83 -50.51
C ASN H 118 -41.30 40.35 -49.06
N LEU H 119 -40.84 39.13 -48.80
CA LEU H 119 -40.92 38.60 -47.44
C LEU H 119 -40.15 39.47 -46.46
N PHE H 120 -39.10 40.14 -46.94
CA PHE H 120 -38.35 41.03 -46.07
C PHE H 120 -39.15 42.30 -45.85
N GLU H 121 -39.59 42.90 -46.95
CA GLU H 121 -40.36 44.13 -46.89
C GLU H 121 -41.61 44.04 -46.03
N ASN H 122 -42.26 42.87 -45.97
CA ASN H 122 -43.46 42.76 -45.16
C ASN H 122 -43.19 42.23 -43.76
N GLY H 123 -41.91 42.16 -43.40
CA GLY H 123 -41.53 41.71 -42.06
C GLY H 123 -41.42 40.21 -41.74
N SER H 124 -41.59 39.35 -42.74
CA SER H 124 -41.49 37.91 -42.50
C SER H 124 -40.04 37.45 -42.38
N LEU H 125 -39.13 38.24 -42.95
CA LEU H 125 -37.70 37.95 -42.88
C LEU H 125 -37.03 39.06 -42.08
N SER H 126 -36.18 38.68 -41.12
CA SER H 126 -35.50 39.67 -40.28
C SER H 126 -34.34 40.25 -41.06
N ASP H 127 -33.69 41.25 -40.50
CA ASP H 127 -32.55 41.86 -41.17
C ASP H 127 -31.45 40.85 -41.34
N ILE H 128 -31.24 40.03 -40.31
CA ILE H 128 -30.21 39.00 -40.35
C ILE H 128 -30.54 37.98 -41.43
N GLU H 129 -31.77 37.50 -41.47
CA GLU H 129 -32.16 36.50 -42.46
C GLU H 129 -32.03 37.03 -43.89
N TRP H 130 -32.43 38.28 -44.09
CA TRP H 130 -32.38 38.92 -45.42
C TRP H 130 -30.92 39.05 -45.84
N HIS H 131 -30.09 39.47 -44.91
CA HIS H 131 -28.67 39.64 -45.19
C HIS H 131 -27.99 38.32 -45.55
N ILE H 132 -28.22 37.30 -44.75
CA ILE H 132 -27.63 36.00 -45.03
C ILE H 132 -28.15 35.48 -46.36
N TYR H 133 -29.46 35.54 -46.56
CA TYR H 133 -30.03 35.08 -47.81
C TYR H 133 -29.36 35.75 -49.01
N GLN H 134 -29.33 37.08 -49.02
CA GLN H 134 -28.71 37.78 -50.13
C GLN H 134 -27.24 37.39 -50.31
N ASP H 135 -26.52 37.28 -49.21
CA ASP H 135 -25.12 36.89 -49.25
C ASP H 135 -24.98 35.61 -50.06
N TRP H 136 -25.79 34.61 -49.69
CA TRP H 136 -25.79 33.32 -50.37
C TRP H 136 -26.07 33.46 -51.85
N HIS H 137 -27.23 34.03 -52.12
CA HIS H 137 -27.73 34.25 -53.46
C HIS H 137 -26.72 34.89 -54.40
N SER H 138 -26.21 36.06 -54.02
CA SER H 138 -25.23 36.75 -54.85
C SER H 138 -23.96 35.93 -55.04
N PHE H 139 -23.52 35.25 -53.98
CA PHE H 139 -22.33 34.43 -54.05
C PHE H 139 -22.47 33.29 -55.04
N LEU H 140 -23.44 32.42 -54.84
CA LEU H 140 -23.59 31.29 -55.75
C LEU H 140 -23.92 31.68 -57.19
N LEU H 141 -24.74 32.69 -57.40
CA LEU H 141 -25.07 33.08 -58.77
C LEU H 141 -23.85 33.62 -59.46
N TRP H 142 -22.90 34.12 -58.69
CA TRP H 142 -21.69 34.64 -59.28
C TRP H 142 -20.78 33.46 -59.64
N GLU H 143 -20.71 32.47 -58.76
CA GLU H 143 -19.90 31.29 -59.01
C GLU H 143 -20.47 30.52 -60.19
N PHE H 144 -21.79 30.37 -60.23
CA PHE H 144 -22.42 29.63 -61.31
C PHE H 144 -22.87 30.48 -62.49
N ALA H 145 -22.54 31.76 -62.46
CA ALA H 145 -22.92 32.69 -63.52
C ALA H 145 -23.06 32.08 -64.92
N SER H 146 -21.98 31.49 -65.42
CA SER H 146 -21.98 30.92 -66.75
C SER H 146 -22.93 29.77 -67.00
N ARG H 147 -23.58 29.25 -65.98
CA ARG H 147 -24.48 28.12 -66.20
C ARG H 147 -25.95 28.37 -65.96
N ILE H 148 -26.28 29.49 -65.33
CA ILE H 148 -27.68 29.78 -65.03
C ILE H 148 -28.33 30.77 -65.98
N THR H 149 -27.61 31.16 -67.01
CA THR H 149 -28.11 32.13 -67.98
C THR H 149 -29.52 31.87 -68.53
N LEU H 150 -30.28 32.96 -68.66
CA LEU H 150 -31.62 32.91 -69.20
C LEU H 150 -31.68 33.90 -70.35
N HIS H 151 -32.48 33.60 -71.36
CA HIS H 151 -32.60 34.47 -72.52
C HIS H 151 -33.81 35.37 -72.51
N GLY H 152 -34.79 35.03 -71.68
CA GLY H 152 -35.98 35.85 -71.61
C GLY H 152 -37.00 35.39 -70.60
N PHE H 153 -37.88 36.32 -70.21
CA PHE H 153 -38.94 36.04 -69.24
C PHE H 153 -40.32 36.14 -69.87
N ILE H 154 -41.18 35.19 -69.55
CA ILE H 154 -42.55 35.22 -70.03
C ILE H 154 -43.32 35.59 -68.75
N TYR H 155 -43.79 36.82 -68.70
CA TYR H 155 -44.51 37.32 -67.53
C TYR H 155 -46.01 37.18 -67.68
N LEU H 156 -46.61 36.21 -66.99
CA LEU H 156 -48.07 36.04 -67.05
C LEU H 156 -48.66 37.09 -66.11
N GLN H 157 -48.98 38.25 -66.66
CA GLN H 157 -49.52 39.36 -65.90
C GLN H 157 -51.04 39.42 -65.78
N ALA H 158 -51.51 39.70 -64.57
CA ALA H 158 -52.94 39.81 -64.27
C ALA H 158 -53.11 40.53 -62.92
N SER H 159 -54.25 41.18 -62.73
CA SER H 159 -54.50 41.92 -61.51
C SER H 159 -54.58 41.04 -60.27
N PRO H 160 -54.25 41.63 -59.11
CA PRO H 160 -54.28 40.92 -57.84
C PRO H 160 -55.62 40.24 -57.59
N GLN H 161 -56.71 40.99 -57.74
CA GLN H 161 -58.03 40.42 -57.50
C GLN H 161 -58.33 39.28 -58.46
N VAL H 162 -57.93 39.41 -59.73
CA VAL H 162 -58.18 38.31 -60.65
C VAL H 162 -57.48 37.09 -60.08
N CYS H 163 -56.24 37.29 -59.65
CA CYS H 163 -55.48 36.18 -59.09
C CYS H 163 -56.18 35.71 -57.83
N LEU H 164 -56.51 36.65 -56.95
CA LEU H 164 -57.20 36.29 -55.71
C LEU H 164 -58.41 35.41 -56.00
N LYS H 165 -59.13 35.71 -57.07
CA LYS H 165 -60.31 34.93 -57.43
C LYS H 165 -59.88 33.52 -57.80
N ARG H 166 -58.90 33.43 -58.70
CA ARG H 166 -58.41 32.13 -59.12
C ARG H 166 -57.80 31.39 -57.94
N LEU H 167 -57.09 32.13 -57.09
CA LEU H 167 -56.46 31.53 -55.92
C LEU H 167 -57.51 30.76 -55.15
N TYR H 168 -58.64 31.41 -54.89
CA TYR H 168 -59.71 30.79 -54.14
C TYR H 168 -60.52 29.81 -54.95
N GLN H 169 -60.53 30.01 -56.26
CA GLN H 169 -61.26 29.12 -57.13
C GLN H 169 -60.66 27.71 -56.95
N ARG H 170 -59.35 27.62 -56.77
CA ARG H 170 -58.72 26.32 -56.54
C ARG H 170 -58.54 26.20 -55.03
N ALA H 171 -58.91 25.06 -54.46
CA ALA H 171 -58.79 24.86 -53.01
C ALA H 171 -57.39 25.21 -52.52
N ARG H 172 -56.52 24.20 -52.49
CA ARG H 172 -55.15 24.37 -52.05
C ARG H 172 -55.14 24.82 -50.59
N GLU H 173 -55.11 23.84 -49.69
CA GLU H 173 -55.11 24.08 -48.26
C GLU H 173 -54.13 25.18 -47.84
N GLU H 174 -52.85 24.88 -48.00
CA GLU H 174 -51.79 25.81 -47.64
C GLU H 174 -52.16 27.26 -47.86
N GLU H 175 -52.71 27.53 -49.04
CA GLU H 175 -53.08 28.87 -49.44
C GLU H 175 -54.32 29.50 -48.84
N LYS H 176 -55.34 28.70 -48.56
CA LYS H 176 -56.54 29.28 -48.00
C LYS H 176 -56.22 30.02 -46.71
N GLY H 177 -55.93 31.31 -46.85
CA GLY H 177 -55.59 32.14 -45.72
C GLY H 177 -54.88 33.35 -46.29
N ILE H 178 -54.52 33.26 -47.57
CA ILE H 178 -53.85 34.34 -48.26
C ILE H 178 -54.83 35.49 -48.46
N GLU H 179 -54.49 36.67 -47.97
CA GLU H 179 -55.36 37.83 -48.12
C GLU H 179 -55.04 38.53 -49.44
N LEU H 180 -55.93 39.42 -49.87
CA LEU H 180 -55.70 40.14 -51.11
C LEU H 180 -54.41 40.93 -51.02
N ALA H 181 -54.19 41.55 -49.86
CA ALA H 181 -52.99 42.34 -49.64
C ALA H 181 -51.69 41.64 -50.05
N TYR H 182 -51.57 40.36 -49.70
CA TYR H 182 -50.37 39.59 -50.02
C TYR H 182 -50.18 39.51 -51.53
N LEU H 183 -51.24 39.19 -52.25
CA LEU H 183 -51.15 39.10 -53.69
C LEU H 183 -50.81 40.46 -54.26
N GLU H 184 -51.33 41.53 -53.65
CA GLU H 184 -51.04 42.88 -54.12
C GLU H 184 -49.55 43.14 -53.98
N GLN H 185 -48.96 42.68 -52.88
CA GLN H 185 -47.53 42.87 -52.64
C GLN H 185 -46.74 42.20 -53.76
N LEU H 186 -46.97 40.90 -53.95
CA LEU H 186 -46.28 40.15 -54.98
C LEU H 186 -46.50 40.78 -56.35
N HIS H 187 -47.70 41.29 -56.59
CA HIS H 187 -47.99 41.94 -57.86
C HIS H 187 -47.01 43.10 -58.00
N GLY H 188 -46.92 43.90 -56.95
CA GLY H 188 -46.01 45.03 -56.97
C GLY H 188 -44.61 44.60 -57.36
N GLN H 189 -44.08 43.58 -56.69
CA GLN H 189 -42.74 43.11 -56.97
C GLN H 189 -42.57 42.79 -58.45
N HIS H 190 -43.53 42.07 -59.04
CA HIS H 190 -43.43 41.73 -60.45
C HIS H 190 -43.42 42.96 -61.32
N GLU H 191 -44.35 43.86 -61.05
CA GLU H 191 -44.44 45.08 -61.83
C GLU H 191 -43.15 45.90 -61.71
N ALA H 192 -42.62 46.01 -60.51
CA ALA H 192 -41.39 46.79 -60.30
C ALA H 192 -40.18 46.21 -61.03
N TRP H 193 -40.09 44.88 -61.08
CA TRP H 193 -38.97 44.21 -61.74
C TRP H 193 -39.11 44.00 -63.23
N LEU H 194 -40.21 43.38 -63.66
CA LEU H 194 -40.39 43.09 -65.07
C LEU H 194 -40.94 44.22 -65.95
N ILE H 195 -41.61 45.18 -65.34
CA ILE H 195 -42.20 46.29 -66.10
C ILE H 195 -41.50 47.64 -65.91
N HIS H 196 -41.62 48.22 -64.73
CA HIS H 196 -41.02 49.53 -64.47
C HIS H 196 -39.50 49.55 -64.26
N LYS H 197 -38.89 48.37 -64.10
CA LYS H 197 -37.45 48.29 -63.86
C LYS H 197 -37.02 49.21 -62.71
N THR H 198 -37.74 49.15 -61.59
CA THR H 198 -37.44 49.98 -60.44
C THR H 198 -36.86 49.18 -59.28
N THR H 199 -36.63 47.89 -59.50
CA THR H 199 -36.08 47.02 -58.48
C THR H 199 -34.57 46.93 -58.69
N LYS H 200 -33.81 47.34 -57.69
CA LYS H 200 -32.36 47.29 -57.79
C LYS H 200 -31.91 45.85 -58.01
N LEU H 201 -31.21 45.61 -59.12
CA LEU H 201 -30.73 44.28 -59.42
C LEU H 201 -29.25 44.18 -59.06
N HIS H 202 -28.76 42.96 -58.82
CA HIS H 202 -27.36 42.79 -58.45
C HIS H 202 -26.62 41.86 -59.40
N PHE H 203 -27.11 41.74 -60.62
CA PHE H 203 -26.47 40.88 -61.61
C PHE H 203 -26.48 41.59 -62.96
N GLU H 204 -25.29 41.83 -63.50
CA GLU H 204 -25.16 42.52 -64.78
C GLU H 204 -25.98 41.86 -65.87
N ALA H 205 -26.01 40.53 -65.88
CA ALA H 205 -26.78 39.79 -66.89
C ALA H 205 -28.27 40.14 -66.85
N LEU H 206 -28.85 39.96 -65.68
CA LEU H 206 -30.27 40.22 -65.43
C LEU H 206 -30.68 41.61 -65.91
N MET H 207 -29.71 42.52 -65.98
CA MET H 207 -29.98 43.89 -66.40
C MET H 207 -30.97 44.04 -67.54
N ASN H 208 -30.57 43.66 -68.75
CA ASN H 208 -31.45 43.80 -69.89
C ASN H 208 -31.85 42.50 -70.53
N ILE H 209 -32.84 41.84 -69.97
CA ILE H 209 -33.30 40.60 -70.56
C ILE H 209 -34.68 40.84 -71.11
N PRO H 210 -34.97 40.24 -72.27
CA PRO H 210 -36.27 40.40 -72.91
C PRO H 210 -37.36 39.93 -71.96
N VAL H 211 -38.52 40.57 -72.05
CA VAL H 211 -39.66 40.22 -71.24
C VAL H 211 -40.92 40.23 -72.09
N LEU H 212 -41.54 39.07 -72.24
CA LEU H 212 -42.76 38.98 -73.01
C LEU H 212 -43.90 39.18 -72.01
N VAL H 213 -44.69 40.24 -72.19
CA VAL H 213 -45.78 40.48 -71.27
C VAL H 213 -47.10 39.94 -71.83
N LEU H 214 -47.63 38.89 -71.20
CA LEU H 214 -48.88 38.31 -71.64
C LEU H 214 -49.98 38.73 -70.68
N ASP H 215 -51.00 39.41 -71.19
CA ASP H 215 -52.09 39.85 -70.34
C ASP H 215 -53.11 38.73 -70.19
N VAL H 216 -53.17 38.15 -69.01
CA VAL H 216 -54.10 37.06 -68.79
C VAL H 216 -55.17 37.37 -67.74
N ASN H 217 -55.75 38.57 -67.83
CA ASN H 217 -56.80 38.97 -66.91
C ASN H 217 -58.07 38.21 -67.28
N ASP H 218 -58.22 37.92 -68.56
CA ASP H 218 -59.38 37.20 -69.05
C ASP H 218 -59.06 35.73 -69.11
N ASP H 219 -59.84 34.92 -68.40
CA ASP H 219 -59.62 33.49 -68.33
C ASP H 219 -59.39 32.82 -69.68
N PHE H 220 -58.12 32.67 -70.04
CA PHE H 220 -57.72 32.04 -71.29
C PHE H 220 -57.82 30.54 -71.09
N SER H 221 -58.06 30.15 -69.85
CA SER H 221 -58.17 28.76 -69.49
C SER H 221 -59.09 27.97 -70.41
N GLU H 222 -60.12 28.64 -70.94
CA GLU H 222 -61.08 27.97 -71.81
C GLU H 222 -61.28 28.53 -73.22
N GLU H 223 -61.18 29.85 -73.39
CA GLU H 223 -61.37 30.48 -74.70
C GLU H 223 -60.29 30.14 -75.70
N VAL H 224 -60.55 29.14 -76.52
CA VAL H 224 -59.59 28.67 -77.53
C VAL H 224 -59.10 29.79 -78.45
N THR H 225 -59.78 30.92 -78.45
CA THR H 225 -59.38 32.04 -79.28
C THR H 225 -58.11 32.66 -78.71
N LYS H 226 -58.20 32.99 -77.43
CA LYS H 226 -57.09 33.63 -76.72
C LYS H 226 -55.88 32.70 -76.56
N GLN H 227 -56.12 31.39 -76.45
CA GLN H 227 -55.02 30.45 -76.31
C GLN H 227 -54.13 30.47 -77.55
N GLU H 228 -54.76 30.38 -78.72
CA GLU H 228 -54.05 30.40 -79.99
C GLU H 228 -53.38 31.75 -80.17
N ASP H 229 -53.98 32.75 -79.53
CA ASP H 229 -53.50 34.12 -79.59
C ASP H 229 -52.27 34.33 -78.68
N LEU H 230 -52.21 33.55 -77.60
CA LEU H 230 -51.09 33.63 -76.67
C LEU H 230 -49.89 32.90 -77.28
N MET H 231 -50.08 31.63 -77.63
CA MET H 231 -49.02 30.83 -78.22
C MET H 231 -48.38 31.54 -79.39
N ARG H 232 -49.17 32.36 -80.07
CA ARG H 232 -48.66 33.09 -81.21
C ARG H 232 -47.62 34.10 -80.72
N GLU H 233 -47.99 34.89 -79.71
CA GLU H 233 -47.07 35.89 -79.17
C GLU H 233 -45.82 35.21 -78.63
N VAL H 234 -46.02 34.06 -77.98
CA VAL H 234 -44.92 33.31 -77.42
C VAL H 234 -43.96 32.92 -78.55
N ASN H 235 -44.48 32.27 -79.58
CA ASN H 235 -43.66 31.83 -80.70
C ASN H 235 -42.87 32.98 -81.33
N THR H 236 -43.53 34.10 -81.54
CA THR H 236 -42.89 35.27 -82.13
C THR H 236 -41.75 35.74 -81.23
N PHE H 237 -42.00 35.76 -79.91
CA PHE H 237 -41.02 36.19 -78.94
C PHE H 237 -39.79 35.28 -78.88
N VAL H 238 -40.03 33.98 -78.73
CA VAL H 238 -38.97 32.98 -78.66
C VAL H 238 -38.08 32.96 -79.89
N LYS H 239 -38.69 33.01 -81.07
CA LYS H 239 -37.91 32.98 -82.31
C LYS H 239 -36.97 34.15 -82.52
N ASN H 240 -37.28 35.28 -81.92
CA ASN H 240 -36.43 36.45 -82.06
C ASN H 240 -35.47 36.61 -80.88
N LEU H 241 -34.98 35.47 -80.39
CA LEU H 241 -34.05 35.47 -79.27
C LEU H 241 -32.68 34.94 -79.69
#